data_9MDN
#
_entry.id   9MDN
#
_cell.length_a   1.00
_cell.length_b   1.00
_cell.length_c   1.00
_cell.angle_alpha   90.00
_cell.angle_beta   90.00
_cell.angle_gamma   90.00
#
_symmetry.space_group_name_H-M   'P 1'
#
loop_
_entity.id
_entity.type
_entity.pdbx_description
1 polymer 'Adp-ribosyltransferase binding component'
2 polymer 'Cdta (Adp-ribosyltransferase enzymatic component)'
3 non-polymer 'CALCIUM ION'
#
loop_
_entity_poly.entity_id
_entity_poly.type
_entity_poly.pdbx_seq_one_letter_code
_entity_poly.pdbx_strand_id
1 'polypeptide(L)'
;MKIQMRNKKVLSFLTLTAIVSQALVYPVYAQTSTSNHSNKKKEIVNEDILPNNGLMGYYFTDEHFKDLKLMAPIKDGNLK
FEEKKVDKLLDKDKSDVKSIRWTGRIIPSKDGEYTLSTDRDDVLMQVNTESTISNTLKVNMKKGKEYKVRIELQDKNLGS
IDNLSSPNLYWELDGMKKIIPEENLFLRDYSNIEKDDPFIPNNNFFDPKLMSDWEDEDLDTDNDNIPDSYERNGYTIKDL
IAVKWEDSFAEQGYKKYVSNYLESNTAGDPYTDYEKASGSFDKAIKTEARDPLVAAYPIVGVGMEKLIISTNEHASTDQG
KTVSRATTNSKTESNTAGVSVNVGYQNGFTANVTTNYSHTTDNSTAVQDSNGESWNTGLSINKGESAYINANVRYYNTGT
APMYKVTPTTNLVLDGDTLSTIKAQENQIGNNLSPGDTYPKKGLSPLALNTMDQFSSRLIPINYDQLKKLDAGKQIKLET
TQVSGNFGTKNSSGQIVTEGNSWSDYISQIDSISASIILDTENESYERRVTAKNLQDPEDKTPELTIGEAIEKAFGATKK
DGLLYFNDIPIDESCVELIFDDNTANKIKDSLKTLSDKKIYNVKLERGMNILIKTPTYFTNFDDYNNYPSTWSNVNTTNQ
DGLQGSANKLNGETKIKIPMSELKPYKRYVFSGYSKDPLTSNSIIVKIKAKEEKTDYLVPEQGYTKFSYEFETTEKDSSN
IEITLIGSGTTYLDNLSITELNSTPEILDEPEVKIPTDQEIMDAHKIYFADLNFNPSTGNTYINGMYFAPTQTNKEALDY
IQKYRVEATLQYSGFKDIGTKDKEMRNYLGDPNQPKTNYVNLRSYFTGGENIMTYKKLRIYAITPDDRELLVLSVD
;
A,B,C
2 'polypeptide(L)'
;YSEKVCNTTYKAPIERPEDFLKDKEKAKEWERKEAERIEQKLERSEKEALESYKKDSVEISKYSQTRNYFYDYQIEANSR
EKEYKELRNAISKNKIDKPMYVYYFESPEKFAFNKVIRTENQNEISLEKFNEFKETIQNKLFKQDGFKDISLYEPGKGDE
KPTPLLMHLKLPRNTGMLPYTNTNNVSTLIEQGYSIKIDKIVRIVIDGKHYIKAEASVVSSLDFKDDVSKGDSWGKANYN
DWSNKLTPNELADVNDYMRGGYTAINNYLISNGPVNNPNPELDSKITNIENALKREPIPTNLTVYRRSGPQEFGLTLTSP
EYDFNKLENIDAFKSKWEGQALSYPNFISTSIGSVNMSAFAKRKIVLRITIPKGSPGAYLSAIPGYAGEYEVLLNHGSKF
KINKIDSYKDGTITKLIVDATLIP
;
Z
#
loop_
_chem_comp.id
_chem_comp.type
_chem_comp.name
_chem_comp.formula
CA non-polymer 'CALCIUM ION' 'Ca 2'
#
# COMPACT_ATOMS: atom_id res chain seq x y z
N ASP A 218 17.94 -5.47 -32.30
CA ASP A 218 19.15 -4.68 -32.06
C ASP A 218 18.99 -3.80 -30.83
N LEU A 219 17.76 -3.37 -30.58
CA LEU A 219 17.44 -2.54 -29.42
C LEU A 219 17.02 -3.42 -28.25
N ASP A 220 17.65 -3.20 -27.09
CA ASP A 220 17.40 -3.98 -25.89
C ASP A 220 16.90 -3.06 -24.79
N THR A 221 15.88 -3.52 -24.07
CA THR A 221 15.29 -2.77 -22.96
C THR A 221 15.53 -3.42 -21.61
N ASP A 222 15.22 -4.70 -21.47
CA ASP A 222 15.34 -5.40 -20.19
C ASP A 222 16.82 -5.70 -19.91
N ASN A 223 17.12 -6.19 -18.72
CA ASN A 223 18.50 -6.51 -18.34
C ASN A 223 18.91 -7.91 -18.79
N ASP A 224 18.83 -8.13 -20.10
CA ASP A 224 19.09 -9.44 -20.67
C ASP A 224 19.76 -9.26 -22.03
N ASN A 225 20.40 -10.33 -22.51
CA ASN A 225 21.11 -10.27 -23.79
C ASN A 225 20.15 -10.14 -24.97
N ILE A 226 18.90 -10.57 -24.82
CA ILE A 226 17.96 -10.59 -25.95
C ILE A 226 17.50 -9.16 -26.27
N PRO A 227 17.65 -8.71 -27.51
CA PRO A 227 17.09 -7.40 -27.88
C PRO A 227 15.59 -7.48 -28.03
N ASP A 228 14.95 -6.30 -27.94
CA ASP A 228 13.49 -6.24 -28.02
C ASP A 228 12.98 -6.64 -29.40
N SER A 229 13.77 -6.38 -30.45
CA SER A 229 13.40 -6.89 -31.78
C SER A 229 13.47 -8.41 -31.83
N TYR A 230 14.30 -9.02 -30.99
CA TYR A 230 14.39 -10.47 -30.88
C TYR A 230 13.66 -11.01 -29.66
N GLU A 231 12.80 -10.21 -29.03
CA GLU A 231 11.89 -10.71 -28.00
C GLU A 231 10.49 -10.94 -28.54
N ARG A 232 10.23 -10.62 -29.81
CA ARG A 232 9.00 -10.98 -30.48
C ARG A 232 9.35 -11.59 -31.83
N ASN A 233 8.51 -12.51 -32.29
CA ASN A 233 8.48 -13.12 -33.62
C ASN A 233 9.79 -13.82 -34.01
N GLY A 234 10.72 -13.97 -33.08
CA GLY A 234 11.93 -14.75 -33.30
C GLY A 234 12.75 -14.79 -32.03
N TYR A 235 13.14 -15.98 -31.59
CA TYR A 235 13.81 -16.13 -30.30
C TYR A 235 14.63 -17.41 -30.35
N THR A 236 15.93 -17.30 -30.63
CA THR A 236 16.75 -18.50 -30.69
C THR A 236 17.77 -18.45 -29.56
N ILE A 237 17.54 -19.22 -28.50
CA ILE A 237 18.57 -19.52 -27.53
C ILE A 237 19.33 -20.74 -28.06
N LYS A 238 20.59 -20.53 -28.41
CA LYS A 238 21.44 -21.61 -28.89
C LYS A 238 22.87 -21.20 -28.58
N ASP A 239 23.65 -22.17 -28.05
CA ASP A 239 24.97 -21.98 -27.44
C ASP A 239 25.06 -20.69 -26.62
N LEU A 240 24.04 -20.44 -25.79
CA LEU A 240 23.94 -19.29 -24.90
C LEU A 240 24.00 -17.95 -25.64
N ILE A 241 23.45 -17.89 -26.86
CA ILE A 241 23.30 -16.64 -27.57
C ILE A 241 21.97 -16.70 -28.34
N ALA A 242 21.37 -15.53 -28.56
CA ALA A 242 20.08 -15.41 -29.20
C ALA A 242 20.26 -14.96 -30.66
N VAL A 243 19.66 -15.70 -31.58
CA VAL A 243 19.70 -15.37 -33.00
C VAL A 243 18.31 -15.64 -33.57
N LYS A 244 18.11 -15.27 -34.84
CA LYS A 244 16.78 -15.18 -35.43
C LYS A 244 16.38 -16.44 -36.18
N TRP A 245 15.15 -16.89 -35.96
CA TRP A 245 14.51 -17.96 -36.72
C TRP A 245 14.36 -17.61 -38.19
N GLU A 246 14.53 -18.63 -39.04
CA GLU A 246 14.17 -18.57 -40.45
C GLU A 246 13.36 -19.81 -40.86
N ASP A 247 12.89 -20.59 -39.87
CA ASP A 247 12.17 -21.85 -40.04
C ASP A 247 12.98 -22.84 -40.87
N SER A 248 14.16 -23.22 -40.38
CA SER A 248 15.00 -24.20 -41.04
C SER A 248 15.41 -25.31 -40.08
N PHE A 249 15.65 -24.95 -38.82
CA PHE A 249 16.07 -25.89 -37.80
C PHE A 249 14.96 -26.17 -36.80
N ALA A 250 13.71 -26.16 -37.28
CA ALA A 250 12.56 -26.46 -36.42
C ALA A 250 12.56 -27.89 -35.94
N GLU A 251 13.11 -28.83 -36.73
CA GLU A 251 13.24 -30.21 -36.31
C GLU A 251 14.54 -30.50 -35.58
N GLN A 252 15.38 -29.49 -35.35
CA GLN A 252 16.69 -29.69 -34.75
C GLN A 252 16.65 -29.43 -33.24
N GLY A 253 15.45 -29.15 -32.70
CA GLY A 253 15.22 -29.21 -31.27
C GLY A 253 15.17 -27.90 -30.53
N TYR A 254 14.34 -26.96 -30.97
CA TYR A 254 14.08 -25.73 -30.23
C TYR A 254 12.61 -25.33 -30.40
N LYS A 255 11.88 -25.31 -29.28
CA LYS A 255 10.47 -24.98 -29.27
C LYS A 255 10.30 -23.46 -29.21
N LYS A 256 9.04 -23.03 -29.25
CA LYS A 256 8.72 -21.62 -29.39
C LYS A 256 8.84 -20.88 -28.07
N TYR A 257 9.69 -19.86 -28.04
CA TYR A 257 9.80 -18.94 -26.93
C TYR A 257 9.32 -17.56 -27.35
N VAL A 258 8.41 -16.98 -26.58
CA VAL A 258 8.01 -15.59 -26.76
C VAL A 258 7.91 -14.95 -25.38
N SER A 259 8.53 -13.79 -25.22
CA SER A 259 8.71 -13.19 -23.90
C SER A 259 8.40 -11.71 -23.95
N ASN A 260 8.12 -11.14 -22.78
CA ASN A 260 7.89 -9.71 -22.67
C ASN A 260 9.16 -8.92 -22.96
N TYR A 261 9.01 -7.89 -23.79
CA TYR A 261 10.10 -6.95 -24.03
C TYR A 261 9.93 -5.68 -23.20
N LEU A 262 8.86 -5.58 -22.42
CA LEU A 262 8.76 -4.58 -21.36
C LEU A 262 9.11 -5.12 -19.98
N GLU A 263 8.93 -6.43 -19.76
CA GLU A 263 9.23 -7.05 -18.48
C GLU A 263 10.38 -8.04 -18.66
N SER A 264 11.43 -7.83 -17.85
CA SER A 264 12.52 -8.81 -17.80
C SER A 264 12.02 -10.13 -17.25
N ASN A 265 11.21 -10.09 -16.19
CA ASN A 265 10.49 -11.25 -15.71
C ASN A 265 9.19 -11.34 -16.49
N THR A 266 9.19 -12.18 -17.53
CA THR A 266 8.01 -12.33 -18.37
C THR A 266 6.84 -12.91 -17.57
N ALA A 267 7.13 -13.89 -16.72
CA ALA A 267 6.14 -14.49 -15.85
C ALA A 267 6.37 -14.02 -14.42
N GLY A 268 5.59 -14.58 -13.49
CA GLY A 268 5.74 -14.29 -12.09
C GLY A 268 6.79 -15.10 -11.37
N ASP A 269 7.56 -15.91 -12.11
CA ASP A 269 8.62 -16.69 -11.53
C ASP A 269 9.76 -15.79 -11.07
N PRO A 270 10.60 -16.25 -10.14
CA PRO A 270 11.70 -15.41 -9.66
C PRO A 270 12.91 -15.37 -10.58
N TYR A 271 12.68 -15.40 -11.90
CA TYR A 271 13.73 -15.49 -12.91
C TYR A 271 13.45 -14.46 -13.99
N THR A 272 14.52 -14.02 -14.66
CA THR A 272 14.35 -13.26 -15.88
C THR A 272 14.02 -14.19 -17.03
N ASP A 273 13.59 -13.61 -18.16
CA ASP A 273 13.23 -14.43 -19.31
C ASP A 273 14.45 -15.07 -19.95
N TYR A 274 15.62 -14.48 -19.80
CA TYR A 274 16.84 -15.06 -20.37
C TYR A 274 17.25 -16.33 -19.64
N GLU A 275 17.26 -16.29 -18.30
CA GLU A 275 17.78 -17.42 -17.53
C GLU A 275 16.91 -18.66 -17.67
N LYS A 276 15.60 -18.50 -17.66
CA LYS A 276 14.68 -19.64 -17.78
C LYS A 276 14.62 -20.21 -19.18
N ALA A 277 14.98 -19.44 -20.22
CA ALA A 277 14.96 -19.91 -21.58
C ALA A 277 16.33 -20.40 -22.05
N SER A 278 17.33 -20.37 -21.17
CA SER A 278 18.67 -20.79 -21.55
C SER A 278 19.24 -21.91 -20.69
N GLY A 279 18.48 -22.42 -19.72
CA GLY A 279 18.94 -23.52 -18.89
C GLY A 279 19.82 -23.12 -17.73
N SER A 280 20.04 -21.82 -17.51
CA SER A 280 20.92 -21.36 -16.43
C SER A 280 20.12 -21.20 -15.14
N PHE A 281 19.65 -22.33 -14.63
CA PHE A 281 18.92 -22.38 -13.37
C PHE A 281 19.07 -23.77 -12.77
N ASP A 282 18.25 -24.07 -11.76
CA ASP A 282 18.38 -25.31 -11.01
C ASP A 282 18.04 -26.53 -11.85
N LYS A 283 18.71 -27.65 -11.56
CA LYS A 283 18.51 -28.86 -12.34
C LYS A 283 17.19 -29.55 -11.99
N ALA A 284 16.70 -29.34 -10.77
CA ALA A 284 15.48 -30.04 -10.33
C ALA A 284 14.21 -29.47 -10.95
N ILE A 285 14.28 -28.30 -11.59
CA ILE A 285 13.12 -27.73 -12.25
C ILE A 285 12.81 -28.52 -13.50
N LYS A 286 11.53 -28.84 -13.70
CA LYS A 286 11.10 -29.51 -14.91
C LYS A 286 11.34 -28.63 -16.13
N THR A 287 11.80 -29.25 -17.21
CA THR A 287 12.22 -28.52 -18.40
C THR A 287 11.06 -27.92 -19.19
N GLU A 288 9.82 -28.24 -18.83
CA GLU A 288 8.66 -27.61 -19.45
C GLU A 288 8.60 -26.11 -19.18
N ALA A 289 9.20 -25.65 -18.09
CA ALA A 289 9.29 -24.23 -17.78
C ALA A 289 10.45 -23.53 -18.50
N ARG A 290 10.98 -24.15 -19.56
CA ARG A 290 11.95 -23.46 -20.40
C ARG A 290 11.29 -22.33 -21.18
N ASP A 291 10.03 -22.51 -21.58
CA ASP A 291 9.31 -21.46 -22.27
C ASP A 291 9.03 -20.30 -21.31
N PRO A 292 9.23 -19.05 -21.75
CA PRO A 292 9.06 -17.91 -20.84
C PRO A 292 7.61 -17.58 -20.50
N LEU A 293 6.64 -18.22 -21.12
CA LEU A 293 5.23 -17.97 -20.82
C LEU A 293 4.68 -18.87 -19.72
N VAL A 294 5.43 -19.85 -19.27
CA VAL A 294 4.98 -20.78 -18.23
C VAL A 294 5.82 -20.56 -16.99
N ALA A 295 5.17 -20.26 -15.88
CA ALA A 295 5.84 -20.00 -14.61
C ALA A 295 5.92 -21.27 -13.78
N ALA A 296 7.07 -21.45 -13.14
CA ALA A 296 7.31 -22.59 -12.27
C ALA A 296 6.49 -22.38 -11.00
N TYR A 297 5.31 -22.99 -10.95
CA TYR A 297 4.36 -22.73 -9.88
C TYR A 297 4.25 -23.94 -8.97
N PRO A 298 4.40 -23.79 -7.67
CA PRO A 298 4.43 -24.96 -6.77
C PRO A 298 3.04 -25.43 -6.38
N ILE A 299 2.87 -26.76 -6.41
CA ILE A 299 1.67 -27.41 -5.90
C ILE A 299 2.11 -28.57 -5.02
N VAL A 300 1.63 -28.61 -3.79
CA VAL A 300 1.95 -29.67 -2.83
C VAL A 300 0.64 -30.32 -2.42
N GLY A 301 0.58 -31.65 -2.56
CA GLY A 301 -0.63 -32.40 -2.27
C GLY A 301 -0.36 -33.54 -1.30
N VAL A 302 -1.40 -33.96 -0.59
CA VAL A 302 -1.32 -35.04 0.38
C VAL A 302 -2.22 -36.17 -0.07
N GLY A 303 -1.66 -37.37 -0.11
CA GLY A 303 -2.38 -38.56 -0.53
C GLY A 303 -2.67 -39.47 0.65
N MET A 304 -3.85 -40.09 0.62
CA MET A 304 -4.35 -40.97 1.67
C MET A 304 -4.24 -42.41 1.20
N GLU A 305 -3.68 -43.28 2.04
CA GLU A 305 -3.54 -44.69 1.69
C GLU A 305 -4.31 -45.61 2.64
N LYS A 306 -4.16 -45.45 3.95
CA LYS A 306 -4.79 -46.35 4.91
C LYS A 306 -5.33 -45.57 6.10
N LEU A 307 -6.34 -46.15 6.75
CA LEU A 307 -6.95 -45.59 7.94
C LEU A 307 -7.00 -46.65 9.02
N ILE A 308 -6.76 -46.27 10.27
CA ILE A 308 -6.92 -47.18 11.40
C ILE A 308 -7.70 -46.46 12.49
N ILE A 309 -8.65 -47.17 13.08
CA ILE A 309 -9.42 -46.69 14.21
C ILE A 309 -8.97 -47.44 15.45
N SER A 310 -8.49 -46.71 16.44
CA SER A 310 -7.96 -47.29 17.68
C SER A 310 -8.52 -46.53 18.86
N THR A 311 -8.99 -47.26 19.86
CA THR A 311 -9.68 -46.66 21.00
C THR A 311 -8.72 -46.11 22.05
N ASN A 312 -7.41 -46.28 21.89
CA ASN A 312 -6.43 -45.78 22.83
C ASN A 312 -5.95 -44.40 22.41
N GLU A 313 -5.13 -43.78 23.26
CA GLU A 313 -4.53 -42.49 22.98
C GLU A 313 -3.03 -42.54 22.78
N HIS A 314 -2.34 -43.43 23.49
CA HIS A 314 -0.89 -43.53 23.35
C HIS A 314 -0.52 -44.19 22.02
N ALA A 315 -1.25 -45.24 21.63
CA ALA A 315 -0.96 -45.94 20.39
C ALA A 315 -2.16 -45.90 19.45
N GLN A 319 -3.46 -51.89 25.73
CA GLN A 319 -4.16 -52.58 24.67
C GLN A 319 -5.40 -51.82 24.23
N GLY A 320 -6.14 -52.38 23.29
CA GLY A 320 -7.33 -51.73 22.78
C GLY A 320 -7.83 -52.42 21.53
N LYS A 321 -8.86 -51.81 20.94
CA LYS A 321 -9.49 -52.34 19.73
C LYS A 321 -9.09 -51.46 18.55
N THR A 322 -8.60 -52.09 17.49
CA THR A 322 -8.09 -51.39 16.32
C THR A 322 -8.56 -52.08 15.06
N VAL A 323 -9.11 -51.30 14.12
CA VAL A 323 -9.42 -51.80 12.79
C VAL A 323 -8.67 -50.99 11.74
N SER A 324 -8.42 -51.63 10.60
CA SER A 324 -7.69 -51.04 9.49
C SER A 324 -8.51 -51.14 8.23
N ARG A 325 -8.56 -50.05 7.47
CA ARG A 325 -9.23 -50.00 6.18
C ARG A 325 -8.31 -49.39 5.14
N ALA A 326 -8.43 -49.89 3.92
CA ALA A 326 -7.66 -49.39 2.79
C ALA A 326 -8.46 -48.32 2.05
N THR A 327 -7.76 -47.27 1.63
CA THR A 327 -8.43 -46.11 1.05
C THR A 327 -7.68 -45.63 -0.18
N THR A 328 -8.40 -45.47 -1.28
CA THR A 328 -7.86 -44.86 -2.48
C THR A 328 -8.09 -43.34 -2.45
N ASN A 329 -7.22 -42.63 -3.15
CA ASN A 329 -7.25 -41.18 -3.21
C ASN A 329 -7.63 -40.71 -4.61
N SER A 330 -8.39 -39.63 -4.67
CA SER A 330 -8.85 -39.06 -5.93
C SER A 330 -8.53 -37.57 -5.91
N LYS A 331 -7.70 -37.13 -6.86
CA LYS A 331 -7.25 -35.74 -6.88
C LYS A 331 -8.27 -34.82 -7.55
N THR A 332 -8.57 -35.06 -8.82
CA THR A 332 -9.57 -34.28 -9.54
C THR A 332 -10.95 -34.90 -9.33
N GLU A 333 -11.41 -34.83 -8.09
CA GLU A 333 -12.71 -35.34 -7.69
C GLU A 333 -13.75 -34.24 -7.52
N SER A 334 -13.44 -33.23 -6.69
CA SER A 334 -14.39 -32.17 -6.43
C SER A 334 -14.50 -31.18 -7.59
N ASN A 335 -13.52 -31.17 -8.50
CA ASN A 335 -13.61 -30.27 -9.64
C ASN A 335 -14.66 -30.73 -10.65
N THR A 336 -14.68 -32.02 -10.96
CA THR A 336 -15.61 -32.57 -11.94
C THR A 336 -16.86 -33.15 -11.31
N ALA A 337 -16.99 -33.06 -9.98
CA ALA A 337 -18.21 -33.54 -9.33
C ALA A 337 -19.40 -32.64 -9.58
N GLY A 338 -19.16 -31.36 -9.88
CA GLY A 338 -20.25 -30.44 -10.15
C GLY A 338 -20.55 -30.31 -11.62
N VAL A 339 -20.09 -31.27 -12.42
CA VAL A 339 -20.30 -31.27 -13.86
C VAL A 339 -21.67 -31.86 -14.13
N SER A 340 -22.57 -31.04 -14.66
CA SER A 340 -23.91 -31.48 -15.02
C SER A 340 -23.91 -31.82 -16.51
N VAL A 341 -24.24 -33.07 -16.82
CA VAL A 341 -24.14 -33.61 -18.17
C VAL A 341 -25.52 -33.63 -18.79
N ASN A 342 -25.69 -32.83 -19.85
CA ASN A 342 -26.91 -32.86 -20.65
C ASN A 342 -26.74 -33.86 -21.80
N VAL A 343 -27.86 -34.26 -22.38
CA VAL A 343 -27.81 -35.20 -23.50
C VAL A 343 -27.53 -34.53 -24.83
N GLY A 344 -27.76 -33.23 -24.94
CA GLY A 344 -27.47 -32.49 -26.16
C GLY A 344 -26.56 -31.31 -25.93
N TYR A 345 -25.61 -31.10 -26.84
CA TYR A 345 -24.63 -30.04 -26.69
C TYR A 345 -24.98 -28.86 -27.59
N GLN A 346 -24.95 -27.66 -27.02
CA GLN A 346 -25.41 -26.46 -27.70
C GLN A 346 -24.23 -25.79 -28.41
N ASN A 347 -24.47 -25.38 -29.65
CA ASN A 347 -23.56 -24.59 -30.50
C ASN A 347 -22.26 -25.37 -30.66
N GLY A 348 -21.10 -24.71 -30.66
CA GLY A 348 -19.82 -25.37 -30.71
C GLY A 348 -19.21 -25.66 -29.36
N PHE A 349 -19.93 -25.36 -28.27
CA PHE A 349 -19.41 -25.61 -26.92
C PHE A 349 -19.55 -27.09 -26.63
N THR A 350 -18.44 -27.82 -26.75
CA THR A 350 -18.41 -29.26 -26.49
C THR A 350 -17.92 -29.55 -25.07
N ALA A 351 -18.24 -28.67 -24.14
CA ALA A 351 -17.83 -28.79 -22.75
C ALA A 351 -19.04 -28.51 -21.86
N ASN A 352 -18.97 -29.00 -20.64
CA ASN A 352 -20.00 -28.77 -19.63
C ASN A 352 -19.54 -27.72 -18.64
N VAL A 353 -20.45 -27.34 -17.74
CA VAL A 353 -20.17 -26.34 -16.72
C VAL A 353 -20.15 -27.03 -15.37
N THR A 354 -18.99 -27.02 -14.72
CA THR A 354 -18.91 -27.45 -13.35
C THR A 354 -19.47 -26.36 -12.43
N THR A 355 -20.08 -26.78 -11.33
CA THR A 355 -20.58 -25.83 -10.34
C THR A 355 -19.44 -25.17 -9.58
N ASN A 356 -18.51 -25.98 -9.08
CA ASN A 356 -17.35 -25.50 -8.36
C ASN A 356 -16.07 -25.90 -9.08
N TYR A 357 -15.04 -25.10 -8.88
CA TYR A 357 -13.71 -25.40 -9.40
C TYR A 357 -12.73 -25.55 -8.25
N SER A 358 -11.94 -26.62 -8.32
CA SER A 358 -10.94 -26.89 -7.29
C SER A 358 -9.73 -27.53 -7.94
N HIS A 359 -8.56 -27.13 -7.48
CA HIS A 359 -7.31 -27.62 -8.02
C HIS A 359 -6.94 -28.94 -7.35
N THR A 360 -5.70 -29.41 -7.57
CA THR A 360 -5.24 -30.64 -6.96
C THR A 360 -4.70 -30.46 -5.55
N THR A 361 -5.01 -29.32 -4.91
CA THR A 361 -4.59 -29.13 -3.52
C THR A 361 -5.32 -30.07 -2.58
N ASP A 362 -6.63 -30.25 -2.77
CA ASP A 362 -7.43 -31.13 -1.93
C ASP A 362 -7.49 -32.54 -2.54
N ASN A 363 -7.72 -33.52 -1.67
CA ASN A 363 -7.74 -34.92 -2.06
C ASN A 363 -8.97 -35.59 -1.47
N SER A 364 -9.55 -36.53 -2.20
CA SER A 364 -10.75 -37.22 -1.78
C SER A 364 -10.43 -38.68 -1.46
N THR A 365 -11.21 -39.23 -0.53
CA THR A 365 -10.98 -40.57 0.01
C THR A 365 -12.12 -41.49 -0.41
N ALA A 366 -11.77 -42.70 -0.86
CA ALA A 366 -12.76 -43.70 -1.24
C ALA A 366 -12.37 -45.05 -0.62
N VAL A 367 -13.33 -45.69 0.05
CA VAL A 367 -13.07 -46.97 0.70
C VAL A 367 -13.37 -48.09 -0.29
N GLN A 368 -12.39 -48.97 -0.52
CA GLN A 368 -12.54 -50.07 -1.46
C GLN A 368 -13.08 -51.33 -0.79
N ASP A 369 -12.54 -51.68 0.38
CA ASP A 369 -12.95 -52.88 1.11
C ASP A 369 -14.11 -52.57 2.06
N SER A 370 -15.17 -52.04 1.47
CA SER A 370 -16.36 -51.64 2.23
C SER A 370 -17.37 -52.79 2.19
N ASN A 371 -17.05 -53.85 2.93
CA ASN A 371 -18.02 -54.92 3.15
C ASN A 371 -19.13 -54.42 4.06
N GLY A 372 -20.29 -55.08 3.97
CA GLY A 372 -21.43 -54.65 4.76
C GLY A 372 -21.19 -54.84 6.24
N GLU A 373 -20.89 -53.74 6.92
CA GLU A 373 -20.50 -53.74 8.32
C GLU A 373 -20.49 -52.31 8.86
N SER A 374 -21.22 -52.06 9.94
CA SER A 374 -21.16 -50.76 10.57
C SER A 374 -19.81 -50.57 11.25
N TRP A 375 -19.30 -49.34 11.21
CA TRP A 375 -18.06 -49.05 11.91
C TRP A 375 -18.24 -49.02 13.41
N ASN A 376 -19.47 -48.77 13.88
CA ASN A 376 -19.74 -48.72 15.32
C ASN A 376 -19.99 -50.11 15.89
N THR A 377 -20.58 -51.01 15.10
CA THR A 377 -20.99 -52.32 15.62
C THR A 377 -19.81 -53.21 15.98
N GLY A 378 -18.60 -52.91 15.50
CA GLY A 378 -17.41 -53.54 15.98
C GLY A 378 -16.66 -52.72 16.99
N LEU A 379 -16.72 -51.39 16.89
CA LEU A 379 -16.04 -50.49 17.81
C LEU A 379 -16.71 -50.37 19.16
N SER A 380 -18.01 -50.69 19.27
CA SER A 380 -18.74 -50.84 20.53
C SER A 380 -18.73 -49.55 21.36
N ILE A 381 -19.22 -48.48 20.75
CA ILE A 381 -19.40 -47.20 21.44
C ILE A 381 -20.84 -47.09 21.88
N ASN A 382 -21.06 -46.85 23.18
CA ASN A 382 -22.43 -46.86 23.67
C ASN A 382 -23.05 -45.47 23.71
N LYS A 383 -22.50 -44.55 24.50
CA LYS A 383 -23.15 -43.25 24.68
C LYS A 383 -22.27 -42.08 24.26
N GLY A 384 -21.11 -41.87 24.88
CA GLY A 384 -20.43 -40.61 24.69
C GLY A 384 -18.97 -40.64 24.26
N GLU A 385 -18.24 -41.69 24.60
CA GLU A 385 -16.81 -41.74 24.39
C GLU A 385 -16.48 -42.51 23.12
N SER A 386 -16.03 -41.79 22.09
CA SER A 386 -15.70 -42.39 20.81
C SER A 386 -14.19 -42.57 20.70
N ALA A 387 -13.80 -43.41 19.74
CA ALA A 387 -12.42 -43.84 19.60
C ALA A 387 -11.58 -42.74 18.93
N TYR A 388 -10.32 -43.07 18.65
CA TYR A 388 -9.36 -42.18 18.02
C TYR A 388 -9.00 -42.69 16.63
N ILE A 389 -8.50 -41.78 15.80
CA ILE A 389 -8.27 -42.01 14.39
C ILE A 389 -6.79 -41.77 14.09
N ASN A 390 -6.14 -42.75 13.45
CA ASN A 390 -4.79 -42.60 12.94
C ASN A 390 -4.78 -42.97 11.47
N ALA A 391 -3.78 -42.48 10.75
CA ALA A 391 -3.70 -42.70 9.31
C ALA A 391 -2.26 -42.56 8.86
N ASN A 392 -2.02 -42.89 7.59
CA ASN A 392 -0.73 -42.69 6.94
C ASN A 392 -0.93 -41.75 5.77
N VAL A 393 0.03 -40.83 5.59
CA VAL A 393 -0.08 -39.80 4.55
C VAL A 393 1.16 -39.84 3.68
N ARG A 394 1.00 -39.39 2.44
CA ARG A 394 2.10 -39.20 1.52
C ARG A 394 2.06 -37.78 0.98
N TYR A 395 3.23 -37.24 0.64
CA TYR A 395 3.36 -35.84 0.25
C TYR A 395 3.94 -35.76 -1.16
N TYR A 396 3.10 -35.48 -2.15
CA TYR A 396 3.49 -35.43 -3.54
C TYR A 396 3.48 -34.00 -4.06
N ASN A 397 4.08 -33.82 -5.24
CA ASN A 397 4.11 -32.54 -5.92
C ASN A 397 3.60 -32.74 -7.34
N THR A 398 2.56 -31.99 -7.73
CA THR A 398 2.05 -32.00 -9.09
C THR A 398 2.29 -30.61 -9.67
N GLY A 399 3.49 -30.40 -10.19
CA GLY A 399 3.90 -29.10 -10.68
C GLY A 399 5.40 -29.07 -10.84
N THR A 400 5.87 -27.99 -11.45
CA THR A 400 7.29 -27.84 -11.77
C THR A 400 8.04 -27.03 -10.72
N ALA A 401 8.03 -27.50 -9.48
CA ALA A 401 8.76 -26.78 -8.42
C ALA A 401 9.21 -27.71 -7.31
N PRO A 402 10.50 -27.72 -6.96
CA PRO A 402 10.97 -28.52 -5.84
C PRO A 402 10.93 -27.74 -4.52
N MET A 403 10.44 -28.42 -3.49
CA MET A 403 10.33 -27.83 -2.16
C MET A 403 11.44 -28.38 -1.28
N TYR A 404 12.12 -27.48 -0.57
CA TYR A 404 13.24 -27.85 0.28
C TYR A 404 12.92 -27.75 1.76
N LYS A 405 12.48 -26.58 2.23
CA LYS A 405 12.00 -26.42 3.60
C LYS A 405 10.49 -26.64 3.62
N VAL A 406 10.11 -27.91 3.61
CA VAL A 406 8.71 -28.31 3.50
C VAL A 406 8.08 -28.21 4.89
N THR A 407 7.33 -27.13 5.13
CA THR A 407 6.58 -26.93 6.37
C THR A 407 5.14 -26.56 6.04
N PRO A 408 4.32 -27.53 5.67
CA PRO A 408 2.91 -27.25 5.37
C PRO A 408 2.01 -27.46 6.57
N THR A 409 0.75 -27.07 6.38
CA THR A 409 -0.32 -27.39 7.33
C THR A 409 -1.53 -27.87 6.55
N THR A 410 -2.30 -28.77 7.16
CA THR A 410 -3.50 -29.30 6.53
C THR A 410 -4.62 -29.47 7.55
N ASN A 411 -5.85 -29.40 7.06
CA ASN A 411 -7.04 -29.60 7.87
C ASN A 411 -7.69 -30.94 7.52
N LEU A 412 -8.05 -31.70 8.56
CA LEU A 412 -8.77 -32.96 8.40
C LEU A 412 -10.23 -32.66 8.73
N VAL A 413 -11.05 -32.53 7.69
CA VAL A 413 -12.43 -32.09 7.83
C VAL A 413 -13.35 -33.22 7.40
N LEU A 414 -14.32 -33.56 8.24
CA LEU A 414 -15.39 -34.47 7.87
C LEU A 414 -16.64 -33.62 7.70
N ASP A 415 -17.23 -33.69 6.51
CA ASP A 415 -18.45 -33.02 6.02
C ASP A 415 -18.68 -31.63 6.59
N GLY A 416 -17.65 -30.80 6.59
CA GLY A 416 -17.75 -29.46 7.12
C GLY A 416 -17.11 -29.31 8.49
N ASP A 417 -17.21 -30.35 9.31
CA ASP A 417 -16.67 -30.33 10.67
C ASP A 417 -15.18 -30.62 10.63
N THR A 418 -14.37 -29.65 11.04
CA THR A 418 -12.93 -29.86 11.14
C THR A 418 -12.61 -30.72 12.35
N LEU A 419 -11.85 -31.79 12.13
CA LEU A 419 -11.44 -32.67 13.22
C LEU A 419 -10.12 -32.22 13.83
N SER A 420 -9.10 -31.99 13.01
CA SER A 420 -7.80 -31.58 13.52
C SER A 420 -6.99 -30.89 12.44
N THR A 421 -5.84 -30.36 12.84
CA THR A 421 -4.85 -29.78 11.94
C THR A 421 -3.55 -30.57 12.08
N ILE A 422 -2.88 -30.77 10.96
CA ILE A 422 -1.65 -31.57 10.92
C ILE A 422 -0.55 -30.74 10.27
N LYS A 423 0.58 -30.63 10.97
CA LYS A 423 1.81 -30.05 10.44
C LYS A 423 2.90 -31.11 10.55
N ALA A 424 3.67 -31.28 9.49
CA ALA A 424 4.70 -32.32 9.43
C ALA A 424 6.07 -31.82 9.88
N GLN A 425 6.19 -30.56 10.29
CA GLN A 425 7.43 -29.90 10.72
C GLN A 425 8.45 -29.98 9.57
N GLU A 426 9.74 -30.07 9.91
CA GLU A 426 10.80 -30.05 8.92
C GLU A 426 11.64 -31.32 8.92
N ASN A 427 11.99 -31.84 10.10
CA ASN A 427 12.90 -32.98 10.17
C ASN A 427 12.23 -34.28 9.76
N GLN A 428 10.91 -34.39 9.87
CA GLN A 428 10.21 -35.62 9.51
C GLN A 428 10.16 -35.85 8.01
N ILE A 429 10.37 -34.82 7.19
CA ILE A 429 10.27 -34.95 5.75
C ILE A 429 11.63 -34.83 5.05
N GLY A 430 12.47 -33.89 5.47
CA GLY A 430 13.78 -33.73 4.88
C GLY A 430 13.92 -32.42 4.13
N ASN A 431 15.14 -32.20 3.65
CA ASN A 431 15.52 -30.94 3.02
C ASN A 431 15.20 -30.87 1.53
N ASN A 432 14.38 -31.79 1.02
CA ASN A 432 14.02 -31.76 -0.39
C ASN A 432 12.72 -32.52 -0.62
N LEU A 433 11.90 -31.97 -1.51
CA LEU A 433 10.76 -32.69 -2.08
C LEU A 433 10.71 -32.31 -3.56
N SER A 434 11.09 -33.24 -4.42
CA SER A 434 11.22 -32.99 -5.84
C SER A 434 9.84 -32.87 -6.50
N PRO A 435 9.76 -32.29 -7.69
CA PRO A 435 8.52 -32.40 -8.47
C PRO A 435 8.23 -33.83 -8.88
N GLY A 436 6.95 -34.19 -8.83
CA GLY A 436 6.49 -35.45 -9.38
C GLY A 436 6.79 -36.69 -8.56
N ASP A 437 7.21 -36.54 -7.30
CA ASP A 437 7.50 -37.69 -6.46
C ASP A 437 7.00 -37.45 -5.04
N THR A 438 6.96 -38.52 -4.26
CA THR A 438 6.54 -38.47 -2.87
C THR A 438 7.74 -38.74 -1.95
N TYR A 439 7.58 -38.42 -0.67
CA TYR A 439 8.56 -38.78 0.34
C TYR A 439 8.70 -40.31 0.46
N PRO A 440 7.59 -41.11 0.46
CA PRO A 440 7.80 -42.54 0.19
C PRO A 440 8.14 -42.78 -1.26
N LYS A 441 9.38 -43.20 -1.54
CA LYS A 441 9.87 -43.32 -2.91
C LYS A 441 9.15 -44.48 -3.60
N LYS A 442 8.14 -44.13 -4.39
CA LYS A 442 7.28 -45.07 -5.14
C LYS A 442 6.62 -46.00 -4.13
N GLY A 443 6.82 -47.31 -4.20
CA GLY A 443 6.22 -48.21 -3.24
C GLY A 443 7.14 -48.54 -2.07
N LEU A 444 6.92 -47.86 -0.95
CA LEU A 444 7.69 -48.09 0.27
C LEU A 444 6.73 -48.01 1.45
N SER A 445 7.31 -47.97 2.65
CA SER A 445 6.51 -47.87 3.86
C SER A 445 5.97 -46.45 4.02
N PRO A 446 4.67 -46.25 4.15
CA PRO A 446 4.13 -44.90 4.29
C PRO A 446 4.45 -44.31 5.65
N LEU A 447 4.53 -42.98 5.69
CA LEU A 447 4.74 -42.26 6.94
C LEU A 447 3.39 -42.07 7.63
N ALA A 448 3.30 -42.51 8.87
CA ALA A 448 2.06 -42.44 9.62
C ALA A 448 1.98 -41.14 10.41
N LEU A 449 0.85 -40.95 11.09
CA LEU A 449 0.66 -39.83 12.01
C LEU A 449 1.17 -40.16 13.41
N ASN A 450 2.40 -40.64 13.49
CA ASN A 450 3.03 -41.04 14.74
C ASN A 450 4.38 -40.37 14.98
N THR A 451 5.16 -40.15 13.93
CA THR A 451 6.47 -39.52 14.07
C THR A 451 6.51 -38.21 13.29
N SER A 457 -0.55 -33.59 16.55
CA SER A 457 0.67 -34.13 15.95
C SER A 457 0.93 -35.55 16.42
N ARG A 458 0.11 -36.01 17.38
CA ARG A 458 0.27 -37.35 17.94
C ARG A 458 -0.89 -38.27 17.58
N LEU A 459 -2.13 -37.89 17.87
CA LEU A 459 -3.28 -38.71 17.54
C LEU A 459 -4.51 -37.82 17.43
N ILE A 460 -5.44 -38.26 16.61
CA ILE A 460 -6.62 -37.47 16.23
C ILE A 460 -7.84 -38.07 16.91
N PRO A 461 -8.52 -37.35 17.81
CA PRO A 461 -9.77 -37.86 18.39
C PRO A 461 -10.95 -37.69 17.47
N ILE A 462 -12.08 -38.32 17.84
CA ILE A 462 -13.36 -38.08 17.19
C ILE A 462 -14.44 -38.27 18.24
N ASN A 463 -15.59 -37.63 18.02
CA ASN A 463 -16.71 -37.67 18.93
C ASN A 463 -17.79 -38.61 18.40
N TYR A 464 -18.87 -38.74 19.16
CA TYR A 464 -19.99 -39.60 18.78
C TYR A 464 -21.05 -38.84 17.99
N ASP A 465 -20.58 -38.09 16.99
CA ASP A 465 -21.46 -37.42 16.04
C ASP A 465 -21.03 -37.57 14.60
N GLN A 466 -19.76 -37.87 14.31
CA GLN A 466 -19.24 -37.97 12.96
C GLN A 466 -18.97 -39.39 12.51
N LEU A 467 -19.03 -40.36 13.41
CA LEU A 467 -18.79 -41.76 13.02
C LEU A 467 -19.89 -42.27 12.09
N LYS A 468 -21.15 -41.93 12.38
CA LYS A 468 -22.23 -42.24 11.46
C LYS A 468 -22.11 -41.48 10.14
N LYS A 469 -21.58 -40.25 10.19
CA LYS A 469 -21.36 -39.50 8.95
C LYS A 469 -20.31 -40.18 8.09
N LEU A 470 -19.22 -40.65 8.70
CA LEU A 470 -18.20 -41.39 7.96
C LEU A 470 -18.75 -42.72 7.45
N ASP A 471 -19.59 -43.37 8.25
CA ASP A 471 -20.10 -44.69 7.89
C ASP A 471 -21.09 -44.61 6.74
N ALA A 472 -22.06 -43.71 6.82
CA ALA A 472 -23.20 -43.75 5.91
C ALA A 472 -22.89 -43.07 4.57
N GLY A 473 -22.72 -41.75 4.58
CA GLY A 473 -22.66 -41.03 3.32
C GLY A 473 -21.45 -40.17 3.05
N LYS A 474 -20.76 -39.72 4.11
CA LYS A 474 -19.72 -38.73 3.96
C LYS A 474 -18.34 -39.36 3.97
N GLN A 475 -17.36 -38.61 3.47
CA GLN A 475 -15.97 -39.06 3.40
C GLN A 475 -15.05 -38.02 4.02
N ILE A 476 -13.89 -38.48 4.49
CA ILE A 476 -12.90 -37.60 5.11
C ILE A 476 -12.20 -36.80 4.03
N LYS A 477 -12.22 -35.48 4.16
CA LYS A 477 -11.42 -34.62 3.30
C LYS A 477 -10.19 -34.16 4.08
N LEU A 478 -9.05 -34.09 3.40
CA LEU A 478 -7.81 -33.57 3.99
C LEU A 478 -7.27 -32.51 3.03
N GLU A 479 -7.40 -31.24 3.41
CA GLU A 479 -7.05 -30.15 2.51
C GLU A 479 -5.84 -29.41 3.03
N THR A 480 -4.89 -29.13 2.15
CA THR A 480 -3.70 -28.38 2.53
C THR A 480 -4.04 -26.91 2.58
N THR A 481 -3.84 -26.29 3.75
CA THR A 481 -4.26 -24.92 3.99
C THR A 481 -3.17 -23.92 3.60
N GLN A 482 -1.99 -24.03 4.21
CA GLN A 482 -0.89 -23.12 3.95
C GLN A 482 0.36 -23.93 3.64
N VAL A 483 1.07 -23.53 2.60
CA VAL A 483 2.31 -24.18 2.17
C VAL A 483 3.44 -23.18 2.34
N SER A 484 4.46 -23.56 3.11
CA SER A 484 5.66 -22.77 3.27
C SER A 484 6.85 -23.54 2.73
N GLY A 485 7.66 -22.89 1.91
CA GLY A 485 8.79 -23.54 1.30
C GLY A 485 9.72 -22.53 0.69
N ASN A 486 10.84 -23.03 0.18
CA ASN A 486 11.88 -22.22 -0.42
C ASN A 486 12.35 -22.87 -1.73
N PHE A 487 13.37 -22.26 -2.33
CA PHE A 487 13.96 -22.78 -3.56
C PHE A 487 15.45 -22.48 -3.54
N GLY A 488 16.19 -23.17 -4.39
CA GLY A 488 17.62 -22.95 -4.49
C GLY A 488 18.03 -22.34 -5.81
N THR A 489 18.67 -21.17 -5.76
CA THR A 489 19.08 -20.44 -6.95
C THR A 489 20.58 -20.53 -7.12
N LYS A 490 21.02 -20.46 -8.38
CA LYS A 490 22.45 -20.60 -8.68
C LYS A 490 23.18 -19.32 -8.31
N ASN A 491 24.23 -19.44 -7.50
CA ASN A 491 25.05 -18.29 -7.13
C ASN A 491 26.14 -18.09 -8.18
N SER A 492 27.05 -17.16 -7.92
CA SER A 492 28.14 -16.90 -8.85
C SER A 492 29.20 -18.00 -8.84
N SER A 493 29.35 -18.69 -7.71
CA SER A 493 30.44 -19.65 -7.55
C SER A 493 30.04 -21.08 -7.89
N GLY A 494 29.08 -21.64 -7.15
CA GLY A 494 28.81 -23.06 -7.25
C GLY A 494 27.36 -23.46 -7.33
N GLN A 495 26.94 -24.35 -6.43
CA GLN A 495 25.62 -24.96 -6.47
C GLN A 495 24.58 -24.01 -5.88
N ILE A 496 23.38 -24.53 -5.63
CA ILE A 496 22.23 -23.69 -5.29
C ILE A 496 22.36 -23.15 -3.87
N VAL A 497 21.69 -22.04 -3.62
CA VAL A 497 21.59 -21.45 -2.29
C VAL A 497 20.10 -21.26 -1.96
N THR A 498 19.70 -21.71 -0.77
CA THR A 498 18.29 -21.71 -0.40
C THR A 498 18.04 -21.07 0.96
N GLU A 499 18.99 -20.29 1.48
CA GLU A 499 18.86 -19.70 2.80
C GLU A 499 18.03 -18.41 2.77
N GLY A 500 18.44 -17.44 1.96
CA GLY A 500 17.82 -16.14 1.97
C GLY A 500 16.74 -15.91 0.92
N ASN A 501 15.95 -16.94 0.62
CA ASN A 501 14.84 -16.80 -0.32
C ASN A 501 13.84 -17.90 -0.04
N SER A 502 12.58 -17.65 -0.42
CA SER A 502 11.51 -18.57 -0.06
C SER A 502 10.33 -18.42 -1.02
N TRP A 503 9.44 -19.41 -0.98
CA TRP A 503 8.19 -19.40 -1.75
C TRP A 503 7.08 -18.79 -0.89
N SER A 504 7.06 -17.47 -0.85
CA SER A 504 6.10 -16.76 0.00
C SER A 504 5.33 -15.65 -0.69
N ASP A 505 5.88 -15.01 -1.73
CA ASP A 505 5.25 -13.84 -2.31
C ASP A 505 5.04 -13.95 -3.81
N TYR A 506 5.72 -14.87 -4.48
CA TYR A 506 5.57 -15.05 -5.92
C TYR A 506 4.31 -15.80 -6.31
N ILE A 507 3.56 -16.32 -5.34
CA ILE A 507 2.32 -17.02 -5.64
C ILE A 507 1.27 -16.04 -6.18
N SER A 508 1.08 -14.93 -5.47
CA SER A 508 0.12 -13.92 -5.90
C SER A 508 0.56 -13.19 -7.17
N GLN A 509 1.87 -13.08 -7.39
CA GLN A 509 2.35 -12.53 -8.64
C GLN A 509 1.98 -13.42 -9.83
N ILE A 510 2.05 -14.74 -9.63
CA ILE A 510 1.73 -15.67 -10.71
C ILE A 510 0.22 -15.73 -10.95
N ASP A 511 -0.56 -15.96 -9.89
CA ASP A 511 -1.99 -16.24 -10.09
C ASP A 511 -2.79 -15.00 -10.46
N SER A 512 -2.22 -13.80 -10.33
CA SER A 512 -2.89 -12.58 -10.76
C SER A 512 -2.63 -12.23 -12.21
N ILE A 513 -1.77 -12.99 -12.90
CA ILE A 513 -1.39 -12.66 -14.26
C ILE A 513 -1.56 -13.90 -15.13
N SER A 514 -1.68 -15.06 -14.50
CA SER A 514 -1.70 -16.34 -15.22
C SER A 514 -3.03 -17.04 -15.02
N ALA A 515 -3.38 -17.85 -16.01
CA ALA A 515 -4.55 -18.73 -15.93
C ALA A 515 -4.16 -20.03 -15.23
N SER A 516 -5.04 -21.01 -15.23
CA SER A 516 -4.80 -22.30 -14.59
C SER A 516 -5.29 -23.41 -15.50
N ILE A 517 -4.36 -24.21 -16.03
CA ILE A 517 -4.68 -25.31 -16.92
C ILE A 517 -4.25 -26.61 -16.25
N ILE A 518 -5.18 -27.54 -16.12
CA ILE A 518 -5.00 -28.81 -15.42
C ILE A 518 -5.18 -29.93 -16.42
N LEU A 519 -4.32 -30.95 -16.34
CA LEU A 519 -4.47 -32.19 -17.07
C LEU A 519 -4.63 -33.34 -16.09
N ASP A 520 -5.58 -34.23 -16.37
CA ASP A 520 -5.79 -35.43 -15.56
C ASP A 520 -5.84 -36.65 -16.48
N THR A 521 -4.67 -37.19 -16.80
CA THR A 521 -4.61 -38.54 -17.30
C THR A 521 -4.87 -39.50 -16.14
N GLU A 522 -5.43 -40.67 -16.44
CA GLU A 522 -5.86 -41.60 -15.40
C GLU A 522 -4.71 -42.15 -14.57
N ASN A 523 -3.46 -41.99 -15.02
CA ASN A 523 -2.31 -42.40 -14.22
C ASN A 523 -1.82 -41.31 -13.28
N GLU A 524 -1.71 -40.07 -13.77
CA GLU A 524 -1.22 -38.96 -12.97
C GLU A 524 -1.73 -37.65 -13.56
N SER A 525 -1.64 -36.59 -12.75
CA SER A 525 -2.19 -35.30 -13.11
C SER A 525 -1.11 -34.22 -13.06
N TYR A 526 -1.38 -33.12 -13.78
CA TYR A 526 -0.45 -32.00 -13.88
C TYR A 526 -1.23 -30.70 -13.80
N GLU A 527 -0.58 -29.65 -13.28
CA GLU A 527 -1.18 -28.33 -13.20
C GLU A 527 -0.16 -27.29 -13.62
N ARG A 528 -0.58 -26.32 -14.42
CA ARG A 528 0.32 -25.28 -14.88
C ARG A 528 -0.38 -23.94 -14.89
N ARG A 529 0.42 -22.90 -14.74
CA ARG A 529 -0.04 -21.51 -14.78
C ARG A 529 0.67 -20.80 -15.93
N VAL A 530 -0.10 -20.35 -16.91
CA VAL A 530 0.42 -19.70 -18.10
C VAL A 530 -0.08 -18.27 -18.13
N THR A 531 0.84 -17.32 -18.29
CA THR A 531 0.49 -15.91 -18.31
C THR A 531 -0.43 -15.59 -19.49
N ALA A 532 -1.41 -14.72 -19.24
CA ALA A 532 -2.40 -14.42 -20.25
C ALA A 532 -2.62 -12.91 -20.36
N LYS A 533 -3.61 -12.51 -21.16
CA LYS A 533 -3.82 -11.11 -21.51
C LYS A 533 -5.21 -10.66 -21.04
N ASN A 534 -5.26 -9.50 -20.41
CA ASN A 534 -6.52 -8.83 -20.17
C ASN A 534 -6.79 -7.87 -21.33
N LEU A 535 -8.03 -7.90 -21.83
CA LEU A 535 -8.34 -7.22 -23.08
C LEU A 535 -8.33 -5.70 -22.92
N GLN A 536 -8.49 -5.21 -21.69
CA GLN A 536 -8.63 -3.78 -21.43
C GLN A 536 -7.29 -3.11 -21.15
N ASP A 537 -6.29 -3.39 -21.97
CA ASP A 537 -4.96 -2.87 -21.68
C ASP A 537 -4.11 -2.89 -22.94
N PRO A 538 -4.17 -1.84 -23.77
CA PRO A 538 -3.34 -1.84 -24.98
C PRO A 538 -1.86 -1.60 -24.73
N GLU A 539 -1.48 -1.02 -23.57
CA GLU A 539 -0.07 -0.96 -23.22
C GLU A 539 0.51 -2.31 -22.84
N ASP A 540 -0.34 -3.26 -22.43
CA ASP A 540 0.12 -4.56 -21.96
C ASP A 540 0.54 -5.38 -23.18
N LYS A 541 1.82 -5.34 -23.50
CA LYS A 541 2.34 -6.09 -24.65
C LYS A 541 2.81 -7.48 -24.23
N THR A 542 1.86 -8.26 -23.71
CA THR A 542 2.04 -9.65 -23.35
C THR A 542 1.65 -10.55 -24.52
N PRO A 543 2.29 -11.71 -24.66
CA PRO A 543 1.94 -12.62 -25.76
C PRO A 543 0.53 -13.17 -25.62
N GLU A 544 -0.10 -13.41 -26.76
CA GLU A 544 -1.48 -13.88 -26.83
C GLU A 544 -1.51 -15.24 -27.51
N LEU A 545 -2.28 -16.17 -26.94
CA LEU A 545 -2.36 -17.53 -27.43
C LEU A 545 -3.81 -17.98 -27.49
N THR A 546 -4.04 -19.08 -28.19
CA THR A 546 -5.32 -19.75 -28.18
C THR A 546 -5.38 -20.72 -27.02
N ILE A 547 -6.49 -21.46 -26.92
CA ILE A 547 -6.59 -22.48 -25.87
C ILE A 547 -5.60 -23.61 -26.12
N GLY A 548 -5.57 -24.13 -27.34
CA GLY A 548 -4.70 -25.26 -27.65
C GLY A 548 -3.23 -24.91 -27.57
N GLU A 549 -2.86 -23.69 -27.99
CA GLU A 549 -1.48 -23.25 -27.86
C GLU A 549 -1.09 -23.10 -26.40
N ALA A 550 -2.01 -22.60 -25.57
CA ALA A 550 -1.77 -22.52 -24.12
C ALA A 550 -1.59 -23.90 -23.52
N ILE A 551 -2.39 -24.87 -23.95
CA ILE A 551 -2.25 -26.25 -23.48
C ILE A 551 -0.90 -26.82 -23.89
N GLU A 552 -0.50 -26.57 -25.15
CA GLU A 552 0.75 -27.12 -25.66
C GLU A 552 1.95 -26.53 -24.95
N LYS A 553 1.93 -25.23 -24.67
CA LYS A 553 3.03 -24.63 -23.94
C LYS A 553 3.01 -25.00 -22.47
N ALA A 554 1.83 -25.22 -21.89
CA ALA A 554 1.74 -25.62 -20.49
C ALA A 554 2.25 -27.04 -20.28
N PHE A 555 1.91 -27.97 -21.17
CA PHE A 555 2.18 -29.37 -20.95
C PHE A 555 3.28 -29.93 -21.83
N GLY A 556 3.37 -29.51 -23.08
CA GLY A 556 4.35 -30.06 -24.00
C GLY A 556 3.77 -31.17 -24.84
N ALA A 557 3.58 -30.91 -26.14
CA ALA A 557 2.97 -31.89 -27.03
C ALA A 557 3.64 -31.80 -28.38
N THR A 558 3.60 -32.92 -29.11
CA THR A 558 4.13 -33.03 -30.45
C THR A 558 3.02 -32.75 -31.45
N LYS A 559 3.27 -31.85 -32.38
CA LYS A 559 2.25 -31.38 -33.32
C LYS A 559 2.42 -32.12 -34.65
N LYS A 560 1.47 -32.99 -34.97
CA LYS A 560 1.31 -33.48 -36.33
C LYS A 560 0.12 -32.77 -36.99
N ASP A 561 -0.26 -33.27 -38.16
CA ASP A 561 -1.11 -32.53 -39.10
C ASP A 561 -2.50 -32.36 -38.50
N GLY A 562 -2.74 -31.18 -37.94
CA GLY A 562 -4.00 -30.86 -37.31
C GLY A 562 -4.20 -31.49 -35.94
N LEU A 563 -3.18 -32.11 -35.36
CA LEU A 563 -3.37 -32.84 -34.11
C LEU A 563 -2.15 -32.69 -33.22
N LEU A 564 -2.37 -32.93 -31.92
CA LEU A 564 -1.32 -32.85 -30.92
C LEU A 564 -1.31 -34.14 -30.12
N TYR A 565 -0.13 -34.59 -29.73
CA TYR A 565 0.04 -35.86 -29.05
C TYR A 565 1.00 -35.73 -27.87
N PHE A 566 0.70 -36.47 -26.81
CA PHE A 566 1.62 -36.68 -25.71
C PHE A 566 2.48 -37.90 -26.06
N ASN A 567 3.14 -38.49 -25.06
CA ASN A 567 3.92 -39.71 -25.28
C ASN A 567 3.03 -40.83 -25.79
N ASP A 568 1.83 -40.98 -25.22
CA ASP A 568 0.84 -41.91 -25.72
C ASP A 568 -0.57 -41.35 -25.76
N ILE A 569 -0.80 -40.17 -25.21
CA ILE A 569 -2.14 -39.59 -25.08
C ILE A 569 -2.33 -38.57 -26.19
N PRO A 570 -3.29 -38.77 -27.10
CA PRO A 570 -3.64 -37.69 -28.03
C PRO A 570 -4.30 -36.53 -27.30
N ILE A 571 -4.08 -35.32 -27.81
CA ILE A 571 -4.73 -34.12 -27.30
C ILE A 571 -5.55 -33.49 -28.42
N ASP A 572 -6.84 -33.32 -28.17
CA ASP A 572 -7.73 -32.62 -29.08
C ASP A 572 -8.95 -32.17 -28.29
N GLU A 573 -9.75 -31.29 -28.92
CA GLU A 573 -11.05 -30.95 -28.35
C GLU A 573 -12.06 -32.08 -28.47
N SER A 574 -11.72 -33.13 -29.23
CA SER A 574 -12.59 -34.28 -29.41
C SER A 574 -12.11 -35.54 -28.71
N CYS A 575 -10.82 -35.62 -28.38
CA CYS A 575 -10.27 -36.82 -27.73
C CYS A 575 -10.26 -36.73 -26.21
N VAL A 576 -9.84 -35.60 -25.65
CA VAL A 576 -9.87 -35.35 -24.22
C VAL A 576 -10.85 -34.21 -23.96
N GLU A 577 -11.53 -34.29 -22.81
CA GLU A 577 -12.68 -33.43 -22.55
C GLU A 577 -12.26 -32.24 -21.69
N LEU A 578 -12.97 -31.13 -21.86
CA LEU A 578 -12.64 -29.88 -21.18
C LEU A 578 -13.75 -29.52 -20.20
N ILE A 579 -13.34 -29.02 -19.04
CA ILE A 579 -14.23 -28.59 -17.97
C ILE A 579 -13.89 -27.15 -17.63
N PHE A 580 -14.92 -26.31 -17.58
CA PHE A 580 -14.77 -24.90 -17.25
C PHE A 580 -15.76 -24.55 -16.15
N ASP A 581 -15.41 -23.56 -15.33
CA ASP A 581 -16.35 -23.03 -14.37
C ASP A 581 -17.33 -22.09 -15.08
N ASP A 582 -18.19 -21.42 -14.30
CA ASP A 582 -19.22 -20.57 -14.87
C ASP A 582 -18.62 -19.40 -15.66
N ASN A 583 -17.57 -18.78 -15.12
CA ASN A 583 -16.95 -17.65 -15.79
C ASN A 583 -16.29 -18.06 -17.10
N THR A 584 -15.50 -19.13 -17.09
CA THR A 584 -14.79 -19.56 -18.28
C THR A 584 -15.75 -20.09 -19.33
N ALA A 585 -16.76 -20.87 -18.92
CA ALA A 585 -17.74 -21.38 -19.88
C ALA A 585 -18.55 -20.25 -20.49
N ASN A 586 -18.93 -19.26 -19.68
CA ASN A 586 -19.66 -18.11 -20.20
C ASN A 586 -18.80 -17.30 -21.15
N LYS A 587 -17.52 -17.12 -20.82
CA LYS A 587 -16.61 -16.37 -21.70
C LYS A 587 -16.38 -17.11 -23.02
N ILE A 588 -16.28 -18.43 -22.97
CA ILE A 588 -16.08 -19.21 -24.18
C ILE A 588 -17.33 -19.21 -25.03
N LYS A 589 -18.51 -19.27 -24.40
CA LYS A 589 -19.77 -19.15 -25.13
C LYS A 589 -19.90 -17.78 -25.79
N ASP A 590 -19.50 -16.72 -25.09
CA ASP A 590 -19.60 -15.38 -25.63
C ASP A 590 -18.60 -15.16 -26.76
N SER A 591 -17.38 -15.70 -26.61
CA SER A 591 -16.33 -15.50 -27.60
C SER A 591 -16.51 -16.37 -28.84
N LEU A 592 -17.32 -17.42 -28.76
CA LEU A 592 -17.53 -18.31 -29.90
C LEU A 592 -18.49 -17.74 -30.93
N LYS A 593 -19.14 -16.60 -30.63
CA LYS A 593 -20.13 -16.06 -31.54
C LYS A 593 -19.48 -15.46 -32.79
N THR A 594 -18.35 -14.77 -32.62
CA THR A 594 -17.69 -14.12 -33.76
C THR A 594 -16.82 -15.09 -34.55
N LEU A 595 -16.48 -16.25 -33.99
CA LEU A 595 -15.71 -17.25 -34.73
C LEU A 595 -16.59 -17.97 -35.73
N SER A 596 -15.95 -18.44 -36.81
CA SER A 596 -16.65 -19.14 -37.88
C SER A 596 -16.30 -20.62 -37.96
N ASP A 597 -15.30 -21.08 -37.22
CA ASP A 597 -14.92 -22.48 -37.25
C ASP A 597 -15.62 -23.33 -36.20
N LYS A 598 -16.09 -22.72 -35.11
CA LYS A 598 -16.84 -23.39 -34.04
C LYS A 598 -16.06 -24.55 -33.43
N LYS A 599 -14.79 -24.29 -33.08
CA LYS A 599 -13.96 -25.27 -32.40
C LYS A 599 -13.49 -24.70 -31.07
N ILE A 600 -13.29 -25.61 -30.10
CA ILE A 600 -13.01 -25.21 -28.73
C ILE A 600 -11.66 -24.51 -28.63
N TYR A 601 -10.64 -25.06 -29.28
CA TYR A 601 -9.27 -24.60 -29.03
C TYR A 601 -8.95 -23.28 -29.71
N ASN A 602 -9.80 -22.80 -30.61
CA ASN A 602 -9.60 -21.50 -31.25
C ASN A 602 -10.29 -20.39 -30.46
N VAL A 603 -9.98 -20.34 -29.16
CA VAL A 603 -10.45 -19.29 -28.26
C VAL A 603 -9.23 -18.64 -27.65
N LYS A 604 -9.16 -17.31 -27.75
CA LYS A 604 -7.98 -16.58 -27.28
C LYS A 604 -7.87 -16.66 -25.76
N LEU A 605 -6.64 -16.83 -25.27
CA LEU A 605 -6.41 -17.02 -23.85
C LEU A 605 -6.58 -15.71 -23.11
N GLU A 606 -7.39 -15.74 -22.05
CA GLU A 606 -7.63 -14.59 -21.20
C GLU A 606 -7.16 -14.91 -19.78
N ARG A 607 -7.05 -13.89 -18.94
CA ARG A 607 -6.67 -14.13 -17.57
C ARG A 607 -7.91 -14.41 -16.71
N GLY A 608 -7.69 -15.13 -15.61
CA GLY A 608 -8.78 -15.43 -14.70
C GLY A 608 -9.73 -16.51 -15.19
N MET A 609 -9.24 -17.44 -15.99
CA MET A 609 -10.06 -18.53 -16.52
C MET A 609 -9.36 -19.86 -16.25
N ASN A 610 -10.17 -20.90 -16.12
CA ASN A 610 -9.69 -22.21 -15.67
C ASN A 610 -10.05 -23.27 -16.69
N ILE A 611 -9.09 -24.17 -16.98
CA ILE A 611 -9.30 -25.29 -17.88
C ILE A 611 -8.97 -26.57 -17.12
N LEU A 612 -9.89 -27.54 -17.15
CA LEU A 612 -9.63 -28.87 -16.59
C LEU A 612 -9.81 -29.89 -17.70
N ILE A 613 -8.71 -30.43 -18.20
CA ILE A 613 -8.75 -31.40 -19.29
C ILE A 613 -8.65 -32.80 -18.70
N LYS A 614 -9.70 -33.59 -18.89
CA LYS A 614 -9.76 -34.96 -18.41
C LYS A 614 -9.49 -35.89 -19.59
N THR A 615 -8.65 -36.89 -19.34
CA THR A 615 -8.36 -37.92 -20.33
C THR A 615 -9.24 -39.13 -20.09
N PRO A 616 -9.95 -39.64 -21.11
CA PRO A 616 -10.76 -40.84 -20.92
C PRO A 616 -9.93 -42.05 -20.55
N THR A 617 -10.52 -42.90 -19.70
CA THR A 617 -9.83 -44.13 -19.31
C THR A 617 -9.88 -45.18 -20.41
N TYR A 618 -10.80 -45.06 -21.37
CA TYR A 618 -10.84 -45.95 -22.52
C TYR A 618 -11.27 -45.15 -23.73
N PHE A 619 -10.59 -45.36 -24.86
CA PHE A 619 -10.92 -44.63 -26.06
C PHE A 619 -10.59 -45.44 -27.31
N THR A 620 -11.53 -45.46 -28.25
CA THR A 620 -11.29 -45.95 -29.59
C THR A 620 -11.72 -44.90 -30.59
N ASN A 621 -11.04 -44.88 -31.73
CA ASN A 621 -11.36 -43.95 -32.81
C ASN A 621 -11.55 -44.69 -34.13
N PHE A 622 -11.76 -46.01 -34.06
CA PHE A 622 -11.94 -46.88 -35.22
C PHE A 622 -10.76 -46.75 -36.17
N ASP A 623 -9.56 -46.72 -35.58
CA ASP A 623 -8.31 -46.43 -36.25
C ASP A 623 -7.21 -47.18 -35.50
N ASP A 624 -5.98 -46.72 -35.67
CA ASP A 624 -4.81 -47.35 -35.07
C ASP A 624 -4.87 -47.42 -33.54
N TYR A 625 -5.67 -46.58 -32.88
CA TYR A 625 -5.81 -46.61 -31.44
C TYR A 625 -7.11 -47.30 -31.03
N ASN A 626 -6.98 -48.33 -30.19
CA ASN A 626 -8.14 -48.94 -29.54
C ASN A 626 -7.63 -49.59 -28.27
N ASN A 627 -7.82 -48.92 -27.14
CA ASN A 627 -7.38 -49.45 -25.85
C ASN A 627 -8.51 -50.18 -25.12
N TYR A 628 -9.62 -50.42 -25.79
CA TYR A 628 -10.72 -51.17 -25.19
C TYR A 628 -10.28 -52.62 -24.98
N PRO A 629 -10.41 -53.16 -23.76
CA PRO A 629 -9.97 -54.54 -23.53
C PRO A 629 -10.83 -55.58 -24.24
N SER A 630 -12.10 -55.30 -24.45
CA SER A 630 -12.97 -56.20 -25.18
C SER A 630 -12.96 -55.84 -26.67
N THR A 631 -13.62 -56.67 -27.47
CA THR A 631 -13.75 -56.46 -28.91
C THR A 631 -15.19 -56.10 -29.23
N TRP A 632 -15.37 -55.09 -30.09
CA TRP A 632 -16.69 -54.64 -30.45
C TRP A 632 -17.36 -55.62 -31.42
N SER A 633 -18.66 -55.40 -31.62
CA SER A 633 -19.44 -56.15 -32.58
C SER A 633 -19.88 -55.23 -33.71
N ASN A 634 -19.80 -55.74 -34.94
CA ASN A 634 -20.20 -55.03 -36.16
C ASN A 634 -19.43 -53.72 -36.33
N VAL A 635 -18.11 -53.85 -36.43
CA VAL A 635 -17.23 -52.74 -36.75
C VAL A 635 -16.91 -52.82 -38.24
N ASN A 636 -17.22 -51.75 -38.96
CA ASN A 636 -16.97 -51.67 -40.40
C ASN A 636 -16.01 -50.51 -40.62
N THR A 637 -14.71 -50.81 -40.59
CA THR A 637 -13.67 -49.80 -40.69
C THR A 637 -13.64 -49.15 -42.07
N THR A 638 -14.14 -49.84 -43.09
CA THR A 638 -14.06 -49.36 -44.49
C THR A 638 -14.99 -48.18 -44.68
N ASN A 639 -14.54 -47.03 -44.23
CA ASN A 639 -15.27 -45.77 -44.38
C ASN A 639 -14.26 -44.63 -44.28
N GLN A 640 -14.66 -43.46 -44.80
CA GLN A 640 -13.74 -42.33 -44.85
C GLN A 640 -14.35 -41.01 -44.39
N ASP A 641 -15.66 -40.93 -44.18
CA ASP A 641 -16.30 -39.67 -43.81
C ASP A 641 -16.43 -39.50 -42.29
N GLY A 642 -15.31 -39.63 -41.59
CA GLY A 642 -15.24 -39.35 -40.17
C GLY A 642 -14.39 -38.13 -39.86
N LEU A 643 -14.40 -37.68 -38.60
CA LEU A 643 -13.50 -36.60 -38.20
C LEU A 643 -12.04 -37.00 -38.29
N GLN A 644 -11.68 -38.21 -37.83
CA GLN A 644 -10.29 -38.64 -37.86
C GLN A 644 -10.27 -40.05 -38.45
N GLY A 645 -9.49 -40.21 -39.53
CA GLY A 645 -9.23 -41.51 -40.10
C GLY A 645 -10.45 -42.17 -40.70
N SER A 646 -10.89 -43.25 -40.06
CA SER A 646 -12.04 -44.02 -40.51
C SER A 646 -13.12 -43.97 -39.44
N ALA A 647 -14.26 -44.59 -39.75
CA ALA A 647 -15.40 -44.66 -38.84
C ALA A 647 -16.13 -45.97 -39.10
N ASN A 648 -17.01 -46.34 -38.18
CA ASN A 648 -17.78 -47.57 -38.30
C ASN A 648 -19.01 -47.32 -39.14
N LYS A 649 -19.06 -47.94 -40.32
CA LYS A 649 -20.28 -48.00 -41.09
C LYS A 649 -21.28 -48.87 -40.35
N LEU A 650 -22.27 -48.23 -39.73
CA LEU A 650 -23.30 -48.95 -39.00
C LEU A 650 -24.15 -49.72 -39.99
N ASN A 651 -24.40 -50.99 -39.70
CA ASN A 651 -25.31 -51.81 -40.47
C ASN A 651 -26.48 -52.30 -39.65
N GLY A 652 -26.21 -52.81 -38.45
CA GLY A 652 -27.24 -53.19 -37.52
C GLY A 652 -26.83 -52.90 -36.08
N GLU A 653 -26.96 -53.92 -35.24
CA GLU A 653 -26.58 -53.79 -33.85
C GLU A 653 -25.05 -53.78 -33.69
N THR A 654 -24.58 -52.85 -32.87
CA THR A 654 -23.18 -52.79 -32.46
C THR A 654 -23.12 -53.01 -30.96
N LYS A 655 -22.37 -54.03 -30.54
CA LYS A 655 -22.38 -54.51 -29.17
C LYS A 655 -20.96 -54.53 -28.61
N ILE A 656 -20.85 -54.22 -27.31
CA ILE A 656 -19.66 -54.57 -26.55
C ILE A 656 -20.10 -54.91 -25.13
N LYS A 657 -19.35 -55.78 -24.48
CA LYS A 657 -19.49 -56.04 -23.06
C LYS A 657 -18.19 -55.68 -22.37
N ILE A 658 -18.30 -55.22 -21.12
CA ILE A 658 -17.12 -54.86 -20.36
C ILE A 658 -17.26 -55.48 -18.98
N PRO A 659 -16.24 -56.17 -18.48
CA PRO A 659 -16.37 -56.84 -17.18
C PRO A 659 -16.34 -55.85 -16.03
N MET A 660 -16.90 -56.30 -14.90
CA MET A 660 -16.88 -55.51 -13.68
C MET A 660 -15.50 -55.50 -13.03
N SER A 661 -14.65 -56.49 -13.36
CA SER A 661 -13.35 -56.64 -12.73
C SER A 661 -12.41 -55.47 -13.02
N GLU A 662 -12.38 -54.98 -14.26
CA GLU A 662 -11.48 -53.90 -14.62
C GLU A 662 -12.15 -52.52 -14.55
N LEU A 663 -13.29 -52.41 -13.89
CA LEU A 663 -13.95 -51.14 -13.65
C LEU A 663 -14.09 -50.92 -12.15
N LYS A 664 -13.82 -49.69 -11.72
CA LYS A 664 -13.80 -49.39 -10.29
C LYS A 664 -15.22 -49.39 -9.73
N PRO A 665 -15.46 -50.11 -8.64
CA PRO A 665 -16.79 -50.13 -8.03
C PRO A 665 -17.18 -48.79 -7.42
N TYR A 666 -18.49 -48.56 -7.37
CA TYR A 666 -19.12 -47.44 -6.66
C TYR A 666 -18.64 -46.10 -7.21
N LYS A 667 -18.67 -45.99 -8.54
CA LYS A 667 -18.20 -44.80 -9.24
C LYS A 667 -19.19 -44.49 -10.35
N ARG A 668 -19.02 -43.32 -10.97
CA ARG A 668 -19.85 -42.91 -12.09
C ARG A 668 -18.98 -42.83 -13.33
N TYR A 669 -19.46 -43.42 -14.42
CA TYR A 669 -18.77 -43.40 -15.71
C TYR A 669 -19.65 -42.69 -16.73
N VAL A 670 -19.01 -42.10 -17.73
CA VAL A 670 -19.68 -41.44 -18.84
C VAL A 670 -19.12 -41.99 -20.14
N PHE A 671 -20.00 -42.41 -21.03
CA PHE A 671 -19.64 -42.84 -22.37
C PHE A 671 -20.04 -41.71 -23.33
N SER A 672 -19.10 -41.29 -24.17
CA SER A 672 -19.35 -40.26 -25.17
C SER A 672 -18.92 -40.75 -26.53
N GLY A 673 -19.52 -40.17 -27.56
CA GLY A 673 -19.24 -40.57 -28.92
C GLY A 673 -19.83 -39.61 -29.91
N TYR A 674 -19.49 -39.82 -31.18
CA TYR A 674 -19.85 -38.95 -32.28
C TYR A 674 -20.63 -39.70 -33.34
N SER A 675 -21.72 -39.09 -33.84
CA SER A 675 -22.56 -39.71 -34.85
C SER A 675 -22.83 -38.76 -36.01
N LYS A 676 -23.05 -39.35 -37.18
CA LYS A 676 -23.47 -38.66 -38.38
C LYS A 676 -24.63 -39.42 -38.99
N ASP A 677 -25.55 -38.70 -39.62
CA ASP A 677 -26.55 -39.37 -40.44
C ASP A 677 -26.78 -38.60 -41.75
N PRO A 678 -26.47 -39.19 -42.91
CA PRO A 678 -26.77 -38.56 -44.19
C PRO A 678 -28.20 -38.82 -44.67
N LEU A 679 -29.16 -38.67 -43.75
CA LEU A 679 -30.57 -38.87 -44.04
C LEU A 679 -31.36 -37.83 -43.25
N THR A 680 -32.68 -37.90 -43.34
CA THR A 680 -33.53 -36.92 -42.69
C THR A 680 -33.77 -37.26 -41.22
N SER A 681 -34.40 -38.41 -40.95
CA SER A 681 -34.87 -38.74 -39.62
C SER A 681 -34.54 -40.18 -39.26
N ASN A 682 -33.30 -40.60 -39.50
CA ASN A 682 -32.84 -41.87 -38.98
C ASN A 682 -32.65 -41.78 -37.47
N SER A 683 -32.70 -42.93 -36.81
CA SER A 683 -32.67 -42.97 -35.35
C SER A 683 -31.83 -44.15 -34.87
N ILE A 684 -31.21 -43.95 -33.71
CA ILE A 684 -30.43 -44.97 -33.00
C ILE A 684 -31.04 -45.13 -31.62
N ILE A 685 -30.94 -46.34 -31.08
CA ILE A 685 -31.19 -46.58 -29.66
C ILE A 685 -29.92 -47.13 -29.04
N VAL A 686 -29.61 -46.65 -27.85
CA VAL A 686 -28.43 -47.08 -27.11
C VAL A 686 -28.88 -47.59 -25.75
N LYS A 687 -28.64 -48.87 -25.49
CA LYS A 687 -28.98 -49.49 -24.22
C LYS A 687 -27.70 -49.72 -23.42
N ILE A 688 -27.69 -49.20 -22.20
CA ILE A 688 -26.61 -49.40 -21.24
C ILE A 688 -27.16 -50.33 -20.18
N LYS A 689 -26.77 -51.61 -20.25
CA LYS A 689 -27.16 -52.61 -19.28
C LYS A 689 -26.16 -52.57 -18.14
N ALA A 690 -26.58 -52.07 -17.00
CA ALA A 690 -25.79 -51.99 -15.78
C ALA A 690 -26.74 -52.15 -14.61
N LYS A 691 -26.30 -51.76 -13.41
CA LYS A 691 -27.19 -51.85 -12.25
C LYS A 691 -28.25 -50.75 -12.22
N GLU A 692 -28.15 -49.75 -13.10
CA GLU A 692 -29.30 -48.99 -13.58
C GLU A 692 -29.25 -49.05 -15.11
N GLU A 693 -29.84 -50.10 -15.68
CA GLU A 693 -29.88 -50.22 -17.13
C GLU A 693 -30.87 -49.23 -17.71
N LYS A 694 -30.54 -48.68 -18.88
CA LYS A 694 -31.37 -47.65 -19.49
C LYS A 694 -31.30 -47.77 -21.01
N THR A 695 -32.32 -47.24 -21.67
CA THR A 695 -32.35 -47.14 -23.13
C THR A 695 -32.56 -45.69 -23.51
N ASP A 696 -31.77 -45.21 -24.46
CA ASP A 696 -31.80 -43.82 -24.87
C ASP A 696 -32.01 -43.74 -26.37
N TYR A 697 -32.78 -42.74 -26.79
CA TYR A 697 -33.09 -42.50 -28.19
C TYR A 697 -32.19 -41.40 -28.73
N LEU A 698 -31.83 -41.52 -30.00
CA LEU A 698 -30.89 -40.58 -30.61
C LEU A 698 -31.34 -40.31 -32.04
N VAL A 699 -31.54 -39.04 -32.36
CA VAL A 699 -31.93 -38.65 -33.71
C VAL A 699 -30.84 -37.79 -34.34
N PRO A 700 -29.90 -38.39 -35.06
CA PRO A 700 -28.82 -37.63 -35.70
C PRO A 700 -29.29 -36.97 -36.99
N GLU A 701 -28.47 -36.04 -37.47
CA GLU A 701 -28.76 -35.30 -38.70
C GLU A 701 -27.48 -35.27 -39.53
N GLN A 702 -27.47 -34.44 -40.57
CA GLN A 702 -26.29 -34.27 -41.41
C GLN A 702 -25.08 -33.78 -40.61
N GLY A 703 -25.30 -32.95 -39.59
CA GLY A 703 -24.22 -32.49 -38.76
C GLY A 703 -23.75 -33.54 -37.77
N TYR A 704 -22.54 -33.33 -37.24
CA TYR A 704 -21.96 -34.25 -36.27
C TYR A 704 -22.53 -34.02 -34.88
N THR A 705 -23.04 -35.08 -34.26
CA THR A 705 -23.67 -34.99 -32.95
C THR A 705 -22.83 -35.71 -31.91
N LYS A 706 -22.53 -35.00 -30.83
CA LYS A 706 -21.90 -35.58 -29.65
C LYS A 706 -22.98 -36.12 -28.73
N PHE A 707 -22.85 -37.37 -28.32
CA PHE A 707 -23.75 -37.96 -27.35
C PHE A 707 -22.94 -38.45 -26.16
N SER A 708 -23.47 -38.17 -24.96
CA SER A 708 -22.78 -38.51 -23.73
C SER A 708 -23.82 -38.95 -22.71
N TYR A 709 -23.65 -40.16 -22.18
CA TYR A 709 -24.58 -40.72 -21.21
C TYR A 709 -23.80 -41.27 -20.03
N GLU A 710 -24.34 -41.06 -18.83
CA GLU A 710 -23.69 -41.48 -17.60
C GLU A 710 -24.38 -42.70 -17.01
N PHE A 711 -23.64 -43.41 -16.17
CA PHE A 711 -24.17 -44.53 -15.42
C PHE A 711 -23.31 -44.72 -14.17
N GLU A 712 -23.83 -45.50 -13.23
CA GLU A 712 -23.16 -45.72 -11.96
C GLU A 712 -22.66 -47.15 -11.87
N THR A 713 -21.50 -47.33 -11.28
CA THR A 713 -20.90 -48.63 -11.09
C THR A 713 -21.22 -49.17 -9.70
N THR A 714 -21.14 -50.49 -9.57
CA THR A 714 -21.40 -51.16 -8.31
C THR A 714 -20.25 -52.13 -8.03
N GLU A 715 -20.42 -52.95 -6.99
CA GLU A 715 -19.35 -53.77 -6.46
C GLU A 715 -18.91 -54.85 -7.45
N LYS A 716 -17.76 -55.46 -7.14
CA LYS A 716 -17.15 -56.48 -7.99
C LYS A 716 -18.04 -57.70 -8.17
N ASP A 717 -18.85 -58.06 -7.16
CA ASP A 717 -19.64 -59.28 -7.17
C ASP A 717 -20.92 -59.17 -7.99
N SER A 718 -21.01 -58.17 -8.86
CA SER A 718 -22.15 -57.99 -9.76
C SER A 718 -21.79 -58.49 -11.16
N SER A 719 -22.72 -58.29 -12.10
CA SER A 719 -22.53 -58.77 -13.46
C SER A 719 -21.66 -57.80 -14.25
N ASN A 720 -21.54 -58.06 -15.55
CA ASN A 720 -20.81 -57.19 -16.45
C ASN A 720 -21.72 -56.04 -16.89
N ILE A 721 -21.16 -55.12 -17.66
CA ILE A 721 -21.89 -53.97 -18.18
C ILE A 721 -21.91 -54.06 -19.70
N GLU A 722 -23.11 -54.00 -20.27
CA GLU A 722 -23.30 -54.18 -21.71
C GLU A 722 -23.62 -52.84 -22.35
N ILE A 723 -22.98 -52.56 -23.47
CA ILE A 723 -23.26 -51.37 -24.26
C ILE A 723 -23.73 -51.84 -25.62
N THR A 724 -25.00 -51.62 -25.93
CA THR A 724 -25.57 -52.04 -27.19
C THR A 724 -26.17 -50.83 -27.90
N LEU A 725 -26.12 -50.85 -29.22
CA LEU A 725 -26.77 -49.78 -29.97
C LEU A 725 -27.35 -50.36 -31.25
N ILE A 726 -28.53 -49.89 -31.63
CA ILE A 726 -29.25 -50.39 -32.80
C ILE A 726 -29.64 -49.19 -33.65
N GLY A 727 -29.26 -49.24 -34.93
CA GLY A 727 -29.67 -48.23 -35.88
C GLY A 727 -30.27 -48.83 -37.14
N SER A 728 -30.62 -48.00 -38.11
CA SER A 728 -31.21 -48.47 -39.35
C SER A 728 -30.18 -48.87 -40.40
N GLY A 729 -28.90 -48.64 -40.15
CA GLY A 729 -27.84 -49.05 -41.05
C GLY A 729 -27.27 -47.98 -41.97
N THR A 730 -27.48 -46.70 -41.67
CA THR A 730 -26.93 -45.63 -42.48
C THR A 730 -26.06 -44.65 -41.71
N THR A 731 -26.14 -44.61 -40.39
CA THR A 731 -25.38 -43.65 -39.61
C THR A 731 -23.92 -44.07 -39.49
N TYR A 732 -23.08 -43.13 -39.07
CA TYR A 732 -21.65 -43.35 -38.89
C TYR A 732 -21.26 -42.94 -37.49
N LEU A 733 -20.44 -43.76 -36.84
CA LEU A 733 -20.03 -43.52 -35.47
C LEU A 733 -18.51 -43.41 -35.39
N ASP A 734 -18.03 -42.58 -34.48
CA ASP A 734 -16.60 -42.39 -34.30
C ASP A 734 -16.32 -41.83 -32.92
N ASN A 735 -15.07 -42.04 -32.47
CA ASN A 735 -14.51 -41.44 -31.26
C ASN A 735 -15.31 -41.82 -30.01
N LEU A 736 -15.29 -43.11 -29.71
CA LEU A 736 -16.00 -43.65 -28.56
C LEU A 736 -15.09 -43.66 -27.33
N SER A 737 -15.52 -43.00 -26.26
CA SER A 737 -14.68 -42.82 -25.09
C SER A 737 -15.48 -43.06 -23.82
N ILE A 738 -14.96 -43.96 -22.99
CA ILE A 738 -15.46 -44.22 -21.65
C ILE A 738 -14.54 -43.52 -20.66
N THR A 739 -15.13 -42.77 -19.72
CA THR A 739 -14.37 -42.03 -18.74
C THR A 739 -14.99 -42.23 -17.37
N GLU A 740 -14.16 -42.26 -16.33
CA GLU A 740 -14.65 -42.15 -14.96
C GLU A 740 -14.70 -40.70 -14.54
N LEU A 741 -15.76 -40.32 -13.81
CA LEU A 741 -15.93 -38.93 -13.39
C LEU A 741 -15.85 -38.76 -11.88
N ASN A 742 -16.66 -39.48 -11.11
CA ASN A 742 -16.67 -39.33 -9.67
C ASN A 742 -17.11 -40.65 -9.05
N SER A 743 -17.12 -40.70 -7.72
CA SER A 743 -17.47 -41.90 -6.98
C SER A 743 -18.81 -41.71 -6.29
N THR A 744 -19.62 -42.78 -6.32
CA THR A 744 -20.93 -42.73 -5.69
C THR A 744 -20.85 -43.25 -4.26
N PRO A 745 -21.61 -42.64 -3.34
CA PRO A 745 -21.60 -43.12 -1.95
C PRO A 745 -22.24 -44.49 -1.83
N GLU A 746 -21.78 -45.24 -0.83
CA GLU A 746 -22.27 -46.60 -0.58
C GLU A 746 -23.06 -46.61 0.72
N ILE A 747 -24.13 -47.41 0.74
CA ILE A 747 -24.98 -47.53 1.93
C ILE A 747 -24.30 -48.47 2.91
N LEU A 748 -24.03 -47.98 4.12
CA LEU A 748 -23.35 -48.76 5.13
C LEU A 748 -23.94 -48.52 6.51
N ASP B 218 10.86 21.16 -18.95
CA ASP B 218 12.17 21.78 -18.72
C ASP B 218 12.41 22.03 -17.23
N LEU B 219 11.37 21.92 -16.43
CA LEU B 219 11.46 22.09 -14.99
C LEU B 219 10.74 20.96 -14.25
N ASP B 220 11.42 20.38 -13.27
CA ASP B 220 10.84 19.40 -12.37
C ASP B 220 11.22 19.74 -10.94
N THR B 221 10.38 19.31 -10.00
CA THR B 221 10.59 19.73 -8.61
C THR B 221 10.97 18.60 -7.67
N ASP B 222 10.17 17.54 -7.58
CA ASP B 222 10.32 16.53 -6.54
C ASP B 222 11.36 15.50 -6.95
N ASN B 223 11.47 14.46 -6.13
CA ASN B 223 12.30 13.30 -6.44
C ASN B 223 11.56 12.36 -7.41
N ASP B 224 11.27 12.87 -8.60
CA ASP B 224 10.48 12.17 -9.59
C ASP B 224 10.86 12.67 -10.98
N ASN B 225 10.46 11.91 -12.00
CA ASN B 225 10.79 12.25 -13.37
C ASN B 225 9.74 13.13 -14.04
N ILE B 226 8.61 13.38 -13.40
CA ILE B 226 7.55 14.18 -14.02
C ILE B 226 7.99 15.64 -14.04
N PRO B 227 7.85 16.34 -15.17
CA PRO B 227 8.08 17.79 -15.19
C PRO B 227 7.04 18.53 -14.38
N ASP B 228 7.43 19.69 -13.85
CA ASP B 228 6.51 20.52 -13.09
C ASP B 228 5.38 21.06 -13.95
N SER B 229 5.68 21.46 -15.19
CA SER B 229 4.67 22.00 -16.09
C SER B 229 3.62 20.97 -16.48
N TYR B 230 4.03 19.73 -16.75
CA TYR B 230 3.06 18.69 -17.04
C TYR B 230 2.20 18.35 -15.82
N GLU B 231 2.79 18.38 -14.63
CA GLU B 231 2.22 17.68 -13.47
C GLU B 231 0.91 18.32 -13.00
N ARG B 232 0.60 19.53 -13.45
CA ARG B 232 -0.72 20.11 -13.28
C ARG B 232 -1.54 19.91 -14.54
N ASN B 233 -2.83 19.57 -14.35
CA ASN B 233 -3.88 19.47 -15.39
C ASN B 233 -3.47 18.63 -16.61
N GLY B 234 -2.67 17.59 -16.41
CA GLY B 234 -2.50 16.57 -17.44
C GLY B 234 -1.46 15.54 -17.05
N TYR B 235 -1.78 14.25 -17.17
CA TYR B 235 -0.91 13.25 -16.59
C TYR B 235 -1.22 11.90 -17.24
N THR B 236 -0.31 11.40 -18.07
CA THR B 236 -0.51 10.14 -18.75
C THR B 236 0.80 9.39 -18.74
N ILE B 237 0.76 8.10 -18.41
CA ILE B 237 1.94 7.25 -18.38
C ILE B 237 1.75 6.14 -19.40
N LYS B 238 2.67 6.07 -20.37
CA LYS B 238 2.62 5.02 -21.37
C LYS B 238 4.04 4.69 -21.80
N ASP B 239 4.35 3.39 -21.88
CA ASP B 239 5.69 2.88 -22.22
C ASP B 239 6.75 3.45 -21.27
N LEU B 240 6.35 3.65 -20.01
CA LEU B 240 7.17 4.29 -18.98
C LEU B 240 7.70 5.65 -19.40
N ILE B 241 6.86 6.45 -20.05
CA ILE B 241 7.14 7.87 -20.21
C ILE B 241 5.87 8.63 -19.84
N ALA B 242 6.06 9.80 -19.25
CA ALA B 242 4.98 10.67 -18.81
C ALA B 242 4.76 11.76 -19.83
N VAL B 243 3.55 11.83 -20.37
CA VAL B 243 3.16 12.81 -21.36
C VAL B 243 1.92 13.53 -20.84
N LYS B 244 1.66 14.71 -21.36
CA LYS B 244 0.50 15.49 -20.97
C LYS B 244 -0.79 14.83 -21.46
N TRP B 245 -1.91 15.37 -21.02
CA TRP B 245 -3.23 14.87 -21.40
C TRP B 245 -3.87 15.89 -22.33
N GLU B 246 -4.40 15.41 -23.46
CA GLU B 246 -4.95 16.28 -24.48
C GLU B 246 -6.37 15.88 -24.88
N ASP B 247 -7.02 15.06 -24.04
CA ASP B 247 -8.41 14.65 -24.21
C ASP B 247 -8.69 13.98 -25.55
N SER B 248 -7.75 13.17 -26.03
CA SER B 248 -7.88 12.52 -27.32
C SER B 248 -7.79 11.01 -27.27
N PHE B 249 -7.25 10.44 -26.20
CA PHE B 249 -7.08 9.00 -26.08
C PHE B 249 -7.70 8.48 -24.79
N ALA B 250 -8.83 9.06 -24.39
CA ALA B 250 -9.55 8.61 -23.21
C ALA B 250 -10.31 7.30 -23.44
N GLU B 251 -10.61 6.97 -24.69
CA GLU B 251 -11.36 5.77 -25.03
C GLU B 251 -10.48 4.55 -25.30
N GLN B 252 -9.16 4.70 -25.27
CA GLN B 252 -8.23 3.61 -25.48
C GLN B 252 -7.67 3.07 -24.17
N GLY B 253 -8.41 3.17 -23.08
CA GLY B 253 -7.92 2.73 -21.79
C GLY B 253 -6.89 3.64 -21.16
N TYR B 254 -6.54 4.75 -21.80
CA TYR B 254 -5.59 5.68 -21.21
C TYR B 254 -6.37 6.72 -20.42
N LYS B 255 -5.97 6.92 -19.18
CA LYS B 255 -6.69 7.81 -18.27
C LYS B 255 -5.71 8.82 -17.65
N LYS B 256 -6.24 9.99 -17.33
CA LYS B 256 -5.47 11.05 -16.72
C LYS B 256 -5.56 10.96 -15.20
N TYR B 257 -4.50 11.42 -14.55
CA TYR B 257 -4.47 11.56 -13.11
C TYR B 257 -4.03 12.98 -12.77
N VAL B 258 -3.80 13.22 -11.49
CA VAL B 258 -3.18 14.46 -11.01
C VAL B 258 -2.09 14.09 -10.01
N SER B 259 -1.05 14.91 -9.93
CA SER B 259 0.02 14.70 -8.98
C SER B 259 0.44 16.02 -8.33
N ASN B 260 0.80 15.94 -7.05
CA ASN B 260 1.27 17.10 -6.32
C ASN B 260 2.77 17.30 -6.55
N TYR B 261 3.12 18.51 -6.98
CA TYR B 261 4.50 18.84 -7.34
C TYR B 261 5.30 19.40 -6.17
N LEU B 262 4.85 19.22 -4.94
CA LEU B 262 5.58 19.67 -3.77
C LEU B 262 6.34 18.56 -3.08
N GLU B 263 5.90 17.30 -3.22
CA GLU B 263 6.58 16.17 -2.60
C GLU B 263 6.69 15.03 -3.60
N SER B 264 7.74 14.21 -3.43
CA SER B 264 7.90 13.02 -4.26
C SER B 264 6.77 12.03 -4.03
N ASN B 265 6.24 11.98 -2.82
CA ASN B 265 5.10 11.15 -2.48
C ASN B 265 3.86 12.05 -2.50
N THR B 266 3.11 11.99 -3.61
CA THR B 266 1.82 12.66 -3.67
C THR B 266 0.84 12.08 -2.66
N ALA B 267 0.80 10.75 -2.56
CA ALA B 267 -0.02 10.09 -1.57
C ALA B 267 0.82 9.76 -0.34
N GLY B 268 0.17 9.23 0.69
CA GLY B 268 0.84 8.84 1.91
C GLY B 268 1.49 7.48 1.88
N ASP B 269 1.44 6.80 0.73
CA ASP B 269 2.04 5.48 0.58
C ASP B 269 3.56 5.58 0.62
N PRO B 270 4.27 4.43 0.92
CA PRO B 270 5.73 4.40 0.75
C PRO B 270 6.17 4.15 -0.70
N TYR B 271 5.54 4.86 -1.63
CA TYR B 271 5.81 4.75 -3.05
C TYR B 271 5.53 6.10 -3.70
N THR B 272 6.30 6.44 -4.73
CA THR B 272 6.11 7.71 -5.41
C THR B 272 4.94 7.63 -6.39
N ASP B 273 4.55 8.81 -6.87
CA ASP B 273 3.32 8.94 -7.66
C ASP B 273 3.46 8.33 -9.06
N TYR B 274 4.56 8.63 -9.75
CA TYR B 274 4.74 8.08 -11.10
C TYR B 274 4.99 6.59 -11.06
N GLU B 275 5.76 6.12 -10.08
CA GLU B 275 6.07 4.70 -9.96
C GLU B 275 4.82 3.90 -9.62
N LYS B 276 3.94 4.44 -8.77
CA LYS B 276 2.67 3.78 -8.50
C LYS B 276 1.66 3.99 -9.62
N ALA B 277 1.87 4.97 -10.50
CA ALA B 277 1.01 5.14 -11.66
C ALA B 277 1.55 4.45 -12.91
N SER B 278 2.68 3.78 -12.81
CA SER B 278 3.27 3.07 -13.93
C SER B 278 3.11 1.56 -13.84
N GLY B 279 2.69 1.03 -12.69
CA GLY B 279 2.55 -0.40 -12.54
C GLY B 279 3.82 -1.14 -12.17
N SER B 280 4.89 -0.44 -11.81
CA SER B 280 6.17 -1.06 -11.51
C SER B 280 6.26 -1.36 -10.01
N PHE B 281 5.26 -2.07 -9.51
CA PHE B 281 5.15 -2.36 -8.09
C PHE B 281 4.31 -3.63 -7.91
N ASP B 282 3.81 -3.83 -6.70
CA ASP B 282 3.06 -5.03 -6.35
C ASP B 282 1.78 -5.15 -7.17
N LYS B 283 1.49 -6.37 -7.63
CA LYS B 283 0.28 -6.61 -8.42
C LYS B 283 -0.89 -7.13 -7.60
N ALA B 284 -0.67 -7.56 -6.35
CA ALA B 284 -1.75 -8.04 -5.52
C ALA B 284 -2.69 -6.92 -5.09
N ILE B 285 -2.21 -5.67 -5.10
CA ILE B 285 -3.07 -4.52 -4.85
C ILE B 285 -4.13 -4.43 -5.93
N LYS B 286 -5.30 -3.91 -5.57
CA LYS B 286 -6.34 -3.67 -6.55
C LYS B 286 -5.90 -2.63 -7.57
N THR B 287 -6.26 -2.85 -8.84
CA THR B 287 -5.68 -2.05 -9.92
C THR B 287 -6.23 -0.63 -9.97
N GLU B 288 -7.33 -0.34 -9.28
CA GLU B 288 -7.80 1.04 -9.19
C GLU B 288 -7.00 1.87 -8.20
N ALA B 289 -6.09 1.24 -7.46
CA ALA B 289 -5.18 1.97 -6.58
C ALA B 289 -3.91 2.42 -7.28
N ARG B 290 -3.78 2.14 -8.59
CA ARG B 290 -2.66 2.68 -9.36
C ARG B 290 -2.77 4.18 -9.57
N ASP B 291 -3.92 4.77 -9.33
CA ASP B 291 -4.07 6.21 -9.35
C ASP B 291 -3.23 6.83 -8.25
N PRO B 292 -2.35 7.80 -8.57
CA PRO B 292 -1.47 8.38 -7.54
C PRO B 292 -2.20 9.13 -6.44
N LEU B 293 -3.44 9.53 -6.66
CA LEU B 293 -4.24 10.20 -5.63
C LEU B 293 -4.92 9.20 -4.71
N VAL B 294 -4.84 7.91 -5.00
CA VAL B 294 -5.39 6.84 -4.16
C VAL B 294 -4.23 6.08 -3.54
N ALA B 295 -4.22 6.02 -2.21
CA ALA B 295 -3.15 5.35 -1.47
C ALA B 295 -3.59 3.96 -1.01
N ALA B 296 -2.59 3.13 -0.72
CA ALA B 296 -2.83 1.78 -0.24
C ALA B 296 -3.18 1.80 1.25
N TYR B 297 -4.30 1.18 1.60
CA TYR B 297 -4.73 1.16 2.99
C TYR B 297 -5.35 -0.18 3.35
N PRO B 298 -4.66 -1.00 4.15
CA PRO B 298 -5.20 -2.32 4.52
C PRO B 298 -5.96 -2.32 5.85
N ILE B 299 -7.04 -3.09 5.89
CA ILE B 299 -7.86 -3.26 7.09
C ILE B 299 -8.04 -4.74 7.36
N VAL B 300 -7.76 -5.17 8.58
CA VAL B 300 -7.97 -6.54 9.02
C VAL B 300 -9.27 -6.57 9.82
N GLY B 301 -10.19 -7.46 9.44
CA GLY B 301 -11.41 -7.67 10.18
C GLY B 301 -11.55 -9.13 10.56
N VAL B 302 -12.30 -9.39 11.62
CA VAL B 302 -12.56 -10.75 12.10
C VAL B 302 -14.07 -10.96 12.14
N GLY B 303 -14.50 -12.16 11.75
CA GLY B 303 -15.91 -12.47 11.69
C GLY B 303 -16.21 -13.82 12.28
N MET B 304 -17.14 -13.84 13.23
CA MET B 304 -17.58 -15.08 13.84
C MET B 304 -18.70 -15.70 12.99
N GLU B 305 -18.70 -17.02 12.92
CA GLU B 305 -19.62 -17.75 12.07
C GLU B 305 -20.67 -18.52 12.85
N LYS B 306 -20.26 -19.37 13.78
CA LYS B 306 -21.22 -20.05 14.65
C LYS B 306 -20.64 -20.12 16.05
N LEU B 307 -21.52 -20.18 17.04
CA LEU B 307 -21.14 -20.16 18.44
C LEU B 307 -21.38 -21.53 19.07
N ILE B 308 -20.42 -21.99 19.85
CA ILE B 308 -20.55 -23.24 20.60
C ILE B 308 -20.22 -22.96 22.06
N ILE B 309 -21.07 -23.46 22.95
CA ILE B 309 -20.87 -23.33 24.39
C ILE B 309 -20.71 -24.71 24.98
N SER B 310 -19.57 -24.95 25.66
CA SER B 310 -19.29 -26.23 26.29
C SER B 310 -18.77 -25.97 27.70
N THR B 311 -19.06 -26.89 28.61
CA THR B 311 -18.79 -26.70 30.03
C THR B 311 -17.47 -27.28 30.49
N ASN B 312 -16.63 -27.75 29.57
CA ASN B 312 -15.34 -28.33 29.93
C ASN B 312 -14.21 -27.50 29.34
N GLU B 313 -13.18 -27.26 30.15
CA GLU B 313 -12.03 -26.48 29.71
C GLU B 313 -11.14 -27.26 28.75
N HIS B 314 -11.07 -28.58 28.90
CA HIS B 314 -10.26 -29.38 28.00
C HIS B 314 -10.88 -29.50 26.61
N ALA B 315 -12.19 -29.35 26.51
CA ALA B 315 -12.88 -29.42 25.22
C ALA B 315 -13.98 -28.37 25.13
N GLN B 319 -16.25 -34.20 28.89
CA GLN B 319 -17.63 -34.26 28.42
C GLN B 319 -18.49 -33.21 29.12
N GLY B 320 -19.79 -33.30 28.92
CA GLY B 320 -20.72 -32.35 29.52
C GLY B 320 -21.83 -31.95 28.58
N LYS B 321 -22.26 -30.69 28.66
CA LYS B 321 -23.32 -30.16 27.81
C LYS B 321 -22.73 -29.16 26.82
N THR B 322 -22.95 -29.39 25.53
CA THR B 322 -22.46 -28.52 24.48
C THR B 322 -23.62 -28.12 23.58
N VAL B 323 -23.81 -26.81 23.42
CA VAL B 323 -24.85 -26.28 22.55
C VAL B 323 -24.20 -25.51 21.42
N SER B 324 -24.92 -25.39 20.31
CA SER B 324 -24.40 -24.73 19.12
C SER B 324 -25.49 -23.90 18.48
N ARG B 325 -25.15 -22.68 18.07
CA ARG B 325 -26.06 -21.79 17.37
C ARG B 325 -25.38 -21.26 16.11
N ALA B 326 -26.16 -21.07 15.07
CA ALA B 326 -25.66 -20.65 13.76
C ALA B 326 -25.92 -19.16 13.57
N THR B 327 -24.87 -18.40 13.31
CA THR B 327 -24.95 -16.96 13.18
C THR B 327 -24.54 -16.53 11.78
N THR B 328 -24.80 -15.26 11.46
CA THR B 328 -24.30 -14.60 10.28
C THR B 328 -23.72 -13.26 10.67
N ASN B 329 -22.63 -12.87 10.01
CA ASN B 329 -21.89 -11.67 10.35
C ASN B 329 -22.16 -10.54 9.37
N SER B 330 -22.22 -9.31 9.89
CA SER B 330 -22.45 -8.12 9.09
C SER B 330 -21.45 -7.05 9.49
N LYS B 331 -21.06 -6.23 8.51
CA LYS B 331 -19.96 -5.29 8.65
C LYS B 331 -20.41 -3.91 9.12
N THR B 332 -21.53 -3.40 8.59
CA THR B 332 -22.01 -2.06 8.89
C THR B 332 -23.32 -2.17 9.66
N GLU B 333 -23.23 -2.30 10.97
CA GLU B 333 -24.40 -2.36 11.84
C GLU B 333 -24.41 -1.24 12.87
N SER B 334 -23.28 -1.02 13.56
CA SER B 334 -23.21 0.02 14.58
C SER B 334 -23.25 1.42 13.99
N ASN B 335 -22.66 1.62 12.80
CA ASN B 335 -22.76 2.92 12.14
C ASN B 335 -24.20 3.22 11.72
N THR B 336 -24.91 2.21 11.22
CA THR B 336 -26.29 2.39 10.80
C THR B 336 -27.25 2.47 11.98
N ALA B 337 -26.87 1.90 13.12
CA ALA B 337 -27.74 1.92 14.30
C ALA B 337 -27.93 3.31 14.88
N GLY B 338 -27.03 4.25 14.58
CA GLY B 338 -27.16 5.60 15.07
C GLY B 338 -27.84 6.52 14.08
N VAL B 339 -28.53 5.94 13.10
CA VAL B 339 -29.18 6.67 12.03
C VAL B 339 -30.68 6.64 12.25
N SER B 340 -31.31 7.81 12.26
CA SER B 340 -32.75 7.94 12.34
C SER B 340 -33.33 8.24 10.97
N VAL B 341 -34.62 8.00 10.82
CA VAL B 341 -35.32 8.16 9.55
C VAL B 341 -36.42 9.19 9.71
N ASN B 342 -36.82 9.77 8.58
CA ASN B 342 -37.85 10.80 8.55
C ASN B 342 -38.71 10.62 7.30
N VAL B 343 -39.95 11.11 7.39
CA VAL B 343 -40.90 10.95 6.29
C VAL B 343 -40.45 11.76 5.08
N GLY B 344 -40.07 13.02 5.29
CA GLY B 344 -39.59 13.85 4.21
C GLY B 344 -38.25 14.47 4.58
N TYR B 345 -37.54 14.92 3.55
CA TYR B 345 -36.20 15.48 3.72
C TYR B 345 -36.22 16.93 3.27
N GLN B 346 -35.93 17.84 4.20
CA GLN B 346 -35.92 19.26 3.89
C GLN B 346 -34.68 19.61 3.07
N ASN B 347 -34.79 20.70 2.31
CA ASN B 347 -33.82 21.45 1.50
C ASN B 347 -32.98 20.47 0.67
N GLY B 348 -31.70 20.78 0.45
CA GLY B 348 -30.83 19.92 -0.32
C GLY B 348 -30.22 18.75 0.42
N PHE B 349 -30.50 18.60 1.71
CA PHE B 349 -29.92 17.50 2.47
C PHE B 349 -30.81 16.26 2.32
N THR B 350 -30.36 15.34 1.47
CA THR B 350 -31.12 14.16 1.07
C THR B 350 -30.56 12.90 1.73
N ALA B 351 -29.92 13.07 2.89
CA ALA B 351 -29.34 11.96 3.63
C ALA B 351 -29.84 12.02 5.06
N ASN B 352 -29.25 11.21 5.93
CA ASN B 352 -29.40 11.33 7.36
C ASN B 352 -28.03 11.41 8.02
N VAL B 353 -28.04 11.37 9.36
CA VAL B 353 -26.82 11.41 10.15
C VAL B 353 -26.69 10.10 10.91
N THR B 354 -25.46 9.77 11.31
CA THR B 354 -25.24 8.70 12.27
C THR B 354 -24.83 9.33 13.60
N THR B 355 -25.23 8.65 14.68
CA THR B 355 -24.93 9.18 16.02
C THR B 355 -23.44 9.08 16.32
N ASN B 356 -22.85 7.92 16.10
CA ASN B 356 -21.41 7.75 16.18
C ASN B 356 -20.94 7.08 14.89
N TYR B 357 -19.70 7.36 14.51
CA TYR B 357 -19.17 6.84 13.26
C TYR B 357 -18.16 5.73 13.55
N SER B 358 -18.34 4.60 12.86
CA SER B 358 -17.43 3.48 12.95
C SER B 358 -17.24 2.88 11.56
N HIS B 359 -16.07 2.29 11.35
CA HIS B 359 -15.74 1.66 10.08
C HIS B 359 -16.24 0.21 10.10
N THR B 360 -15.80 -0.58 9.12
CA THR B 360 -16.14 -2.00 9.07
C THR B 360 -15.13 -2.86 9.82
N THR B 361 -14.27 -2.25 10.64
CA THR B 361 -13.32 -3.01 11.46
C THR B 361 -14.06 -3.86 12.49
N ASP B 362 -15.05 -3.27 13.16
CA ASP B 362 -15.93 -4.02 14.06
C ASP B 362 -17.08 -4.59 13.25
N ASN B 363 -17.63 -5.70 13.75
CA ASN B 363 -18.71 -6.41 13.08
C ASN B 363 -19.75 -6.84 14.09
N SER B 364 -20.96 -7.11 13.60
CA SER B 364 -22.06 -7.55 14.45
C SER B 364 -22.62 -8.87 13.92
N THR B 365 -22.91 -9.79 14.83
CA THR B 365 -23.40 -11.11 14.46
C THR B 365 -24.85 -11.27 14.87
N ALA B 366 -25.64 -11.91 14.01
CA ALA B 366 -27.05 -12.16 14.27
C ALA B 366 -27.34 -13.64 14.11
N VAL B 367 -28.03 -14.22 15.09
CA VAL B 367 -28.31 -15.65 15.09
C VAL B 367 -29.62 -15.89 14.33
N GLN B 368 -29.56 -16.73 13.30
CA GLN B 368 -30.75 -17.16 12.58
C GLN B 368 -31.32 -18.44 13.15
N ASP B 369 -30.45 -19.39 13.49
CA ASP B 369 -30.88 -20.66 14.08
C ASP B 369 -31.05 -20.45 15.60
N SER B 370 -32.13 -19.75 15.95
CA SER B 370 -32.47 -19.56 17.35
C SER B 370 -33.99 -19.37 17.44
N ASN B 371 -34.70 -20.44 17.76
CA ASN B 371 -36.11 -20.34 18.07
C ASN B 371 -36.28 -19.96 19.54
N GLY B 372 -37.52 -19.90 20.00
CA GLY B 372 -37.76 -19.46 21.36
C GLY B 372 -37.29 -20.46 22.40
N GLU B 373 -36.15 -20.15 23.02
CA GLU B 373 -35.52 -20.96 24.05
C GLU B 373 -34.37 -20.16 24.66
N SER B 374 -34.24 -20.22 25.97
CA SER B 374 -33.16 -19.51 26.64
C SER B 374 -31.89 -20.35 26.66
N TRP B 375 -30.75 -19.67 26.85
CA TRP B 375 -29.47 -20.37 26.92
C TRP B 375 -29.27 -21.09 28.25
N ASN B 376 -30.03 -20.71 29.29
CA ASN B 376 -29.86 -21.34 30.59
C ASN B 376 -30.42 -22.76 30.61
N THR B 377 -31.41 -23.04 29.77
CA THR B 377 -32.02 -24.37 29.73
C THR B 377 -31.02 -25.42 29.24
N GLY B 378 -30.23 -25.09 28.23
CA GLY B 378 -29.23 -25.99 27.70
C GLY B 378 -27.88 -25.93 28.38
N LEU B 379 -27.74 -25.14 29.43
CA LEU B 379 -26.46 -24.97 30.13
C LEU B 379 -26.54 -25.34 31.60
N SER B 380 -27.70 -25.16 32.24
CA SER B 380 -27.96 -25.51 33.64
C SER B 380 -26.98 -24.81 34.59
N ILE B 381 -27.07 -23.49 34.61
CA ILE B 381 -26.23 -22.64 35.45
C ILE B 381 -27.09 -22.08 36.57
N ASN B 382 -26.72 -22.35 37.82
CA ASN B 382 -27.57 -22.00 38.95
C ASN B 382 -27.22 -20.66 39.59
N LYS B 383 -26.03 -20.51 40.17
CA LYS B 383 -25.69 -19.27 40.86
C LYS B 383 -24.47 -18.56 40.27
N GLY B 384 -23.30 -19.21 40.27
CA GLY B 384 -22.09 -18.51 39.89
C GLY B 384 -21.21 -19.16 38.84
N GLU B 385 -21.27 -20.49 38.72
CA GLU B 385 -20.34 -21.22 37.87
C GLU B 385 -20.95 -21.39 36.49
N SER B 386 -20.23 -20.94 35.47
CA SER B 386 -20.72 -20.96 34.10
C SER B 386 -19.80 -21.81 33.22
N ALA B 387 -20.22 -21.97 31.97
CA ALA B 387 -19.51 -22.80 31.00
C ALA B 387 -18.40 -22.00 30.34
N TYR B 388 -17.85 -22.55 29.25
CA TYR B 388 -16.83 -21.87 28.46
C TYR B 388 -17.37 -21.63 27.06
N ILE B 389 -17.03 -20.47 26.50
CA ILE B 389 -17.52 -20.04 25.20
C ILE B 389 -16.42 -20.20 24.16
N ASN B 390 -16.76 -20.88 23.06
CA ASN B 390 -15.87 -21.02 21.93
C ASN B 390 -16.58 -20.52 20.69
N ALA B 391 -15.80 -20.00 19.74
CA ALA B 391 -16.36 -19.44 18.53
C ALA B 391 -15.49 -19.79 17.34
N ASN B 392 -16.12 -19.85 16.17
CA ASN B 392 -15.44 -20.07 14.90
C ASN B 392 -15.27 -18.72 14.23
N VAL B 393 -14.03 -18.37 13.91
CA VAL B 393 -13.73 -17.05 13.39
C VAL B 393 -12.97 -17.18 12.06
N ARG B 394 -13.11 -16.15 11.25
CA ARG B 394 -12.35 -15.99 10.02
C ARG B 394 -11.81 -14.57 9.97
N TYR B 395 -10.79 -14.36 9.15
CA TYR B 395 -10.13 -13.07 9.05
C TYR B 395 -10.16 -12.60 7.62
N TYR B 396 -10.56 -11.35 7.40
CA TYR B 396 -10.73 -10.83 6.05
C TYR B 396 -10.01 -9.50 5.91
N ASN B 397 -9.71 -9.16 4.65
CA ASN B 397 -8.96 -7.96 4.31
C ASN B 397 -9.75 -7.20 3.24
N THR B 398 -10.38 -6.09 3.63
CA THR B 398 -11.18 -5.27 2.73
C THR B 398 -10.46 -3.93 2.55
N GLY B 399 -9.53 -3.89 1.61
CA GLY B 399 -8.77 -2.70 1.34
C GLY B 399 -7.82 -2.96 0.18
N THR B 400 -7.20 -1.88 -0.28
CA THR B 400 -6.26 -1.97 -1.41
C THR B 400 -4.81 -2.05 -0.93
N ALA B 401 -4.48 -3.06 -0.09
CA ALA B 401 -3.12 -3.33 0.35
C ALA B 401 -3.00 -4.70 1.01
N PRO B 402 -1.88 -5.40 0.85
CA PRO B 402 -1.66 -6.65 1.57
C PRO B 402 -0.87 -6.45 2.86
N MET B 403 -0.78 -7.54 3.63
CA MET B 403 0.14 -7.62 4.76
C MET B 403 0.57 -9.07 4.90
N TYR B 404 1.78 -9.27 5.43
CA TYR B 404 2.37 -10.59 5.49
C TYR B 404 2.63 -11.07 6.91
N LYS B 405 3.36 -10.31 7.72
CA LYS B 405 3.65 -10.71 9.09
C LYS B 405 2.47 -10.31 9.97
N VAL B 406 1.39 -11.09 9.85
CA VAL B 406 0.11 -10.74 10.46
C VAL B 406 0.16 -11.13 11.94
N THR B 407 0.03 -10.15 12.82
CA THR B 407 -0.07 -10.39 14.27
C THR B 407 -1.23 -9.59 14.81
N PRO B 408 -2.46 -10.06 14.62
CA PRO B 408 -3.63 -9.25 14.99
C PRO B 408 -4.07 -9.46 16.44
N THR B 409 -4.32 -8.36 17.14
CA THR B 409 -4.91 -8.38 18.47
C THR B 409 -6.37 -7.97 18.36
N THR B 410 -7.26 -8.81 18.87
CA THR B 410 -8.70 -8.63 18.70
C THR B 410 -9.41 -8.74 20.04
N ASN B 411 -10.19 -7.72 20.39
CA ASN B 411 -11.02 -7.75 21.58
C ASN B 411 -12.40 -8.29 21.25
N LEU B 412 -12.89 -9.19 22.12
CA LEU B 412 -14.25 -9.72 22.04
C LEU B 412 -15.05 -9.00 23.13
N VAL B 413 -16.07 -8.24 22.72
CA VAL B 413 -16.74 -7.30 23.60
C VAL B 413 -18.25 -7.51 23.47
N LEU B 414 -18.99 -7.09 24.51
CA LEU B 414 -20.44 -7.01 24.48
C LEU B 414 -20.86 -5.80 25.31
N ASP B 415 -21.44 -4.80 24.62
CA ASP B 415 -21.80 -3.46 25.10
C ASP B 415 -20.78 -2.82 26.05
N GLY B 416 -19.50 -2.97 25.75
CA GLY B 416 -18.47 -2.31 26.54
C GLY B 416 -17.64 -3.27 27.38
N ASP B 417 -18.26 -4.36 27.84
CA ASP B 417 -17.57 -5.34 28.66
C ASP B 417 -16.63 -6.16 27.78
N THR B 418 -15.34 -5.86 27.86
CA THR B 418 -14.33 -6.62 27.12
C THR B 418 -14.20 -8.00 27.77
N LEU B 419 -14.73 -9.02 27.08
CA LEU B 419 -14.65 -10.38 27.61
C LEU B 419 -13.21 -10.86 27.67
N SER B 420 -12.49 -10.74 26.56
CA SER B 420 -11.08 -11.11 26.49
C SER B 420 -10.48 -10.48 25.23
N THR B 421 -9.17 -10.67 25.08
CA THR B 421 -8.45 -10.35 23.86
C THR B 421 -7.75 -11.61 23.37
N ILE B 422 -7.58 -11.70 22.06
CA ILE B 422 -6.93 -12.83 21.42
C ILE B 422 -5.90 -12.31 20.42
N LYS B 423 -4.72 -12.89 20.47
CA LYS B 423 -3.70 -12.68 19.44
C LYS B 423 -3.68 -13.94 18.59
N ALA B 424 -3.77 -13.76 17.26
CA ALA B 424 -3.71 -14.91 16.38
C ALA B 424 -2.28 -15.36 16.13
N GLN B 425 -1.32 -14.50 16.46
CA GLN B 425 0.15 -14.57 16.21
C GLN B 425 0.37 -15.04 14.76
N GLU B 426 1.35 -15.91 14.52
CA GLU B 426 1.79 -16.25 13.18
C GLU B 426 1.37 -17.64 12.72
N ASN B 427 1.23 -18.60 13.63
CA ASN B 427 1.03 -20.00 13.28
C ASN B 427 -0.41 -20.34 12.91
N GLN B 428 -1.37 -19.45 13.16
CA GLN B 428 -2.76 -19.75 12.87
C GLN B 428 -3.34 -18.97 11.70
N ILE B 429 -2.82 -17.77 11.42
CA ILE B 429 -3.38 -16.93 10.38
C ILE B 429 -2.58 -16.98 9.08
N GLY B 430 -1.34 -17.46 9.11
CA GLY B 430 -0.54 -17.57 7.92
C GLY B 430 0.31 -16.34 7.66
N ASN B 431 1.34 -16.53 6.85
CA ASN B 431 2.29 -15.46 6.51
C ASN B 431 1.80 -14.59 5.36
N ASN B 432 0.52 -14.64 5.02
CA ASN B 432 -0.03 -13.78 3.99
C ASN B 432 -1.51 -13.58 4.24
N LEU B 433 -1.99 -12.38 3.89
CA LEU B 433 -3.41 -12.11 3.81
C LEU B 433 -3.59 -11.13 2.67
N SER B 434 -3.83 -11.66 1.47
CA SER B 434 -3.92 -10.83 0.28
C SER B 434 -5.23 -10.05 0.28
N PRO B 435 -5.26 -8.87 -0.32
CA PRO B 435 -6.53 -8.16 -0.48
C PRO B 435 -7.47 -8.89 -1.43
N GLY B 436 -8.76 -8.76 -1.17
CA GLY B 436 -9.78 -9.40 -1.99
C GLY B 436 -10.21 -10.78 -1.55
N ASP B 437 -9.56 -11.35 -0.53
CA ASP B 437 -9.93 -12.67 -0.02
C ASP B 437 -9.82 -12.68 1.49
N THR B 438 -10.66 -13.49 2.12
CA THR B 438 -10.56 -13.72 3.55
C THR B 438 -9.54 -14.83 3.84
N TYR B 439 -9.40 -15.14 5.13
CA TYR B 439 -8.42 -16.17 5.54
C TYR B 439 -8.73 -17.57 5.00
N PRO B 440 -9.98 -18.07 4.99
CA PRO B 440 -10.24 -19.27 4.18
C PRO B 440 -10.41 -18.89 2.72
N LYS B 441 -9.73 -19.61 1.83
CA LYS B 441 -9.75 -19.29 0.40
C LYS B 441 -11.06 -19.81 -0.19
N LYS B 442 -11.99 -18.89 -0.46
CA LYS B 442 -13.34 -19.16 -1.00
C LYS B 442 -14.04 -20.07 0.00
N GLY B 443 -14.61 -21.20 -0.43
CA GLY B 443 -15.35 -22.03 0.49
C GLY B 443 -14.58 -23.18 1.11
N LEU B 444 -14.03 -22.96 2.30
CA LEU B 444 -13.43 -24.01 3.12
C LEU B 444 -13.93 -23.89 4.56
N SER B 445 -13.35 -24.66 5.47
CA SER B 445 -13.79 -24.63 6.86
C SER B 445 -13.18 -23.44 7.59
N PRO B 446 -13.95 -22.74 8.42
CA PRO B 446 -13.42 -21.58 9.14
C PRO B 446 -12.50 -22.01 10.28
N LEU B 447 -11.69 -21.05 10.74
CA LEU B 447 -10.80 -21.30 11.86
C LEU B 447 -11.59 -21.39 13.16
N ALA B 448 -11.21 -22.34 14.00
CA ALA B 448 -11.80 -22.51 15.33
C ALA B 448 -10.84 -21.98 16.39
N LEU B 449 -11.42 -21.48 17.48
CA LEU B 449 -10.63 -20.96 18.59
C LEU B 449 -10.27 -22.08 19.58
N ASN B 450 -9.54 -23.07 19.05
CA ASN B 450 -9.02 -24.16 19.85
C ASN B 450 -7.50 -24.24 19.86
N THR B 451 -6.81 -23.43 19.05
CA THR B 451 -5.36 -23.43 19.00
C THR B 451 -4.81 -22.05 19.38
N SER B 457 -5.98 -17.56 24.42
CA SER B 457 -5.41 -18.17 23.22
C SER B 457 -6.02 -19.54 22.95
N ARG B 458 -6.42 -20.22 24.02
CA ARG B 458 -7.07 -21.53 23.92
C ARG B 458 -8.57 -21.43 24.15
N LEU B 459 -9.00 -20.87 25.27
CA LEU B 459 -10.41 -20.69 25.56
C LEU B 459 -10.59 -19.39 26.34
N ILE B 460 -11.82 -18.88 26.31
CA ILE B 460 -12.17 -17.67 27.03
C ILE B 460 -13.31 -17.98 28.00
N PRO B 461 -13.32 -17.40 29.19
CA PRO B 461 -14.34 -17.74 30.17
C PRO B 461 -15.55 -16.80 30.08
N ILE B 462 -16.57 -17.15 30.86
CA ILE B 462 -17.82 -16.40 30.91
C ILE B 462 -18.47 -16.68 32.26
N ASN B 463 -19.32 -15.74 32.71
CA ASN B 463 -19.96 -15.83 34.01
C ASN B 463 -21.47 -15.67 33.87
N TYR B 464 -22.18 -15.88 34.99
CA TYR B 464 -23.65 -15.80 35.01
C TYR B 464 -24.12 -14.41 35.40
N ASP B 465 -23.66 -13.40 34.69
CA ASP B 465 -24.18 -12.04 34.78
C ASP B 465 -24.36 -11.43 33.41
N GLN B 466 -23.87 -12.08 32.36
CA GLN B 466 -23.91 -11.59 30.99
C GLN B 466 -24.74 -12.51 30.08
N LEU B 467 -25.03 -13.73 30.52
CA LEU B 467 -25.78 -14.67 29.69
C LEU B 467 -27.20 -14.19 29.42
N LYS B 468 -27.89 -13.69 30.46
CA LYS B 468 -29.24 -13.16 30.25
C LYS B 468 -29.20 -11.84 29.50
N LYS B 469 -28.11 -11.08 29.64
CA LYS B 469 -27.92 -9.88 28.84
C LYS B 469 -27.83 -10.22 27.36
N LEU B 470 -27.10 -11.27 27.02
CA LEU B 470 -27.07 -11.77 25.64
C LEU B 470 -28.43 -12.31 25.24
N ASP B 471 -29.14 -12.95 26.17
CA ASP B 471 -30.42 -13.56 25.86
C ASP B 471 -31.48 -12.52 25.51
N ALA B 472 -31.48 -11.38 26.19
CA ALA B 472 -32.57 -10.44 26.02
C ALA B 472 -32.43 -9.61 24.74
N GLY B 473 -31.44 -8.71 24.70
CA GLY B 473 -31.33 -7.82 23.57
C GLY B 473 -29.98 -7.70 22.89
N LYS B 474 -28.91 -8.07 23.58
CA LYS B 474 -27.57 -7.67 23.19
C LYS B 474 -26.85 -8.78 22.43
N GLN B 475 -25.79 -8.38 21.72
CA GLN B 475 -25.04 -9.25 20.83
C GLN B 475 -23.55 -9.08 21.05
N ILE B 476 -22.79 -10.13 20.71
CA ILE B 476 -21.33 -10.11 20.82
C ILE B 476 -20.74 -9.43 19.60
N LYS B 477 -19.85 -8.46 19.83
CA LYS B 477 -19.09 -7.84 18.75
C LYS B 477 -17.61 -8.15 18.92
N LEU B 478 -16.89 -8.15 17.81
CA LEU B 478 -15.45 -8.36 17.81
C LEU B 478 -14.79 -7.23 17.03
N GLU B 479 -13.67 -6.73 17.55
CA GLU B 479 -12.94 -5.72 16.79
C GLU B 479 -11.45 -5.81 17.11
N THR B 480 -10.62 -5.64 16.09
CA THR B 480 -9.18 -5.66 16.30
C THR B 480 -8.69 -4.26 16.65
N THR B 481 -7.58 -4.21 17.39
CA THR B 481 -7.02 -2.96 17.88
C THR B 481 -5.64 -2.66 17.31
N GLN B 482 -4.69 -3.58 17.46
CA GLN B 482 -3.33 -3.38 16.97
C GLN B 482 -2.99 -4.50 16.00
N VAL B 483 -2.69 -4.12 14.76
CA VAL B 483 -2.39 -5.07 13.68
C VAL B 483 -1.00 -4.77 13.16
N SER B 484 -0.17 -5.80 13.04
CA SER B 484 1.18 -5.68 12.52
C SER B 484 1.27 -6.30 11.14
N GLY B 485 2.14 -5.74 10.31
CA GLY B 485 2.36 -6.26 8.97
C GLY B 485 3.34 -5.39 8.22
N ASN B 486 3.89 -5.96 7.15
CA ASN B 486 4.89 -5.32 6.31
C ASN B 486 4.37 -5.15 4.89
N PHE B 487 5.01 -4.28 4.12
CA PHE B 487 4.64 -4.04 2.73
C PHE B 487 5.77 -4.47 1.80
N GLY B 488 5.39 -4.89 0.60
CA GLY B 488 6.34 -5.35 -0.40
C GLY B 488 6.79 -4.24 -1.32
N THR B 489 8.04 -4.33 -1.76
CA THR B 489 8.61 -3.37 -2.70
C THR B 489 9.76 -4.05 -3.45
N LYS B 490 10.13 -3.45 -4.57
CA LYS B 490 11.21 -3.98 -5.38
C LYS B 490 12.56 -3.72 -4.71
N ASN B 491 13.54 -4.57 -5.03
CA ASN B 491 14.91 -4.36 -4.59
C ASN B 491 15.65 -3.58 -5.67
N SER B 492 16.99 -3.52 -5.55
CA SER B 492 17.79 -2.87 -6.58
C SER B 492 17.75 -3.63 -7.90
N SER B 493 18.00 -4.94 -7.86
CA SER B 493 18.18 -5.72 -9.08
C SER B 493 17.17 -6.85 -9.25
N GLY B 494 17.05 -7.72 -8.25
CA GLY B 494 16.37 -8.99 -8.44
C GLY B 494 15.04 -9.18 -7.74
N GLN B 495 15.08 -9.79 -6.56
CA GLN B 495 13.88 -10.27 -5.88
C GLN B 495 13.15 -9.11 -5.21
N ILE B 496 12.18 -9.44 -4.35
CA ILE B 496 11.47 -8.44 -3.56
C ILE B 496 11.53 -8.86 -2.09
N VAL B 497 11.65 -7.86 -1.22
CA VAL B 497 11.86 -8.10 0.21
C VAL B 497 10.82 -7.33 1.01
N THR B 498 10.28 -7.96 2.04
CA THR B 498 9.30 -7.36 2.95
C THR B 498 9.81 -7.41 4.39
N GLU B 499 11.13 -7.40 4.56
CA GLU B 499 11.74 -7.53 5.89
C GLU B 499 11.91 -6.17 6.57
N GLY B 500 12.47 -5.19 5.86
CA GLY B 500 12.64 -3.87 6.42
C GLY B 500 11.50 -2.93 6.11
N ASN B 501 10.27 -3.41 6.26
CA ASN B 501 9.08 -2.63 5.95
C ASN B 501 8.04 -2.88 7.04
N SER B 502 7.06 -1.98 7.13
CA SER B 502 6.03 -2.10 8.15
C SER B 502 4.81 -1.29 7.76
N TRP B 503 3.62 -1.85 8.00
CA TRP B 503 2.37 -1.09 7.98
C TRP B 503 2.02 -0.57 9.37
N SER B 504 2.97 0.09 10.04
CA SER B 504 2.72 0.57 11.39
C SER B 504 3.22 1.99 11.62
N ASP B 505 4.05 2.53 10.74
CA ASP B 505 4.55 3.89 10.86
C ASP B 505 3.91 4.85 9.86
N TYR B 506 2.83 4.44 9.19
CA TYR B 506 2.16 5.28 8.20
C TYR B 506 0.71 5.59 8.56
N ILE B 507 0.16 4.96 9.59
CA ILE B 507 -1.25 5.10 9.90
C ILE B 507 -1.58 6.52 10.37
N SER B 508 -0.78 7.03 11.31
CA SER B 508 -0.98 8.39 11.82
C SER B 508 -0.69 9.43 10.75
N GLN B 509 0.13 9.08 9.75
CA GLN B 509 0.35 9.97 8.62
C GLN B 509 -0.84 10.00 7.67
N ILE B 510 -1.45 8.84 7.38
CA ILE B 510 -2.44 8.79 6.32
C ILE B 510 -3.84 9.14 6.82
N ASP B 511 -4.14 8.87 8.10
CA ASP B 511 -5.46 9.24 8.59
C ASP B 511 -5.59 10.74 8.83
N SER B 512 -4.48 11.41 9.14
CA SER B 512 -4.46 12.85 9.37
C SER B 512 -4.36 13.64 8.08
N ILE B 513 -4.26 12.96 6.93
CA ILE B 513 -4.13 13.64 5.66
C ILE B 513 -5.23 13.26 4.67
N SER B 514 -6.03 12.23 4.93
CA SER B 514 -7.01 11.74 3.98
C SER B 514 -8.39 11.74 4.62
N ALA B 515 -9.40 11.76 3.75
CA ALA B 515 -10.79 11.56 4.16
C ALA B 515 -11.06 10.06 4.22
N SER B 516 -12.33 9.68 4.32
CA SER B 516 -12.68 8.27 4.39
C SER B 516 -14.01 8.04 3.67
N ILE B 517 -14.03 7.07 2.75
CA ILE B 517 -15.24 6.66 2.06
C ILE B 517 -15.42 5.16 2.27
N ILE B 518 -16.65 4.75 2.57
CA ILE B 518 -17.02 3.35 2.71
C ILE B 518 -18.17 3.08 1.75
N LEU B 519 -18.10 1.95 1.04
CA LEU B 519 -19.19 1.47 0.21
C LEU B 519 -19.57 0.07 0.66
N ASP B 520 -20.87 -0.16 0.83
CA ASP B 520 -21.38 -1.42 1.38
C ASP B 520 -22.46 -1.96 0.45
N THR B 521 -22.04 -2.71 -0.56
CA THR B 521 -22.94 -3.60 -1.26
C THR B 521 -23.32 -4.74 -0.33
N GLU B 522 -24.50 -5.32 -0.55
CA GLU B 522 -24.97 -6.42 0.30
C GLU B 522 -24.04 -7.63 0.22
N ASN B 523 -23.32 -7.80 -0.87
CA ASN B 523 -22.36 -8.90 -1.00
C ASN B 523 -20.99 -8.52 -0.42
N GLU B 524 -20.41 -7.43 -0.88
CA GLU B 524 -19.05 -7.08 -0.48
C GLU B 524 -18.99 -5.60 -0.12
N SER B 525 -17.94 -5.23 0.59
CA SER B 525 -17.74 -3.85 1.01
C SER B 525 -16.31 -3.42 0.71
N TYR B 526 -16.14 -2.12 0.45
CA TYR B 526 -14.83 -1.52 0.30
C TYR B 526 -14.78 -0.26 1.14
N GLU B 527 -13.57 0.17 1.47
CA GLU B 527 -13.37 1.47 2.09
C GLU B 527 -11.99 1.99 1.74
N ARG B 528 -11.94 3.25 1.32
CA ARG B 528 -10.72 3.89 0.87
C ARG B 528 -10.52 5.21 1.61
N ARG B 529 -9.28 5.69 1.60
CA ARG B 529 -8.91 6.96 2.21
C ARG B 529 -8.55 7.93 1.10
N VAL B 530 -9.23 9.07 1.06
CA VAL B 530 -9.12 10.03 -0.04
C VAL B 530 -8.48 11.31 0.48
N THR B 531 -7.32 11.67 -0.06
CA THR B 531 -6.77 12.99 0.20
C THR B 531 -7.58 14.04 -0.54
N ALA B 532 -7.76 15.19 0.10
CA ALA B 532 -8.57 16.25 -0.47
C ALA B 532 -7.79 17.55 -0.53
N LYS B 533 -8.47 18.65 -0.81
CA LYS B 533 -7.85 19.97 -0.80
C LYS B 533 -8.21 20.68 0.49
N ASN B 534 -7.19 21.14 1.22
CA ASN B 534 -7.41 21.91 2.42
C ASN B 534 -7.77 23.33 1.98
N LEU B 535 -8.94 23.81 2.40
CA LEU B 535 -9.44 25.07 1.85
C LEU B 535 -8.70 26.27 2.40
N GLN B 536 -8.42 26.31 3.70
CA GLN B 536 -7.87 27.52 4.31
C GLN B 536 -6.34 27.57 4.27
N ASP B 537 -5.79 27.28 3.09
CA ASP B 537 -4.37 27.45 2.78
C ASP B 537 -4.05 27.54 1.29
N PRO B 538 -3.99 28.76 0.75
CA PRO B 538 -3.58 28.91 -0.66
C PRO B 538 -2.16 28.44 -0.95
N GLU B 539 -1.27 28.42 0.05
CA GLU B 539 0.09 27.93 -0.17
C GLU B 539 0.12 26.46 -0.54
N ASP B 540 -0.73 25.64 0.08
CA ASP B 540 -0.75 24.22 -0.22
C ASP B 540 -1.43 23.97 -1.56
N LYS B 541 -0.65 24.00 -2.64
CA LYS B 541 -1.20 23.81 -3.99
C LYS B 541 -1.48 22.32 -4.20
N THR B 542 -2.66 21.91 -3.74
CA THR B 542 -3.18 20.58 -3.95
C THR B 542 -4.49 20.67 -4.73
N PRO B 543 -4.76 19.72 -5.63
CA PRO B 543 -5.97 19.82 -6.45
C PRO B 543 -7.23 19.60 -5.62
N GLU B 544 -8.32 20.20 -6.10
CA GLU B 544 -9.62 20.09 -5.46
C GLU B 544 -10.45 19.01 -6.15
N LEU B 545 -11.36 18.42 -5.40
CA LEU B 545 -12.19 17.33 -5.89
C LEU B 545 -13.63 17.55 -5.50
N THR B 546 -14.53 17.13 -6.38
CA THR B 546 -15.94 16.96 -6.03
C THR B 546 -16.11 15.58 -5.40
N ILE B 547 -17.35 15.27 -5.02
CA ILE B 547 -17.61 14.00 -4.33
C ILE B 547 -17.60 12.85 -5.33
N GLY B 548 -18.39 12.98 -6.40
CA GLY B 548 -18.56 11.88 -7.34
C GLY B 548 -17.31 11.53 -8.12
N GLU B 549 -16.52 12.55 -8.49
CA GLU B 549 -15.24 12.30 -9.14
C GLU B 549 -14.30 11.53 -8.22
N ALA B 550 -14.29 11.88 -6.93
CA ALA B 550 -13.46 11.18 -5.96
C ALA B 550 -13.90 9.73 -5.81
N ILE B 551 -15.22 9.48 -5.77
CA ILE B 551 -15.73 8.11 -5.66
C ILE B 551 -15.35 7.30 -6.90
N GLU B 552 -15.50 7.91 -8.08
CA GLU B 552 -15.19 7.21 -9.33
C GLU B 552 -13.71 6.86 -9.42
N LYS B 553 -12.82 7.79 -9.04
CA LYS B 553 -11.39 7.50 -9.10
C LYS B 553 -10.96 6.53 -8.01
N ALA B 554 -11.59 6.56 -6.82
CA ALA B 554 -11.20 5.67 -5.74
C ALA B 554 -11.72 4.26 -5.90
N PHE B 555 -12.86 4.07 -6.55
CA PHE B 555 -13.42 2.73 -6.75
C PHE B 555 -13.30 2.22 -8.17
N GLY B 556 -13.53 3.06 -9.17
CA GLY B 556 -13.56 2.61 -10.54
C GLY B 556 -14.98 2.39 -11.00
N ALA B 557 -15.52 3.35 -11.74
CA ALA B 557 -16.91 3.26 -12.19
C ALA B 557 -16.98 3.85 -13.59
N THR B 558 -17.64 3.13 -14.48
CA THR B 558 -17.87 3.62 -15.83
C THR B 558 -18.78 4.84 -15.80
N LYS B 559 -18.36 5.88 -16.51
CA LYS B 559 -19.03 7.18 -16.48
C LYS B 559 -19.83 7.33 -17.78
N LYS B 560 -21.10 6.96 -17.73
CA LYS B 560 -22.05 7.31 -18.76
C LYS B 560 -22.58 8.71 -18.46
N ASP B 561 -23.58 9.17 -19.23
CA ASP B 561 -24.04 10.55 -19.16
C ASP B 561 -24.72 10.79 -17.82
N GLY B 562 -23.94 11.27 -16.86
CA GLY B 562 -24.41 11.42 -15.50
C GLY B 562 -24.58 10.10 -14.77
N LEU B 563 -23.88 9.05 -15.19
CA LEU B 563 -24.08 7.73 -14.61
C LEU B 563 -22.74 7.15 -14.18
N LEU B 564 -22.67 6.64 -12.97
CA LEU B 564 -21.51 5.90 -12.48
C LEU B 564 -21.95 4.45 -12.25
N TYR B 565 -21.46 3.55 -13.10
CA TYR B 565 -21.87 2.16 -13.02
C TYR B 565 -20.67 1.28 -12.67
N PHE B 566 -20.87 0.38 -11.72
CA PHE B 566 -19.90 -0.65 -11.40
C PHE B 566 -20.08 -1.82 -12.38
N ASN B 567 -19.48 -2.96 -12.05
CA ASN B 567 -19.71 -4.18 -12.83
C ASN B 567 -21.19 -4.58 -12.81
N ASP B 568 -21.83 -4.50 -11.64
CA ASP B 568 -23.26 -4.79 -11.54
C ASP B 568 -24.06 -3.76 -10.76
N ILE B 569 -23.46 -3.02 -9.85
CA ILE B 569 -24.20 -2.14 -8.93
C ILE B 569 -24.20 -0.74 -9.52
N PRO B 570 -25.37 -0.16 -9.83
CA PRO B 570 -25.41 1.24 -10.24
C PRO B 570 -25.42 2.18 -9.05
N ILE B 571 -24.50 3.13 -9.05
CA ILE B 571 -24.37 4.10 -7.97
C ILE B 571 -24.59 5.51 -8.51
N ASP B 572 -25.53 6.22 -7.90
CA ASP B 572 -25.86 7.60 -8.22
C ASP B 572 -26.25 8.26 -6.92
N GLU B 573 -26.92 9.40 -6.99
CA GLU B 573 -27.48 9.93 -5.75
C GLU B 573 -28.90 9.44 -5.49
N SER B 574 -29.62 9.08 -6.54
CA SER B 574 -31.01 8.66 -6.41
C SER B 574 -31.11 7.15 -6.53
N CYS B 575 -30.00 6.46 -6.31
CA CYS B 575 -29.95 5.01 -6.42
C CYS B 575 -29.37 4.32 -5.20
N VAL B 576 -28.64 5.02 -4.34
CA VAL B 576 -28.02 4.44 -3.16
C VAL B 576 -28.37 5.29 -1.94
N GLU B 577 -27.90 4.85 -0.77
CA GLU B 577 -28.12 5.51 0.50
C GLU B 577 -26.84 6.17 0.97
N LEU B 578 -26.95 7.37 1.54
CA LEU B 578 -25.79 8.12 2.03
C LEU B 578 -25.90 8.30 3.53
N ILE B 579 -24.83 7.95 4.25
CA ILE B 579 -24.75 8.08 5.70
C ILE B 579 -23.56 8.96 6.05
N PHE B 580 -23.82 10.01 6.82
CA PHE B 580 -22.87 10.99 7.33
C PHE B 580 -22.96 11.00 8.85
N ASP B 581 -22.05 11.74 9.49
CA ASP B 581 -22.19 12.03 10.91
C ASP B 581 -22.69 13.47 11.07
N ASP B 582 -22.68 13.96 12.31
CA ASP B 582 -23.17 15.31 12.59
C ASP B 582 -22.28 16.39 11.98
N ASN B 583 -20.96 16.24 12.08
CA ASN B 583 -20.05 17.27 11.59
C ASN B 583 -20.09 17.39 10.08
N THR B 584 -20.16 16.25 9.37
CA THR B 584 -20.33 16.28 7.93
C THR B 584 -21.63 16.97 7.55
N ALA B 585 -22.70 16.72 8.31
CA ALA B 585 -23.98 17.36 8.04
C ALA B 585 -23.89 18.87 8.23
N ASN B 586 -23.22 19.32 9.29
CA ASN B 586 -23.04 20.75 9.51
C ASN B 586 -22.25 21.39 8.38
N LYS B 587 -21.13 20.77 8.00
CA LYS B 587 -20.29 21.35 6.95
C LYS B 587 -20.97 21.31 5.60
N ILE B 588 -21.76 20.27 5.32
CA ILE B 588 -22.40 20.16 4.02
C ILE B 588 -23.63 21.05 3.96
N LYS B 589 -24.24 21.38 5.10
CA LYS B 589 -25.29 22.38 5.09
C LYS B 589 -24.70 23.77 4.97
N ASP B 590 -23.47 23.97 5.45
CA ASP B 590 -22.79 25.23 5.21
C ASP B 590 -22.43 25.41 3.74
N SER B 591 -21.82 24.39 3.14
CA SER B 591 -21.32 24.48 1.77
C SER B 591 -22.38 24.21 0.71
N LEU B 592 -23.49 23.59 1.07
CA LEU B 592 -24.52 23.22 0.09
C LEU B 592 -25.36 24.41 -0.30
N LYS B 593 -25.50 25.40 0.60
CA LYS B 593 -26.30 26.58 0.30
C LYS B 593 -25.63 27.45 -0.77
N THR B 594 -24.30 27.38 -0.88
CA THR B 594 -23.56 28.21 -1.83
C THR B 594 -23.69 27.73 -3.26
N LEU B 595 -24.06 26.47 -3.49
CA LEU B 595 -24.20 25.96 -4.84
C LEU B 595 -25.46 26.49 -5.50
N SER B 596 -25.33 26.93 -6.75
CA SER B 596 -26.45 27.40 -7.54
C SER B 596 -27.18 26.27 -8.26
N ASP B 597 -26.61 25.06 -8.28
CA ASP B 597 -27.29 23.91 -8.85
C ASP B 597 -27.98 23.06 -7.79
N LYS B 598 -27.62 23.22 -6.52
CA LYS B 598 -28.24 22.54 -5.37
C LYS B 598 -28.12 21.02 -5.49
N LYS B 599 -26.90 20.55 -5.69
CA LYS B 599 -26.63 19.11 -5.74
C LYS B 599 -25.54 18.78 -4.74
N ILE B 600 -25.62 17.56 -4.22
CA ILE B 600 -24.78 17.12 -3.11
C ILE B 600 -23.35 16.81 -3.55
N TYR B 601 -23.13 16.39 -4.81
CA TYR B 601 -21.81 15.91 -5.21
C TYR B 601 -20.89 17.01 -5.71
N ASN B 602 -21.44 18.13 -6.20
CA ASN B 602 -20.62 19.23 -6.71
C ASN B 602 -20.20 20.15 -5.56
N VAL B 603 -19.65 19.53 -4.51
CA VAL B 603 -19.13 20.23 -3.35
C VAL B 603 -17.67 19.84 -3.21
N LYS B 604 -16.80 20.84 -3.04
CA LYS B 604 -15.37 20.60 -2.95
C LYS B 604 -15.04 19.78 -1.72
N LEU B 605 -14.21 18.74 -1.91
CA LEU B 605 -13.92 17.79 -0.84
C LEU B 605 -12.89 18.36 0.12
N GLU B 606 -13.06 18.06 1.40
CA GLU B 606 -12.21 18.57 2.46
C GLU B 606 -11.55 17.43 3.21
N ARG B 607 -10.49 17.77 3.95
CA ARG B 607 -9.67 16.78 4.63
C ARG B 607 -10.43 16.08 5.74
N GLY B 608 -10.18 14.78 5.87
CA GLY B 608 -10.63 13.99 7.01
C GLY B 608 -12.12 13.89 7.22
N MET B 609 -12.88 13.65 6.17
CA MET B 609 -14.34 13.67 6.27
C MET B 609 -14.90 12.32 5.86
N ASN B 610 -15.92 11.86 6.58
CA ASN B 610 -16.40 10.50 6.51
C ASN B 610 -17.71 10.39 5.71
N ILE B 611 -17.71 9.47 4.74
CA ILE B 611 -18.85 9.23 3.87
C ILE B 611 -19.12 7.73 3.85
N LEU B 612 -20.39 7.33 3.93
CA LEU B 612 -20.75 5.93 3.72
C LEU B 612 -21.87 5.84 2.68
N ILE B 613 -21.74 4.87 1.78
CA ILE B 613 -22.73 4.58 0.75
C ILE B 613 -23.23 3.16 1.00
N LYS B 614 -24.54 3.01 1.06
CA LYS B 614 -25.19 1.71 1.20
C LYS B 614 -25.95 1.39 -0.08
N THR B 615 -25.59 0.29 -0.72
CA THR B 615 -26.32 -0.18 -1.89
C THR B 615 -27.62 -0.84 -1.43
N PRO B 616 -28.78 -0.39 -1.91
CA PRO B 616 -30.02 -1.08 -1.57
C PRO B 616 -30.04 -2.49 -2.16
N THR B 617 -30.60 -3.42 -1.38
CA THR B 617 -30.70 -4.79 -1.86
C THR B 617 -31.67 -4.89 -3.04
N TYR B 618 -32.66 -4.01 -3.11
CA TYR B 618 -33.55 -3.91 -4.25
C TYR B 618 -33.59 -2.47 -4.69
N PHE B 619 -33.47 -2.23 -5.98
CA PHE B 619 -33.65 -0.87 -6.47
C PHE B 619 -34.20 -0.93 -7.89
N THR B 620 -35.27 -0.18 -8.14
CA THR B 620 -35.83 -0.07 -9.46
C THR B 620 -36.03 1.40 -9.80
N ASN B 621 -36.05 1.67 -11.10
CA ASN B 621 -36.19 3.03 -11.61
C ASN B 621 -37.00 3.10 -12.89
N PHE B 622 -37.73 2.02 -13.23
CA PHE B 622 -38.55 1.93 -14.44
C PHE B 622 -37.73 2.23 -15.68
N ASP B 623 -36.56 1.63 -15.73
CA ASP B 623 -35.54 1.85 -16.74
C ASP B 623 -34.80 0.52 -16.91
N ASP B 624 -33.57 0.59 -17.42
CA ASP B 624 -32.77 -0.61 -17.70
C ASP B 624 -32.49 -1.48 -16.48
N TYR B 625 -32.49 -0.91 -15.27
CA TYR B 625 -32.12 -1.66 -14.07
C TYR B 625 -33.35 -2.01 -13.26
N ASN B 626 -33.47 -3.28 -12.87
CA ASN B 626 -34.52 -3.76 -11.97
C ASN B 626 -34.10 -5.11 -11.42
N ASN B 627 -34.05 -5.24 -10.09
CA ASN B 627 -33.63 -6.50 -9.46
C ASN B 627 -34.63 -6.94 -8.39
N TYR B 628 -35.92 -6.80 -8.66
CA TYR B 628 -36.92 -7.03 -7.63
C TYR B 628 -37.36 -8.49 -7.63
N PRO B 629 -37.74 -9.04 -6.47
CA PRO B 629 -38.27 -10.41 -6.44
C PRO B 629 -39.61 -10.55 -7.13
N SER B 630 -40.47 -9.54 -7.07
CA SER B 630 -41.79 -9.59 -7.67
C SER B 630 -41.87 -8.56 -8.81
N THR B 631 -42.95 -8.62 -9.57
CA THR B 631 -43.20 -7.73 -10.69
C THR B 631 -44.14 -6.62 -10.22
N TRP B 632 -43.77 -5.38 -10.50
CA TRP B 632 -44.57 -4.24 -10.08
C TRP B 632 -45.87 -4.19 -10.87
N SER B 633 -46.93 -3.71 -10.20
CA SER B 633 -48.27 -3.69 -10.77
C SER B 633 -48.64 -2.29 -11.23
N ASN B 634 -49.40 -2.22 -12.33
CA ASN B 634 -49.86 -0.98 -12.94
C ASN B 634 -48.67 -0.08 -13.31
N VAL B 635 -47.84 -0.59 -14.20
CA VAL B 635 -46.60 0.07 -14.61
C VAL B 635 -46.82 0.72 -15.96
N ASN B 636 -46.57 2.02 -16.03
CA ASN B 636 -46.65 2.79 -17.27
C ASN B 636 -45.29 3.45 -17.48
N THR B 637 -44.41 2.75 -18.19
CA THR B 637 -43.05 3.21 -18.42
C THR B 637 -42.97 4.25 -19.54
N THR B 638 -44.01 4.37 -20.36
CA THR B 638 -44.01 5.26 -21.52
C THR B 638 -44.08 6.71 -21.03
N ASN B 639 -42.92 7.22 -20.64
CA ASN B 639 -42.80 8.58 -20.15
C ASN B 639 -41.38 9.07 -20.41
N GLN B 640 -41.22 10.39 -20.41
CA GLN B 640 -39.91 11.02 -20.49
C GLN B 640 -39.70 12.07 -19.43
N ASP B 641 -40.77 12.59 -18.80
CA ASP B 641 -40.64 13.58 -17.73
C ASP B 641 -40.22 12.88 -16.43
N GLY B 642 -38.96 12.41 -16.45
CA GLY B 642 -38.35 11.81 -15.30
C GLY B 642 -36.92 12.31 -15.15
N LEU B 643 -36.33 12.04 -13.98
CA LEU B 643 -34.97 12.47 -13.72
C LEU B 643 -33.98 11.67 -14.56
N GLN B 644 -34.29 10.40 -14.82
CA GLN B 644 -33.48 9.53 -15.69
C GLN B 644 -34.43 8.92 -16.71
N GLY B 645 -34.69 9.64 -17.79
CA GLY B 645 -35.53 9.13 -18.85
C GLY B 645 -36.96 8.85 -18.43
N SER B 646 -37.31 7.57 -18.35
CA SER B 646 -38.68 7.16 -18.07
C SER B 646 -39.02 7.31 -16.59
N ALA B 647 -40.31 7.50 -16.34
CA ALA B 647 -40.87 7.51 -15.00
C ALA B 647 -42.21 6.79 -15.06
N ASN B 648 -42.68 6.33 -13.91
CA ASN B 648 -43.91 5.54 -13.84
C ASN B 648 -45.10 6.48 -13.81
N LYS B 649 -45.85 6.52 -14.91
CA LYS B 649 -47.14 7.20 -14.91
C LYS B 649 -48.13 6.40 -14.07
N LEU B 650 -48.90 7.11 -13.25
CA LEU B 650 -49.85 6.46 -12.36
C LEU B 650 -51.27 6.75 -12.83
N ASN B 651 -52.07 5.70 -12.91
CA ASN B 651 -53.51 5.80 -13.10
C ASN B 651 -54.31 5.14 -12.00
N GLY B 652 -53.68 4.30 -11.18
CA GLY B 652 -54.36 3.60 -10.10
C GLY B 652 -53.38 3.06 -9.08
N GLU B 653 -53.82 1.99 -8.40
CA GLU B 653 -53.09 1.36 -7.31
C GLU B 653 -51.79 0.73 -7.81
N THR B 654 -50.79 0.74 -6.94
CA THR B 654 -49.52 0.06 -7.21
C THR B 654 -49.23 -0.87 -6.05
N LYS B 655 -48.98 -2.14 -6.36
CA LYS B 655 -48.91 -3.22 -5.39
C LYS B 655 -47.63 -4.02 -5.55
N ILE B 656 -47.12 -4.51 -4.43
CA ILE B 656 -46.11 -5.58 -4.47
C ILE B 656 -46.30 -6.47 -3.25
N LYS B 657 -45.95 -7.75 -3.43
CA LYS B 657 -46.14 -8.82 -2.45
C LYS B 657 -44.79 -9.51 -2.32
N ILE B 658 -43.95 -9.03 -1.39
CA ILE B 658 -42.58 -9.52 -1.32
C ILE B 658 -42.46 -10.60 -0.25
N PRO B 659 -41.91 -11.77 -0.58
CA PRO B 659 -41.94 -12.90 0.35
C PRO B 659 -40.76 -12.95 1.32
N MET B 660 -40.97 -13.69 2.40
CA MET B 660 -39.94 -14.07 3.36
C MET B 660 -39.03 -15.17 2.87
N SER B 661 -39.32 -15.79 1.73
CA SER B 661 -38.33 -16.64 1.09
C SER B 661 -37.15 -15.84 0.56
N GLU B 662 -37.31 -14.54 0.34
CA GLU B 662 -36.28 -13.69 -0.23
C GLU B 662 -35.60 -12.80 0.80
N LEU B 663 -36.01 -12.86 2.07
CA LEU B 663 -35.55 -11.92 3.08
C LEU B 663 -35.02 -12.63 4.31
N LYS B 664 -34.01 -12.02 4.92
CA LYS B 664 -33.42 -12.55 6.16
C LYS B 664 -34.36 -12.26 7.34
N PRO B 665 -34.31 -13.05 8.42
CA PRO B 665 -35.23 -12.81 9.53
C PRO B 665 -34.76 -11.70 10.46
N TYR B 666 -35.74 -11.00 11.04
CA TYR B 666 -35.55 -10.03 12.13
C TYR B 666 -34.60 -8.90 11.73
N LYS B 667 -35.04 -8.11 10.75
CA LYS B 667 -34.23 -7.02 10.23
C LYS B 667 -35.04 -5.74 10.23
N ARG B 668 -34.36 -4.62 9.97
CA ARG B 668 -34.99 -3.32 9.81
C ARG B 668 -34.69 -2.80 8.41
N TYR B 669 -35.73 -2.35 7.71
CA TYR B 669 -35.64 -1.97 6.32
C TYR B 669 -36.14 -0.56 6.10
N VAL B 670 -35.59 0.11 5.10
CA VAL B 670 -36.08 1.38 4.62
C VAL B 670 -36.42 1.25 3.14
N PHE B 671 -37.66 1.61 2.80
CA PHE B 671 -38.05 1.84 1.43
C PHE B 671 -38.04 3.34 1.17
N SER B 672 -37.32 3.76 0.14
CA SER B 672 -37.22 5.15 -0.24
C SER B 672 -37.64 5.33 -1.69
N GLY B 673 -38.07 6.55 -2.00
CA GLY B 673 -38.49 6.85 -3.35
C GLY B 673 -38.58 8.35 -3.56
N TYR B 674 -38.87 8.72 -4.80
CA TYR B 674 -38.96 10.11 -5.20
C TYR B 674 -40.32 10.36 -5.85
N SER B 675 -41.04 11.35 -5.33
CA SER B 675 -42.37 11.70 -5.80
C SER B 675 -42.33 13.08 -6.45
N LYS B 676 -43.10 13.21 -7.53
CA LYS B 676 -43.15 14.45 -8.29
C LYS B 676 -44.53 14.56 -8.93
N ASP B 677 -45.10 15.77 -8.88
CA ASP B 677 -46.39 16.01 -9.52
C ASP B 677 -46.58 17.49 -9.80
N PRO B 678 -46.81 17.89 -11.05
CA PRO B 678 -47.16 19.30 -11.35
C PRO B 678 -48.62 19.60 -11.05
N LEU B 679 -49.00 19.46 -9.78
CA LEU B 679 -50.37 19.64 -9.33
C LEU B 679 -50.32 20.04 -7.86
N THR B 680 -51.43 20.56 -7.35
CA THR B 680 -51.43 21.21 -6.05
C THR B 680 -51.39 20.21 -4.90
N SER B 681 -52.47 19.43 -4.72
CA SER B 681 -52.60 18.60 -3.53
C SER B 681 -53.11 17.21 -3.89
N ASN B 682 -52.53 16.61 -4.93
CA ASN B 682 -52.92 15.28 -5.38
C ASN B 682 -52.29 14.25 -4.44
N SER B 683 -52.85 14.14 -3.24
CA SER B 683 -52.22 13.44 -2.13
C SER B 683 -52.13 11.93 -2.40
N ILE B 684 -51.13 11.31 -1.76
CA ILE B 684 -50.86 9.89 -1.93
C ILE B 684 -50.90 9.25 -0.55
N ILE B 685 -51.51 8.07 -0.47
CA ILE B 685 -51.41 7.27 0.74
C ILE B 685 -50.78 5.93 0.38
N VAL B 686 -50.07 5.37 1.37
CA VAL B 686 -49.34 4.13 1.22
C VAL B 686 -49.60 3.28 2.47
N LYS B 687 -49.78 1.98 2.27
CA LYS B 687 -49.91 1.04 3.36
C LYS B 687 -48.80 0.00 3.25
N ILE B 688 -48.01 -0.13 4.31
CA ILE B 688 -46.98 -1.12 4.43
C ILE B 688 -47.49 -2.14 5.45
N LYS B 689 -48.02 -3.26 4.95
CA LYS B 689 -48.52 -4.32 5.81
C LYS B 689 -47.39 -5.31 6.05
N ALA B 690 -46.95 -5.39 7.30
CA ALA B 690 -45.84 -6.23 7.71
C ALA B 690 -46.10 -6.66 9.16
N LYS B 691 -45.06 -7.13 9.84
CA LYS B 691 -45.17 -7.38 11.28
C LYS B 691 -45.36 -6.09 12.07
N GLU B 692 -44.90 -4.97 11.54
CA GLU B 692 -45.21 -3.65 12.07
C GLU B 692 -45.88 -2.90 10.93
N GLU B 693 -47.18 -3.11 10.80
CA GLU B 693 -47.94 -2.56 9.68
C GLU B 693 -48.32 -1.11 9.95
N LYS B 694 -48.39 -0.33 8.89
CA LYS B 694 -48.65 1.10 9.05
C LYS B 694 -49.24 1.65 7.76
N THR B 695 -49.84 2.82 7.89
CA THR B 695 -50.31 3.61 6.75
C THR B 695 -49.77 5.02 6.91
N ASP B 696 -49.45 5.64 5.78
CA ASP B 696 -48.91 6.99 5.79
C ASP B 696 -49.44 7.76 4.60
N TYR B 697 -49.36 9.08 4.70
CA TYR B 697 -49.78 10.00 3.65
C TYR B 697 -48.60 10.89 3.29
N LEU B 698 -48.36 11.03 1.99
CA LEU B 698 -47.39 11.97 1.46
C LEU B 698 -48.10 12.85 0.44
N VAL B 699 -48.03 14.16 0.64
CA VAL B 699 -48.60 15.12 -0.30
C VAL B 699 -47.56 15.37 -1.39
N PRO B 700 -47.97 15.61 -2.64
CA PRO B 700 -46.99 15.91 -3.69
C PRO B 700 -46.56 17.37 -3.66
N GLU B 701 -45.44 17.68 -4.30
CA GLU B 701 -44.94 19.03 -4.34
C GLU B 701 -44.50 19.34 -5.77
N GLN B 702 -44.30 20.63 -6.05
CA GLN B 702 -43.71 21.03 -7.33
C GLN B 702 -42.29 20.49 -7.46
N GLY B 703 -41.54 20.49 -6.36
CA GLY B 703 -40.22 19.90 -6.34
C GLY B 703 -40.27 18.38 -6.37
N TYR B 704 -39.08 17.80 -6.52
CA TYR B 704 -38.91 16.36 -6.64
C TYR B 704 -38.54 15.85 -5.25
N THR B 705 -39.53 15.40 -4.50
CA THR B 705 -39.40 15.21 -3.06
C THR B 705 -39.09 13.76 -2.73
N LYS B 706 -38.13 13.56 -1.82
CA LYS B 706 -37.72 12.23 -1.40
C LYS B 706 -38.49 11.82 -0.15
N PHE B 707 -39.08 10.63 -0.19
CA PHE B 707 -39.67 10.03 0.99
C PHE B 707 -38.90 8.77 1.36
N SER B 708 -38.72 8.56 2.66
CA SER B 708 -38.09 7.36 3.19
C SER B 708 -38.92 6.84 4.34
N TYR B 709 -39.24 5.56 4.32
CA TYR B 709 -40.00 4.93 5.39
C TYR B 709 -39.24 3.71 5.87
N GLU B 710 -39.51 3.34 7.12
CA GLU B 710 -38.82 2.23 7.77
C GLU B 710 -39.83 1.26 8.34
N PHE B 711 -39.42 0.01 8.48
CA PHE B 711 -40.25 -1.02 9.09
C PHE B 711 -39.36 -2.16 9.55
N GLU B 712 -39.98 -3.11 10.24
CA GLU B 712 -39.29 -4.27 10.78
C GLU B 712 -40.04 -5.54 10.38
N THR B 713 -39.41 -6.68 10.63
CA THR B 713 -39.99 -7.98 10.36
C THR B 713 -39.66 -8.93 11.51
N THR B 714 -39.94 -10.21 11.29
CA THR B 714 -39.68 -11.26 12.27
C THR B 714 -39.08 -12.43 11.52
N GLU B 715 -39.11 -13.62 12.15
CA GLU B 715 -38.59 -14.82 11.55
C GLU B 715 -39.36 -15.18 10.27
N LYS B 716 -38.69 -15.96 9.41
CA LYS B 716 -39.08 -16.10 8.02
C LYS B 716 -40.32 -16.96 7.79
N ASP B 717 -41.02 -17.43 8.82
CA ASP B 717 -42.23 -18.22 8.63
C ASP B 717 -43.47 -17.35 8.55
N SER B 718 -43.30 -16.06 8.24
CA SER B 718 -44.38 -15.10 8.20
C SER B 718 -44.81 -14.88 6.76
N SER B 719 -45.93 -14.17 6.61
CA SER B 719 -46.59 -13.99 5.33
C SER B 719 -45.82 -13.02 4.44
N ASN B 720 -46.36 -12.77 3.25
CA ASN B 720 -45.78 -11.78 2.35
C ASN B 720 -45.93 -10.39 2.95
N ILE B 721 -44.96 -9.52 2.66
CA ILE B 721 -45.09 -8.12 3.03
C ILE B 721 -45.81 -7.40 1.89
N GLU B 722 -46.85 -6.65 2.25
CA GLU B 722 -47.72 -6.00 1.29
C GLU B 722 -47.35 -4.53 1.20
N ILE B 723 -47.04 -4.07 -0.01
CA ILE B 723 -46.83 -2.66 -0.26
C ILE B 723 -47.93 -2.20 -1.19
N THR B 724 -48.82 -1.36 -0.68
CA THR B 724 -49.92 -0.82 -1.47
C THR B 724 -49.77 0.69 -1.50
N LEU B 725 -50.01 1.30 -2.65
CA LEU B 725 -49.97 2.76 -2.69
C LEU B 725 -50.96 3.27 -3.73
N ILE B 726 -51.60 4.40 -3.40
CA ILE B 726 -52.57 5.03 -4.29
C ILE B 726 -52.47 6.55 -4.16
N GLY B 727 -52.43 7.22 -5.30
CA GLY B 727 -52.54 8.67 -5.36
C GLY B 727 -53.88 9.07 -5.93
N SER B 728 -53.88 9.87 -6.99
CA SER B 728 -55.13 10.19 -7.68
C SER B 728 -54.96 10.19 -9.19
N GLY B 729 -54.05 9.36 -9.70
CA GLY B 729 -53.91 9.19 -11.13
C GLY B 729 -53.23 10.30 -11.88
N THR B 730 -52.45 11.15 -11.21
CA THR B 730 -51.73 12.21 -11.88
C THR B 730 -50.28 12.22 -11.45
N THR B 731 -50.00 11.70 -10.25
CA THR B 731 -48.69 11.78 -9.65
C THR B 731 -47.71 10.83 -10.34
N TYR B 732 -46.42 11.16 -10.21
CA TYR B 732 -45.33 10.39 -10.81
C TYR B 732 -44.36 9.98 -9.73
N LEU B 733 -43.86 8.74 -9.80
CA LEU B 733 -42.92 8.19 -8.84
C LEU B 733 -41.71 7.62 -9.57
N ASP B 734 -40.56 7.64 -8.91
CA ASP B 734 -39.35 7.06 -9.50
C ASP B 734 -38.37 6.69 -8.39
N ASN B 735 -37.43 5.81 -8.76
CA ASN B 735 -36.30 5.38 -7.94
C ASN B 735 -36.78 4.75 -6.62
N LEU B 736 -37.51 3.66 -6.79
CA LEU B 736 -38.06 2.91 -5.67
C LEU B 736 -37.01 1.92 -5.18
N SER B 737 -36.52 2.11 -3.95
CA SER B 737 -35.42 1.29 -3.46
C SER B 737 -35.73 0.76 -2.06
N ILE B 738 -35.46 -0.52 -1.85
CA ILE B 738 -35.57 -1.17 -0.56
C ILE B 738 -34.17 -1.54 -0.11
N THR B 739 -33.79 -1.09 1.08
CA THR B 739 -32.49 -1.35 1.68
C THR B 739 -32.68 -1.81 3.11
N GLU B 740 -31.63 -2.39 3.67
CA GLU B 740 -31.61 -2.84 5.05
C GLU B 740 -30.82 -1.86 5.90
N LEU B 741 -31.19 -1.75 7.18
CA LEU B 741 -30.46 -0.89 8.10
C LEU B 741 -29.75 -1.69 9.18
N ASN B 742 -30.49 -2.44 9.99
CA ASN B 742 -29.96 -3.06 11.19
C ASN B 742 -30.80 -4.29 11.52
N SER B 743 -30.47 -4.92 12.65
CA SER B 743 -31.22 -6.03 13.19
C SER B 743 -31.98 -5.57 14.43
N THR B 744 -33.27 -5.85 14.45
CA THR B 744 -33.94 -5.56 15.71
C THR B 744 -33.55 -6.58 16.78
N PRO B 745 -33.44 -6.16 18.03
CA PRO B 745 -33.18 -7.13 19.10
C PRO B 745 -34.41 -8.00 19.33
N GLU B 746 -34.29 -9.27 18.94
CA GLU B 746 -35.38 -10.21 19.08
C GLU B 746 -35.60 -10.56 20.55
N ILE B 747 -36.79 -11.02 20.88
CA ILE B 747 -37.13 -11.36 22.25
C ILE B 747 -36.83 -12.84 22.46
N LEU B 748 -35.96 -13.13 23.44
CA LEU B 748 -35.55 -14.50 23.69
C LEU B 748 -35.30 -14.73 25.18
N ASP C 218 23.67 37.05 3.57
CA ASP C 218 25.08 37.09 3.19
C ASP C 218 25.97 36.59 4.33
N LEU C 219 25.71 37.07 5.53
CA LEU C 219 26.46 36.65 6.72
C LEU C 219 25.67 35.58 7.45
N ASP C 220 26.33 34.47 7.75
CA ASP C 220 25.70 33.33 8.40
C ASP C 220 26.44 32.97 9.68
N THR C 221 25.69 32.59 10.70
CA THR C 221 26.25 32.22 12.00
C THR C 221 26.01 30.76 12.36
N ASP C 222 24.77 30.29 12.23
CA ASP C 222 24.39 28.97 12.70
C ASP C 222 24.56 27.94 11.58
N ASN C 223 24.01 26.75 11.81
CA ASN C 223 23.92 25.72 10.78
C ASN C 223 22.65 25.87 9.95
N ASP C 224 22.46 27.06 9.39
CA ASP C 224 21.26 27.39 8.64
C ASP C 224 21.65 28.16 7.38
N ASN C 225 20.73 28.19 6.41
CA ASN C 225 20.96 28.93 5.19
C ASN C 225 20.48 30.39 5.28
N ILE C 226 19.73 30.73 6.30
CA ILE C 226 19.06 32.03 6.40
C ILE C 226 20.03 33.07 6.96
N PRO C 227 20.17 34.21 6.30
CA PRO C 227 21.11 35.23 6.78
C PRO C 227 20.67 35.86 8.10
N ASP C 228 21.62 36.54 8.75
CA ASP C 228 21.37 37.17 10.04
C ASP C 228 20.29 38.24 9.96
N SER C 229 20.30 39.03 8.88
CA SER C 229 19.26 40.04 8.69
C SER C 229 17.90 39.38 8.47
N TYR C 230 17.87 38.20 7.87
CA TYR C 230 16.61 37.51 7.63
C TYR C 230 16.20 36.64 8.82
N GLU C 231 17.03 36.54 9.85
CA GLU C 231 16.64 35.89 11.09
C GLU C 231 16.00 36.86 12.08
N ARG C 232 15.98 38.14 11.77
CA ARG C 232 15.50 39.18 12.68
C ARG C 232 14.59 40.14 11.94
N ASN C 233 13.54 40.59 12.66
CA ASN C 233 12.55 41.58 12.22
C ASN C 233 12.05 41.35 10.79
N GLY C 234 11.82 40.08 10.45
CA GLY C 234 11.32 39.71 9.15
C GLY C 234 11.76 38.32 8.75
N TYR C 235 10.80 37.51 8.32
CA TYR C 235 11.06 36.09 8.07
C TYR C 235 9.95 35.60 7.15
N THR C 236 10.27 35.36 5.88
CA THR C 236 9.31 34.76 4.97
C THR C 236 9.99 33.58 4.27
N ILE C 237 9.35 32.42 4.33
CA ILE C 237 9.95 31.20 3.82
C ILE C 237 9.04 30.58 2.75
N LYS C 238 9.28 30.98 1.50
CA LYS C 238 8.44 30.57 0.39
C LYS C 238 9.31 29.83 -0.61
N ASP C 239 8.75 28.73 -1.15
CA ASP C 239 9.42 27.76 -2.02
C ASP C 239 10.83 27.42 -1.56
N LEU C 240 10.94 27.13 -0.25
CA LEU C 240 12.19 26.74 0.43
C LEU C 240 13.25 27.83 0.36
N ILE C 241 12.82 29.08 0.19
CA ILE C 241 13.70 30.23 0.01
C ILE C 241 13.29 31.32 0.99
N ALA C 242 14.28 31.89 1.69
CA ALA C 242 14.03 32.97 2.62
C ALA C 242 14.03 34.32 1.91
N VAL C 243 13.08 35.18 2.31
CA VAL C 243 12.98 36.54 1.80
C VAL C 243 12.40 37.40 2.92
N LYS C 244 12.79 38.67 2.92
CA LYS C 244 12.37 39.61 3.96
C LYS C 244 10.89 39.92 3.85
N TRP C 245 10.25 40.01 5.00
CA TRP C 245 8.84 40.38 5.09
C TRP C 245 8.71 41.88 4.93
N GLU C 246 8.02 42.31 3.87
CA GLU C 246 7.83 43.73 3.60
C GLU C 246 6.37 44.15 3.69
N ASP C 247 5.50 43.29 4.24
CA ASP C 247 4.13 43.62 4.63
C ASP C 247 3.28 44.06 3.42
N SER C 248 3.26 43.20 2.41
CA SER C 248 2.34 43.36 1.28
C SER C 248 1.68 42.02 1.00
N PHE C 249 2.15 40.98 1.69
CA PHE C 249 1.61 39.63 1.60
C PHE C 249 1.11 39.12 2.95
N ALA C 250 0.70 40.04 3.83
CA ALA C 250 0.12 39.66 5.10
C ALA C 250 -1.28 39.08 4.94
N GLU C 251 -2.10 39.68 4.08
CA GLU C 251 -3.47 39.26 3.89
C GLU C 251 -3.61 38.03 3.02
N GLN C 252 -2.51 37.54 2.44
CA GLN C 252 -2.51 36.36 1.59
C GLN C 252 -2.19 35.08 2.37
N GLY C 253 -2.48 35.05 3.66
CA GLY C 253 -2.31 33.86 4.46
C GLY C 253 -0.89 33.56 4.90
N TYR C 254 0.03 34.51 4.81
CA TYR C 254 1.39 34.24 5.22
C TYR C 254 1.73 34.95 6.52
N LYS C 255 2.76 34.47 7.18
CA LYS C 255 3.11 34.92 8.52
C LYS C 255 4.62 35.11 8.66
N LYS C 256 4.99 36.06 9.52
CA LYS C 256 6.37 36.47 9.74
C LYS C 256 6.85 35.86 11.05
N TYR C 257 8.13 35.47 11.09
CA TYR C 257 8.72 34.87 12.28
C TYR C 257 9.95 35.66 12.73
N VAL C 258 10.53 35.20 13.84
CA VAL C 258 11.90 35.51 14.25
C VAL C 258 12.48 34.20 14.79
N SER C 259 13.72 33.90 14.42
CA SER C 259 14.41 32.76 15.01
C SER C 259 15.84 33.15 15.34
N ASN C 260 16.42 32.43 16.30
CA ASN C 260 17.71 32.79 16.87
C ASN C 260 18.84 32.62 15.86
N TYR C 261 19.75 33.60 15.86
CA TYR C 261 20.94 33.57 15.02
C TYR C 261 22.19 33.19 15.81
N LEU C 262 22.02 32.53 16.96
CA LEU C 262 23.14 32.06 17.76
C LEU C 262 23.06 30.57 18.06
N GLU C 263 22.05 29.87 17.56
CA GLU C 263 21.93 28.44 17.73
C GLU C 263 21.15 27.85 16.55
N SER C 264 21.58 26.67 16.11
CA SER C 264 20.89 25.99 15.03
C SER C 264 19.48 25.56 15.47
N ASN C 265 19.36 24.94 16.63
CA ASN C 265 18.07 24.60 17.20
C ASN C 265 17.57 25.84 17.94
N THR C 266 16.72 26.62 17.28
CA THR C 266 16.20 27.85 17.88
C THR C 266 15.19 27.55 18.99
N ALA C 267 14.65 26.33 19.03
CA ALA C 267 13.76 25.89 20.08
C ALA C 267 14.26 24.56 20.64
N GLY C 268 13.61 24.11 21.70
CA GLY C 268 14.03 22.89 22.36
C GLY C 268 13.71 21.61 21.62
N ASP C 269 12.91 21.67 20.57
CA ASP C 269 12.58 20.48 19.82
C ASP C 269 13.79 19.98 19.03
N PRO C 270 13.79 18.71 18.63
CA PRO C 270 14.86 18.21 17.72
C PRO C 270 14.68 18.64 16.28
N TYR C 271 14.40 19.93 16.08
CA TYR C 271 14.21 20.50 14.75
C TYR C 271 14.77 21.91 14.74
N THR C 272 15.62 22.19 13.75
CA THR C 272 16.10 23.55 13.54
C THR C 272 15.00 24.41 12.95
N ASP C 273 15.27 25.72 12.88
CA ASP C 273 14.25 26.68 12.43
C ASP C 273 13.85 26.44 10.97
N TYR C 274 14.80 26.08 10.11
CA TYR C 274 14.51 25.98 8.69
C TYR C 274 13.65 24.77 8.37
N GLU C 275 13.96 23.61 8.96
CA GLU C 275 13.18 22.41 8.65
C GLU C 275 11.81 22.44 9.33
N LYS C 276 11.71 23.12 10.48
CA LYS C 276 10.42 23.27 11.14
C LYS C 276 9.59 24.41 10.56
N ALA C 277 10.20 25.30 9.77
CA ALA C 277 9.48 26.38 9.12
C ALA C 277 9.20 26.11 7.64
N SER C 278 9.89 25.15 7.05
CA SER C 278 9.66 24.75 5.67
C SER C 278 8.49 23.80 5.53
N GLY C 279 7.93 23.30 6.63
CA GLY C 279 7.05 22.17 6.59
C GLY C 279 7.75 20.84 6.45
N SER C 280 9.08 20.82 6.55
CA SER C 280 9.88 19.61 6.30
C SER C 280 10.21 18.94 7.64
N PHE C 281 9.21 18.27 8.18
CA PHE C 281 9.33 17.52 9.43
C PHE C 281 8.22 16.47 9.46
N ASP C 282 8.00 15.90 10.64
CA ASP C 282 6.92 14.93 10.83
C ASP C 282 5.58 15.61 10.64
N LYS C 283 4.84 15.21 9.59
CA LYS C 283 3.58 15.86 9.29
C LYS C 283 2.48 15.55 10.30
N ALA C 284 2.67 14.56 11.16
CA ALA C 284 1.71 14.32 12.25
C ALA C 284 1.81 15.40 13.32
N ILE C 285 2.91 16.14 13.39
CA ILE C 285 2.96 17.37 14.17
C ILE C 285 1.97 18.36 13.57
N LYS C 286 1.19 19.02 14.43
CA LYS C 286 0.20 19.97 13.96
C LYS C 286 0.85 21.17 13.29
N THR C 287 0.06 21.86 12.46
CA THR C 287 0.56 23.02 11.72
C THR C 287 0.86 24.22 12.61
N GLU C 288 0.48 24.18 13.88
CA GLU C 288 0.77 25.27 14.80
C GLU C 288 2.24 25.35 15.17
N ALA C 289 3.04 24.35 14.84
CA ALA C 289 4.47 24.34 15.14
C ALA C 289 5.31 24.77 13.95
N ARG C 290 4.71 25.37 12.93
CA ARG C 290 5.46 25.85 11.78
C ARG C 290 6.38 27.00 12.15
N ASP C 291 5.96 27.84 13.10
CA ASP C 291 6.81 28.91 13.58
C ASP C 291 8.00 28.34 14.35
N PRO C 292 9.16 29.00 14.27
CA PRO C 292 10.33 28.51 15.00
C PRO C 292 10.31 28.80 16.50
N LEU C 293 9.31 29.53 16.99
CA LEU C 293 9.26 29.93 18.39
C LEU C 293 8.92 28.77 19.32
N VAL C 294 8.12 27.81 18.88
CA VAL C 294 7.57 26.79 19.75
C VAL C 294 8.31 25.47 19.50
N ALA C 295 8.41 24.66 20.54
CA ALA C 295 9.03 23.35 20.45
C ALA C 295 7.96 22.25 20.49
N ALA C 296 8.24 21.16 19.77
CA ALA C 296 7.34 20.02 19.71
C ALA C 296 7.44 19.26 21.03
N TYR C 297 6.55 19.59 21.96
CA TYR C 297 6.54 19.00 23.30
C TYR C 297 5.25 18.23 23.51
N PRO C 298 5.26 16.89 23.46
CA PRO C 298 4.03 16.12 23.64
C PRO C 298 3.80 15.70 25.08
N ILE C 299 2.52 15.45 25.39
CA ILE C 299 2.09 15.06 26.74
C ILE C 299 1.16 13.87 26.62
N VAL C 300 1.40 12.83 27.43
CA VAL C 300 0.48 11.71 27.58
C VAL C 300 -0.32 11.95 28.85
N GLY C 301 -1.65 12.01 28.71
CA GLY C 301 -2.55 12.04 29.85
C GLY C 301 -3.40 10.79 29.86
N VAL C 302 -3.72 10.31 31.06
CA VAL C 302 -4.48 9.08 31.24
C VAL C 302 -5.74 9.43 32.02
N GLY C 303 -6.89 8.99 31.52
CA GLY C 303 -8.16 9.24 32.17
C GLY C 303 -8.95 7.96 32.37
N MET C 304 -9.98 8.03 33.19
CA MET C 304 -10.85 6.90 33.49
C MET C 304 -12.30 7.31 33.32
N GLU C 305 -13.16 6.33 33.01
CA GLU C 305 -14.58 6.60 32.82
C GLU C 305 -15.48 5.85 33.79
N LYS C 306 -15.34 4.53 33.87
CA LYS C 306 -16.24 3.69 34.65
C LYS C 306 -15.43 2.85 35.62
N LEU C 307 -15.84 2.85 36.89
CA LEU C 307 -15.16 2.04 37.91
C LEU C 307 -16.10 0.90 38.31
N ILE C 308 -15.54 -0.30 38.38
CA ILE C 308 -16.25 -1.48 38.86
C ILE C 308 -15.50 -2.05 40.06
N ILE C 309 -16.23 -2.28 41.14
CA ILE C 309 -15.66 -2.77 42.39
C ILE C 309 -16.09 -4.21 42.57
N SER C 310 -15.11 -5.10 42.73
CA SER C 310 -15.34 -6.52 42.88
C SER C 310 -14.50 -7.05 44.04
N THR C 311 -15.01 -8.07 44.72
CA THR C 311 -14.36 -8.61 45.92
C THR C 311 -13.68 -9.95 45.67
N ASN C 312 -13.36 -10.27 44.43
CA ASN C 312 -12.68 -11.52 44.11
C ASN C 312 -11.34 -11.23 43.44
N GLU C 313 -10.50 -12.26 43.41
CA GLU C 313 -9.19 -12.19 42.77
C GLU C 313 -9.21 -12.74 41.35
N HIS C 314 -10.37 -13.13 40.85
CA HIS C 314 -10.50 -13.75 39.54
C HIS C 314 -11.25 -12.88 38.53
N ALA C 315 -12.47 -12.47 38.85
CA ALA C 315 -13.28 -11.69 37.93
C ALA C 315 -13.92 -10.49 38.62
N GLN C 319 -17.17 -14.24 40.43
CA GLN C 319 -18.33 -13.91 41.25
C GLN C 319 -17.95 -12.98 42.40
N GLY C 320 -18.91 -12.25 42.92
CA GLY C 320 -18.66 -11.36 44.04
C GLY C 320 -19.52 -10.11 43.95
N LYS C 321 -19.44 -9.30 45.00
CA LYS C 321 -20.17 -8.04 45.08
C LYS C 321 -19.49 -7.03 44.17
N THR C 322 -20.06 -6.80 42.99
CA THR C 322 -19.53 -5.87 42.01
C THR C 322 -20.50 -4.72 41.83
N VAL C 323 -20.00 -3.48 41.94
CA VAL C 323 -20.80 -2.29 41.67
C VAL C 323 -20.10 -1.45 40.62
N SER C 324 -20.87 -0.95 39.66
CA SER C 324 -20.32 -0.23 38.51
C SER C 324 -20.90 1.18 38.49
N ARG C 325 -20.01 2.18 38.57
CA ARG C 325 -20.42 3.58 38.51
C ARG C 325 -19.68 4.29 37.38
N ALA C 326 -20.36 5.28 36.80
CA ALA C 326 -19.77 6.16 35.80
C ALA C 326 -19.25 7.42 36.46
N THR C 327 -18.08 7.88 36.03
CA THR C 327 -17.40 9.01 36.65
C THR C 327 -16.78 9.88 35.57
N THR C 328 -16.94 11.20 35.72
CA THR C 328 -16.40 12.16 34.78
C THR C 328 -14.98 12.57 35.18
N ASN C 329 -14.15 12.83 34.18
CA ASN C 329 -12.78 13.21 34.40
C ASN C 329 -12.57 14.69 34.09
N SER C 330 -11.82 15.35 34.97
CA SER C 330 -11.52 16.77 34.85
C SER C 330 -10.00 16.93 34.75
N LYS C 331 -9.53 17.36 33.59
CA LYS C 331 -8.09 17.49 33.37
C LYS C 331 -7.52 18.69 34.11
N THR C 332 -7.98 19.89 33.75
CA THR C 332 -7.46 21.12 34.34
C THR C 332 -8.47 21.65 35.35
N GLU C 333 -8.42 21.09 36.56
CA GLU C 333 -9.18 21.63 37.68
C GLU C 333 -8.32 21.86 38.92
N SER C 334 -7.30 21.04 39.14
CA SER C 334 -6.50 21.14 40.36
C SER C 334 -5.50 22.30 40.30
N ASN C 335 -5.19 22.81 39.10
CA ASN C 335 -4.40 24.02 39.02
C ASN C 335 -5.19 25.23 39.52
N THR C 336 -6.50 25.25 39.25
CA THR C 336 -7.38 26.34 39.68
C THR C 336 -8.35 25.92 40.77
N ALA C 337 -8.03 24.85 41.52
CA ALA C 337 -8.89 24.38 42.59
C ALA C 337 -8.83 25.25 43.84
N GLY C 338 -7.66 25.81 44.15
CA GLY C 338 -7.51 26.60 45.35
C GLY C 338 -7.42 28.08 45.09
N VAL C 339 -8.25 28.58 44.18
CA VAL C 339 -8.23 29.99 43.78
C VAL C 339 -9.34 30.71 44.53
N SER C 340 -9.11 31.99 44.85
CA SER C 340 -10.10 32.83 45.50
C SER C 340 -10.30 34.10 44.68
N VAL C 341 -11.56 34.50 44.55
CA VAL C 341 -11.91 35.68 43.80
C VAL C 341 -12.11 36.85 44.76
N ASN C 342 -12.14 38.06 44.21
CA ASN C 342 -12.34 39.27 44.99
C ASN C 342 -13.50 40.06 44.40
N VAL C 343 -14.19 40.81 45.26
CA VAL C 343 -15.29 41.65 44.81
C VAL C 343 -14.77 42.77 43.92
N GLY C 344 -13.73 43.45 44.34
CA GLY C 344 -13.06 44.45 43.54
C GLY C 344 -11.63 44.03 43.25
N TYR C 345 -11.20 44.21 42.01
CA TYR C 345 -9.87 43.82 41.58
C TYR C 345 -9.00 45.07 41.52
N GLN C 346 -7.96 45.10 42.36
CA GLN C 346 -7.13 46.29 42.51
C GLN C 346 -6.16 46.43 41.35
N ASN C 347 -5.93 47.69 40.95
CA ASN C 347 -4.97 48.12 39.92
C ASN C 347 -5.35 47.49 38.58
N GLY C 348 -4.37 47.22 37.73
CA GLY C 348 -4.61 46.70 36.40
C GLY C 348 -4.47 45.20 36.30
N PHE C 349 -4.52 44.52 37.45
CA PHE C 349 -4.41 43.06 37.50
C PHE C 349 -5.82 42.48 37.44
N THR C 350 -6.26 42.10 36.24
CA THR C 350 -7.59 41.56 36.01
C THR C 350 -7.59 40.04 35.99
N ALA C 351 -6.71 39.42 36.78
CA ALA C 351 -6.60 37.97 36.80
C ALA C 351 -6.83 37.42 38.20
N ASN C 352 -6.57 36.14 38.39
CA ASN C 352 -6.68 35.49 39.68
C ASN C 352 -5.38 34.74 39.97
N VAL C 353 -5.08 34.62 41.26
CA VAL C 353 -3.85 33.99 41.74
C VAL C 353 -4.18 32.61 42.29
N THR C 354 -3.45 31.60 41.84
CA THR C 354 -3.64 30.23 42.30
C THR C 354 -2.57 29.87 43.33
N THR C 355 -2.86 28.82 44.09
CA THR C 355 -1.94 28.35 45.13
C THR C 355 -1.07 27.20 44.69
N ASN C 356 -1.41 26.52 43.60
CA ASN C 356 -0.63 25.41 43.10
C ASN C 356 -0.82 25.31 41.60
N TYR C 357 0.15 24.65 40.94
CA TYR C 357 0.12 24.46 39.50
C TYR C 357 -0.02 22.99 39.16
N SER C 358 -0.78 22.72 38.10
CA SER C 358 -0.96 21.37 37.61
C SER C 358 -1.15 21.40 36.11
N HIS C 359 -0.61 20.40 35.43
CA HIS C 359 -0.69 20.28 33.98
C HIS C 359 -1.92 19.50 33.57
N THR C 360 -1.97 19.04 32.32
CA THR C 360 -3.02 18.14 31.87
C THR C 360 -2.72 16.68 32.19
N THR C 361 -1.58 16.40 32.82
CA THR C 361 -1.21 15.03 33.16
C THR C 361 -2.13 14.46 34.23
N ASP C 362 -2.36 15.23 35.30
CA ASP C 362 -3.27 14.77 36.34
C ASP C 362 -4.71 14.85 35.85
N ASN C 363 -5.56 14.01 36.44
CA ASN C 363 -6.96 13.94 36.02
C ASN C 363 -7.79 13.59 37.24
N SER C 364 -8.79 14.42 37.53
CA SER C 364 -9.60 14.28 38.73
C SER C 364 -10.92 13.61 38.39
N THR C 365 -11.54 13.04 39.41
CA THR C 365 -12.78 12.28 39.28
C THR C 365 -13.93 13.02 39.91
N ALA C 366 -15.07 13.06 39.21
CA ALA C 366 -16.31 13.59 39.75
C ALA C 366 -17.40 12.57 39.50
N VAL C 367 -17.99 12.06 40.59
CA VAL C 367 -19.00 11.01 40.53
C VAL C 367 -20.36 11.67 40.36
N GLN C 368 -21.06 11.33 39.27
CA GLN C 368 -22.34 11.93 38.95
C GLN C 368 -23.51 10.98 39.18
N ASP C 369 -23.46 9.79 38.59
CA ASP C 369 -24.53 8.80 38.75
C ASP C 369 -24.41 8.16 40.12
N SER C 370 -24.84 8.90 41.14
CA SER C 370 -24.74 8.43 42.52
C SER C 370 -25.91 9.02 43.30
N ASN C 371 -26.95 8.22 43.49
CA ASN C 371 -28.03 8.60 44.39
C ASN C 371 -27.59 8.42 45.84
N GLY C 372 -28.50 8.65 46.78
CA GLY C 372 -28.14 8.53 48.17
C GLY C 372 -27.86 7.11 48.59
N GLU C 373 -26.57 6.79 48.74
CA GLU C 373 -26.10 5.45 49.06
C GLU C 373 -24.62 5.48 49.44
N SER C 374 -24.27 4.93 50.59
CA SER C 374 -22.88 4.84 50.98
C SER C 374 -22.19 3.76 50.14
N TRP C 375 -20.87 3.93 49.94
CA TRP C 375 -20.13 2.98 49.15
C TRP C 375 -19.94 1.65 49.88
N ASN C 376 -19.94 1.68 51.21
CA ASN C 376 -19.84 0.44 51.98
C ASN C 376 -21.12 -0.37 51.91
N THR C 377 -22.25 0.28 51.60
CA THR C 377 -23.51 -0.44 51.46
C THR C 377 -23.47 -1.39 50.27
N GLY C 378 -22.88 -0.94 49.16
CA GLY C 378 -22.78 -1.79 47.99
C GLY C 378 -21.76 -2.90 48.06
N LEU C 379 -20.92 -2.91 49.10
CA LEU C 379 -19.91 -3.94 49.26
C LEU C 379 -20.06 -4.75 50.54
N SER C 380 -20.72 -4.20 51.56
CA SER C 380 -20.93 -4.85 52.85
C SER C 380 -19.62 -5.27 53.51
N ILE C 381 -18.64 -4.37 53.48
CA ILE C 381 -17.36 -4.58 54.15
C ILE C 381 -17.53 -4.28 55.62
N ASN C 382 -17.30 -5.28 56.47
CA ASN C 382 -17.65 -5.16 57.89
C ASN C 382 -16.48 -4.69 58.75
N LYS C 383 -15.43 -5.50 58.84
CA LYS C 383 -14.36 -5.24 59.81
C LYS C 383 -13.00 -4.98 59.17
N GLY C 384 -12.47 -5.94 58.40
CA GLY C 384 -11.05 -5.87 58.08
C GLY C 384 -10.62 -5.85 56.63
N GLU C 385 -11.39 -6.43 55.73
CA GLU C 385 -10.96 -6.60 54.36
C GLU C 385 -11.98 -6.03 53.39
N SER C 386 -11.54 -5.07 52.58
CA SER C 386 -12.34 -4.46 51.54
C SER C 386 -12.12 -5.18 50.22
N ALA C 387 -12.72 -4.67 49.16
CA ALA C 387 -12.74 -5.33 47.87
C ALA C 387 -11.59 -4.84 46.99
N TYR C 388 -11.67 -5.17 45.70
CA TYR C 388 -10.68 -4.77 44.71
C TYR C 388 -11.34 -3.80 43.74
N ILE C 389 -10.52 -3.03 43.03
CA ILE C 389 -11.02 -2.04 42.10
C ILE C 389 -10.62 -2.43 40.69
N ASN C 390 -11.41 -1.96 39.72
CA ASN C 390 -11.13 -2.12 38.31
C ASN C 390 -11.79 -0.97 37.56
N ALA C 391 -11.12 -0.48 36.52
CA ALA C 391 -11.54 0.74 35.85
C ALA C 391 -11.42 0.61 34.34
N ASN C 392 -12.16 1.47 33.64
CA ASN C 392 -12.06 1.64 32.20
C ASN C 392 -11.21 2.87 31.92
N VAL C 393 -10.09 2.68 31.23
CA VAL C 393 -9.08 3.72 31.06
C VAL C 393 -8.94 4.09 29.59
N ARG C 394 -8.57 5.35 29.36
CA ARG C 394 -8.32 5.88 28.02
C ARG C 394 -7.11 6.80 28.07
N TYR C 395 -6.47 6.98 26.91
CA TYR C 395 -5.24 7.74 26.79
C TYR C 395 -5.45 8.88 25.81
N TYR C 396 -5.02 10.08 26.20
CA TYR C 396 -5.13 11.26 25.36
C TYR C 396 -3.78 11.95 25.26
N ASN C 397 -3.62 12.74 24.21
CA ASN C 397 -2.46 13.59 24.02
C ASN C 397 -2.91 15.03 23.83
N THR C 398 -2.28 15.94 24.58
CA THR C 398 -2.52 17.38 24.46
C THR C 398 -1.17 18.02 24.19
N GLY C 399 -0.77 18.03 22.92
CA GLY C 399 0.52 18.58 22.53
C GLY C 399 0.71 18.41 21.04
N THR C 400 1.57 19.26 20.48
CA THR C 400 1.81 19.27 19.04
C THR C 400 2.98 18.38 18.62
N ALA C 401 2.98 17.14 19.09
CA ALA C 401 4.00 16.17 18.72
C ALA C 401 3.50 14.75 18.96
N PRO C 402 3.81 13.81 18.06
CA PRO C 402 3.44 12.41 18.31
C PRO C 402 4.58 11.61 18.93
N MET C 403 4.23 10.65 19.79
CA MET C 403 5.17 9.64 20.24
C MET C 403 4.65 8.29 19.76
N TYR C 404 5.58 7.37 19.46
CA TYR C 404 5.17 6.07 18.94
C TYR C 404 5.38 4.98 19.99
N LYS C 405 6.61 4.80 20.45
CA LYS C 405 6.93 3.73 21.40
C LYS C 405 6.61 4.21 22.80
N VAL C 406 5.34 4.08 23.17
CA VAL C 406 4.86 4.60 24.45
C VAL C 406 5.33 3.69 25.58
N THR C 407 5.75 4.31 26.68
CA THR C 407 6.08 3.61 27.92
C THR C 407 5.38 4.34 29.06
N PRO C 408 4.06 4.23 29.16
CA PRO C 408 3.32 5.05 30.13
C PRO C 408 3.31 4.45 31.52
N THR C 409 3.89 5.16 32.48
CA THR C 409 3.82 4.80 33.89
C THR C 409 2.92 5.80 34.58
N THR C 410 1.88 5.30 35.26
CA THR C 410 0.96 6.17 35.98
C THR C 410 0.80 5.65 37.40
N ASN C 411 0.21 6.48 38.25
CA ASN C 411 0.00 6.16 39.65
C ASN C 411 -1.40 6.60 40.04
N LEU C 412 -2.10 5.74 40.77
CA LEU C 412 -3.48 6.01 41.19
C LEU C 412 -3.41 6.56 42.60
N VAL C 413 -3.49 7.89 42.72
CA VAL C 413 -3.14 8.59 43.96
C VAL C 413 -4.41 8.92 44.74
N LEU C 414 -4.32 8.76 46.06
CA LEU C 414 -5.42 8.98 47.00
C LEU C 414 -4.94 9.98 48.05
N ASP C 415 -5.28 11.26 47.83
CA ASP C 415 -5.10 12.44 48.70
C ASP C 415 -3.81 12.42 49.53
N GLY C 416 -2.68 12.08 48.90
CA GLY C 416 -1.41 11.99 49.56
C GLY C 416 -0.87 10.58 49.73
N ASP C 417 -1.71 9.57 49.54
CA ASP C 417 -1.29 8.17 49.64
C ASP C 417 -1.44 7.49 48.29
N THR C 418 -0.50 6.61 47.97
CA THR C 418 -0.44 5.98 46.65
C THR C 418 -0.82 4.50 46.79
N LEU C 419 -1.79 4.05 45.99
CA LEU C 419 -2.18 2.65 46.00
C LEU C 419 -1.32 1.82 45.07
N SER C 420 -1.32 2.16 43.77
CA SER C 420 -0.67 1.31 42.79
C SER C 420 -0.13 2.14 41.64
N THR C 421 0.95 1.63 41.05
CA THR C 421 1.53 2.17 39.84
C THR C 421 1.24 1.21 38.70
N ILE C 422 0.66 1.74 37.62
CA ILE C 422 0.23 0.96 36.47
C ILE C 422 1.17 1.26 35.32
N LYS C 423 1.76 0.21 34.75
CA LYS C 423 2.57 0.28 33.55
C LYS C 423 1.78 -0.39 32.43
N ALA C 424 1.47 0.36 31.38
CA ALA C 424 0.63 -0.13 30.29
C ALA C 424 1.44 -0.83 29.20
N GLN C 425 2.75 -1.02 29.41
CA GLN C 425 3.74 -1.59 28.50
C GLN C 425 3.57 -1.13 27.05
N GLU C 426 3.77 -2.02 26.10
CA GLU C 426 3.70 -1.70 24.68
C GLU C 426 2.55 -2.36 23.95
N ASN C 427 2.12 -3.54 24.40
CA ASN C 427 1.09 -4.30 23.67
C ASN C 427 -0.30 -3.74 23.84
N GLN C 428 -0.62 -3.13 24.99
CA GLN C 428 -1.98 -2.65 25.24
C GLN C 428 -2.34 -1.41 24.44
N ILE C 429 -1.36 -0.68 23.91
CA ILE C 429 -1.59 0.53 23.14
C ILE C 429 -1.08 0.37 21.71
N GLY C 430 0.17 -0.03 21.55
CA GLY C 430 0.79 -0.11 20.25
C GLY C 430 1.80 0.99 20.03
N ASN C 431 2.32 1.05 18.81
CA ASN C 431 3.33 2.03 18.44
C ASN C 431 2.73 3.25 17.75
N ASN C 432 1.52 3.64 18.13
CA ASN C 432 0.87 4.78 17.48
C ASN C 432 -0.02 5.49 18.50
N LEU C 433 0.28 6.76 18.77
CA LEU C 433 -0.60 7.65 19.52
C LEU C 433 -0.53 9.01 18.85
N SER C 434 -1.53 9.33 18.04
CA SER C 434 -1.56 10.59 17.32
C SER C 434 -1.81 11.76 18.28
N PRO C 435 -1.30 12.95 17.97
CA PRO C 435 -1.54 14.11 18.83
C PRO C 435 -3.00 14.55 18.77
N GLY C 436 -3.58 14.81 19.94
CA GLY C 436 -4.95 15.27 20.01
C GLY C 436 -6.01 14.23 19.81
N ASP C 437 -5.65 12.94 19.77
CA ASP C 437 -6.59 11.87 19.48
C ASP C 437 -6.64 10.90 20.65
N THR C 438 -7.86 10.57 21.08
CA THR C 438 -8.05 9.55 22.11
C THR C 438 -7.73 8.18 21.52
N TYR C 439 -7.19 7.30 22.37
CA TYR C 439 -6.82 5.95 21.93
C TYR C 439 -7.99 5.15 21.38
N PRO C 440 -9.22 5.20 21.96
CA PRO C 440 -10.40 4.88 21.14
C PRO C 440 -10.86 6.10 20.35
N LYS C 441 -10.94 5.97 19.03
CA LYS C 441 -11.24 7.11 18.14
C LYS C 441 -12.73 7.41 18.20
N LYS C 442 -13.07 8.57 18.77
CA LYS C 442 -14.44 9.08 18.89
C LYS C 442 -15.26 8.09 19.70
N GLY C 443 -16.40 7.61 19.21
CA GLY C 443 -17.24 6.74 20.01
C GLY C 443 -17.01 5.26 19.80
N LEU C 444 -16.18 4.66 20.65
CA LEU C 444 -16.01 3.21 20.72
C LEU C 444 -16.03 2.76 22.18
N SER C 445 -15.75 1.48 22.41
CA SER C 445 -15.69 0.97 23.76
C SER C 445 -14.40 1.46 24.45
N PRO C 446 -14.49 1.84 25.72
CA PRO C 446 -13.27 2.20 26.45
C PRO C 446 -12.38 0.98 26.69
N LEU C 447 -11.09 1.23 26.79
CA LEU C 447 -10.14 0.15 27.07
C LEU C 447 -10.20 -0.21 28.54
N ALA C 448 -10.74 -1.38 28.85
CA ALA C 448 -10.86 -1.83 30.23
C ALA C 448 -9.50 -2.26 30.76
N LEU C 449 -9.37 -2.23 32.08
CA LEU C 449 -8.19 -2.77 32.76
C LEU C 449 -8.35 -4.27 33.04
N ASN C 450 -8.71 -5.01 32.00
CA ASN C 450 -8.92 -6.45 32.08
C ASN C 450 -8.16 -7.20 31.00
N THR C 451 -7.31 -6.51 30.24
CA THR C 451 -6.56 -7.13 29.15
C THR C 451 -5.11 -7.34 29.53
N SER C 457 0.18 -5.55 38.77
CA SER C 457 -0.06 -4.98 37.46
C SER C 457 -1.38 -5.45 36.88
N ARG C 458 -2.12 -6.24 37.67
CA ARG C 458 -3.41 -6.78 37.24
C ARG C 458 -4.56 -6.22 38.07
N LEU C 459 -4.52 -6.35 39.39
CA LEU C 459 -5.59 -5.89 40.26
C LEU C 459 -5.01 -4.94 41.31
N ILE C 460 -5.86 -4.03 41.75
CA ILE C 460 -5.44 -3.00 42.72
C ILE C 460 -6.32 -3.13 43.96
N PRO C 461 -5.73 -3.35 45.14
CA PRO C 461 -6.52 -3.59 46.34
C PRO C 461 -6.83 -2.30 47.10
N ILE C 462 -7.71 -2.44 48.08
CA ILE C 462 -8.03 -1.35 49.00
C ILE C 462 -8.41 -1.98 50.34
N ASN C 463 -8.18 -1.23 51.41
CA ASN C 463 -8.47 -1.67 52.77
C ASN C 463 -9.71 -0.92 53.28
N TYR C 464 -10.11 -1.24 54.50
CA TYR C 464 -11.23 -0.52 55.12
C TYR C 464 -10.75 0.71 55.88
N ASP C 465 -9.95 1.52 55.24
CA ASP C 465 -9.56 2.86 55.66
C ASP C 465 -9.75 3.88 54.56
N GLN C 466 -9.53 3.50 53.30
CA GLN C 466 -9.74 4.37 52.16
C GLN C 466 -11.09 4.14 51.48
N LEU C 467 -11.78 3.05 51.80
CA LEU C 467 -13.10 2.79 51.23
C LEU C 467 -14.11 3.84 51.67
N LYS C 468 -14.04 4.28 52.92
CA LYS C 468 -14.94 5.29 53.42
C LYS C 468 -14.55 6.71 53.03
N LYS C 469 -13.31 6.92 52.54
CA LYS C 469 -12.89 8.26 52.18
C LYS C 469 -13.35 8.68 50.80
N LEU C 470 -13.82 7.73 49.97
CA LEU C 470 -14.49 8.10 48.73
C LEU C 470 -15.84 8.76 49.00
N ASP C 471 -16.41 8.55 50.17
CA ASP C 471 -17.81 8.88 50.40
C ASP C 471 -18.00 10.38 50.64
N ALA C 472 -17.24 10.96 51.58
CA ALA C 472 -17.58 12.29 52.08
C ALA C 472 -17.07 13.42 51.18
N GLY C 473 -15.75 13.56 51.05
CA GLY C 473 -15.23 14.74 50.37
C GLY C 473 -14.22 14.51 49.27
N LYS C 474 -13.51 13.40 49.33
CA LYS C 474 -12.29 13.19 48.57
C LYS C 474 -12.60 12.63 47.18
N GLN C 475 -11.75 12.97 46.22
CA GLN C 475 -11.76 12.37 44.90
C GLN C 475 -10.41 11.73 44.61
N ILE C 476 -10.45 10.51 44.10
CA ILE C 476 -9.23 9.79 43.74
C ILE C 476 -8.68 10.37 42.44
N LYS C 477 -7.38 10.67 42.42
CA LYS C 477 -6.77 11.26 41.23
C LYS C 477 -5.81 10.27 40.58
N LEU C 478 -5.33 10.63 39.41
CA LEU C 478 -4.39 9.81 38.64
C LEU C 478 -3.27 10.72 38.13
N GLU C 479 -2.04 10.21 38.14
CA GLU C 479 -0.88 11.00 37.74
C GLU C 479 0.12 10.15 37.00
N THR C 480 0.37 10.46 35.73
CA THR C 480 1.47 9.83 35.03
C THR C 480 2.80 10.45 35.47
N THR C 481 3.83 9.61 35.58
CA THR C 481 5.11 10.03 36.12
C THR C 481 6.21 10.00 35.08
N GLN C 482 6.43 8.85 34.44
CA GLN C 482 7.48 8.70 33.43
C GLN C 482 6.87 8.22 32.13
N VAL C 483 7.13 8.95 31.06
CA VAL C 483 6.69 8.58 29.72
C VAL C 483 7.85 8.82 28.76
N SER C 484 8.07 7.88 27.85
CA SER C 484 9.11 8.00 26.84
C SER C 484 8.53 7.60 25.49
N GLY C 485 9.18 8.06 24.43
CA GLY C 485 8.71 7.75 23.10
C GLY C 485 9.74 8.14 22.07
N ASN C 486 9.34 8.05 20.80
CA ASN C 486 10.19 8.41 19.68
C ASN C 486 9.47 9.43 18.79
N PHE C 487 10.27 10.23 18.09
CA PHE C 487 9.75 11.19 17.12
C PHE C 487 10.23 10.81 15.72
N GLY C 488 9.32 10.91 14.76
CA GLY C 488 9.61 10.47 13.40
C GLY C 488 10.50 11.44 12.67
N THR C 489 11.65 10.96 12.22
CA THR C 489 12.61 11.75 11.45
C THR C 489 12.75 11.14 10.06
N LYS C 490 12.49 11.96 9.04
CA LYS C 490 12.64 11.51 7.66
C LYS C 490 14.11 11.26 7.35
N ASN C 491 14.39 10.17 6.65
CA ASN C 491 15.77 9.85 6.27
C ASN C 491 16.10 10.57 4.97
N SER C 492 17.22 10.20 4.34
CA SER C 492 17.65 10.87 3.13
C SER C 492 16.75 10.54 1.95
N SER C 493 16.23 9.32 1.89
CA SER C 493 15.51 8.85 0.70
C SER C 493 14.05 8.54 0.98
N GLY C 494 13.77 7.67 1.94
CA GLY C 494 12.44 7.08 2.04
C GLY C 494 11.58 7.43 3.24
N GLN C 495 11.56 6.54 4.23
CA GLN C 495 10.56 6.54 5.29
C GLN C 495 11.17 7.11 6.59
N ILE C 496 10.32 7.41 7.58
CA ILE C 496 10.73 8.04 8.83
C ILE C 496 11.20 6.97 9.82
N VAL C 497 12.29 7.25 10.52
CA VAL C 497 12.93 6.28 11.40
C VAL C 497 12.54 6.59 12.83
N THR C 498 11.83 5.64 13.46
CA THR C 498 11.32 5.82 14.82
C THR C 498 11.87 4.75 15.76
N GLU C 499 12.93 4.05 15.37
CA GLU C 499 13.52 3.01 16.19
C GLU C 499 14.69 3.52 17.02
N GLY C 500 15.72 4.05 16.38
CA GLY C 500 16.85 4.61 17.08
C GLY C 500 16.58 6.00 17.60
N ASN C 501 15.76 6.10 18.64
CA ASN C 501 15.31 7.39 19.14
C ASN C 501 14.86 7.24 20.58
N SER C 502 14.70 8.37 21.25
CA SER C 502 14.20 8.41 22.62
C SER C 502 13.74 9.84 22.93
N TRP C 503 12.55 9.95 23.51
CA TRP C 503 12.08 11.24 24.02
C TRP C 503 12.49 11.44 25.47
N SER C 504 13.79 11.31 25.74
CA SER C 504 14.34 11.53 27.07
C SER C 504 15.48 12.52 27.11
N ASP C 505 16.17 12.76 25.99
CA ASP C 505 17.24 13.73 25.91
C ASP C 505 16.73 15.14 25.62
N TYR C 506 15.45 15.28 25.31
CA TYR C 506 14.86 16.59 25.05
C TYR C 506 13.84 17.03 26.08
N ILE C 507 13.63 16.26 27.16
CA ILE C 507 12.69 16.70 28.20
C ILE C 507 13.24 17.91 28.96
N SER C 508 14.52 17.86 29.33
CA SER C 508 15.14 19.01 30.00
C SER C 508 15.57 20.08 29.00
N GLN C 509 15.67 19.72 27.72
CA GLN C 509 15.97 20.70 26.69
C GLN C 509 14.83 21.68 26.50
N ILE C 510 13.59 21.21 26.55
CA ILE C 510 12.42 22.08 26.40
C ILE C 510 11.93 22.58 27.75
N ASP C 511 12.02 21.74 28.79
CA ASP C 511 11.43 22.06 30.08
C ASP C 511 12.14 23.22 30.78
N SER C 512 13.45 23.34 30.59
CA SER C 512 14.24 24.31 31.33
C SER C 512 14.37 25.66 30.63
N ILE C 513 13.94 25.79 29.37
CA ILE C 513 14.16 26.99 28.57
C ILE C 513 12.84 27.63 28.15
N SER C 514 11.75 26.86 28.19
CA SER C 514 10.49 27.37 27.67
C SER C 514 9.51 27.68 28.80
N ALA C 515 8.43 28.36 28.43
CA ALA C 515 7.36 28.70 29.36
C ALA C 515 6.25 27.65 29.27
N SER C 516 5.12 27.91 29.92
CA SER C 516 3.99 26.99 29.93
C SER C 516 2.69 27.77 29.81
N ILE C 517 1.92 27.51 28.75
CA ILE C 517 0.63 28.14 28.54
C ILE C 517 -0.41 27.03 28.35
N ILE C 518 -1.43 27.03 29.20
CA ILE C 518 -2.54 26.08 29.10
C ILE C 518 -3.80 26.86 28.78
N LEU C 519 -4.54 26.39 27.77
CA LEU C 519 -5.85 26.92 27.43
C LEU C 519 -6.88 25.83 27.68
N ASP C 520 -7.88 26.14 28.51
CA ASP C 520 -8.91 25.19 28.89
C ASP C 520 -10.21 25.56 28.18
N THR C 521 -10.49 24.90 27.07
CA THR C 521 -11.82 24.87 26.49
C THR C 521 -12.62 23.78 27.21
N GLU C 522 -13.94 23.95 27.27
CA GLU C 522 -14.78 22.96 27.94
C GLU C 522 -14.83 21.64 27.18
N ASN C 523 -14.35 21.61 25.93
CA ASN C 523 -14.29 20.38 25.15
C ASN C 523 -12.88 19.80 25.05
N GLU C 524 -11.84 20.61 25.16
CA GLU C 524 -10.48 20.14 24.96
C GLU C 524 -9.50 21.04 25.72
N SER C 525 -8.29 20.54 25.91
CA SER C 525 -7.24 21.28 26.60
C SER C 525 -6.02 21.40 25.69
N TYR C 526 -5.37 22.56 25.75
CA TYR C 526 -4.17 22.80 24.95
C TYR C 526 -3.04 23.23 25.86
N GLU C 527 -1.83 22.75 25.53
CA GLU C 527 -0.63 23.06 26.29
C GLU C 527 0.49 23.41 25.33
N ARG C 528 1.16 24.53 25.59
CA ARG C 528 2.22 25.00 24.70
C ARG C 528 3.40 25.49 25.52
N ARG C 529 4.59 25.38 24.91
CA ARG C 529 5.83 25.86 25.49
C ARG C 529 6.51 26.80 24.50
N VAL C 530 6.88 27.99 24.96
CA VAL C 530 7.41 29.04 24.11
C VAL C 530 8.73 29.55 24.69
N THR C 531 9.67 29.84 23.80
CA THR C 531 10.96 30.38 24.21
C THR C 531 10.82 31.88 24.47
N ALA C 532 11.47 32.36 25.52
CA ALA C 532 11.30 33.73 25.97
C ALA C 532 12.66 34.40 26.14
N LYS C 533 12.65 35.58 26.75
CA LYS C 533 13.86 36.34 27.04
C LYS C 533 13.97 36.61 28.53
N ASN C 534 15.12 36.28 29.11
CA ASN C 534 15.48 36.80 30.42
C ASN C 534 15.99 38.24 30.31
N LEU C 535 15.48 39.12 31.16
CA LEU C 535 15.84 40.52 31.07
C LEU C 535 17.22 40.79 31.65
N GLN C 536 17.68 39.99 32.61
CA GLN C 536 18.96 40.24 33.28
C GLN C 536 20.10 39.51 32.58
N ASP C 537 20.17 39.65 31.26
CA ASP C 537 21.20 39.02 30.43
C ASP C 537 21.18 39.67 29.05
N PRO C 538 21.93 40.75 28.85
CA PRO C 538 22.01 41.35 27.50
C PRO C 538 22.80 40.50 26.51
N GLU C 539 23.58 39.52 26.98
CA GLU C 539 24.36 38.68 26.08
C GLU C 539 23.47 37.79 25.22
N ASP C 540 22.43 37.20 25.81
CA ASP C 540 21.59 36.24 25.11
C ASP C 540 20.67 36.98 24.13
N LYS C 541 20.97 36.87 22.84
CA LYS C 541 20.17 37.50 21.79
C LYS C 541 19.07 36.52 21.40
N THR C 542 17.89 36.71 21.95
CA THR C 542 16.74 35.84 21.75
C THR C 542 15.54 36.72 21.48
N PRO C 543 14.52 36.20 20.78
CA PRO C 543 13.33 37.02 20.49
C PRO C 543 12.59 37.47 21.73
N GLU C 544 11.99 38.65 21.64
CA GLU C 544 11.22 39.25 22.72
C GLU C 544 9.73 39.06 22.43
N LEU C 545 8.98 38.62 23.43
CA LEU C 545 7.57 38.30 23.27
C LEU C 545 6.73 38.97 24.35
N THR C 546 5.56 39.45 23.95
CA THR C 546 4.54 39.87 24.89
C THR C 546 3.64 38.69 25.23
N ILE C 547 2.56 38.96 25.95
CA ILE C 547 1.64 37.88 26.33
C ILE C 547 0.74 37.50 25.16
N GLY C 548 0.04 38.49 24.60
CA GLY C 548 -0.92 38.22 23.54
C GLY C 548 -0.27 37.72 22.26
N GLU C 549 0.92 38.26 21.93
CA GLU C 549 1.65 37.78 20.76
C GLU C 549 2.12 36.34 20.96
N ALA C 550 2.54 36.00 22.18
CA ALA C 550 2.93 34.61 22.46
C ALA C 550 1.73 33.67 22.37
N ILE C 551 0.56 34.11 22.84
CA ILE C 551 -0.64 33.29 22.71
C ILE C 551 -1.01 33.10 21.25
N GLU C 552 -0.97 34.17 20.46
CA GLU C 552 -1.29 34.09 19.04
C GLU C 552 -0.30 33.21 18.29
N LYS C 553 0.97 33.24 18.70
CA LYS C 553 1.97 32.42 18.03
C LYS C 553 1.85 30.96 18.43
N ALA C 554 1.54 30.69 19.70
CA ALA C 554 1.45 29.32 20.19
C ALA C 554 0.11 28.65 19.88
N PHE C 555 -0.91 29.42 19.49
CA PHE C 555 -2.21 28.82 19.23
C PHE C 555 -2.68 29.08 17.80
N GLY C 556 -2.45 30.28 17.30
CA GLY C 556 -2.98 30.65 16.00
C GLY C 556 -4.29 31.38 16.15
N ALA C 557 -4.29 32.69 15.92
CA ALA C 557 -5.47 33.51 16.12
C ALA C 557 -5.61 34.51 15.00
N THR C 558 -6.85 34.96 14.78
CA THR C 558 -7.15 36.01 13.83
C THR C 558 -7.23 37.34 14.57
N LYS C 559 -6.65 38.38 13.97
CA LYS C 559 -6.50 39.68 14.61
C LYS C 559 -7.58 40.62 14.08
N LYS C 560 -8.66 40.77 14.84
CA LYS C 560 -9.64 41.81 14.57
C LYS C 560 -9.23 43.09 15.31
N ASP C 561 -10.08 44.10 15.21
CA ASP C 561 -9.75 45.45 15.70
C ASP C 561 -9.64 45.47 17.23
N GLY C 562 -8.40 45.36 17.71
CA GLY C 562 -8.16 45.21 19.13
C GLY C 562 -8.61 43.90 19.69
N LEU C 563 -8.79 42.88 18.85
CA LEU C 563 -9.41 41.63 19.25
C LEU C 563 -8.62 40.45 18.74
N LEU C 564 -8.55 39.39 19.55
CA LEU C 564 -7.95 38.12 19.16
C LEU C 564 -9.04 37.07 19.15
N TYR C 565 -9.21 36.39 18.02
CA TYR C 565 -10.30 35.43 17.86
C TYR C 565 -9.75 34.08 17.42
N PHE C 566 -10.42 33.02 17.85
CA PHE C 566 -10.26 31.70 17.25
C PHE C 566 -11.30 31.56 16.14
N ASN C 567 -11.52 30.33 15.65
CA ASN C 567 -12.57 30.12 14.66
C ASN C 567 -13.95 30.44 15.23
N ASP C 568 -14.16 30.15 16.52
CA ASP C 568 -15.37 30.58 17.22
C ASP C 568 -15.13 31.09 18.64
N ILE C 569 -13.93 30.93 19.19
CA ILE C 569 -13.67 31.22 20.59
C ILE C 569 -13.07 32.63 20.68
N PRO C 570 -13.73 33.58 21.34
CA PRO C 570 -13.12 34.88 21.59
C PRO C 570 -12.17 34.86 22.78
N ILE C 571 -10.96 35.39 22.58
CA ILE C 571 -9.98 35.49 23.64
C ILE C 571 -9.54 36.95 23.79
N ASP C 572 -9.69 37.48 25.01
CA ASP C 572 -9.36 38.86 25.30
C ASP C 572 -9.23 39.00 26.82
N GLU C 573 -8.63 40.11 27.25
CA GLU C 573 -8.48 40.38 28.67
C GLU C 573 -9.81 40.62 29.38
N SER C 574 -10.86 40.97 28.65
CA SER C 574 -12.20 41.15 29.21
C SER C 574 -13.16 40.09 28.71
N CYS C 575 -12.63 38.96 28.23
CA CYS C 575 -13.46 37.91 27.66
C CYS C 575 -13.17 36.52 28.20
N VAL C 576 -11.98 36.26 28.73
CA VAL C 576 -11.63 34.97 29.30
C VAL C 576 -11.13 35.19 30.72
N GLU C 577 -10.95 34.08 31.44
CA GLU C 577 -10.43 34.11 32.80
C GLU C 577 -8.94 33.80 32.77
N LEU C 578 -8.17 34.57 33.53
CA LEU C 578 -6.72 34.44 33.57
C LEU C 578 -6.29 33.96 34.95
N ILE C 579 -5.53 32.88 35.00
CA ILE C 579 -5.06 32.29 36.25
C ILE C 579 -3.54 32.26 36.23
N PHE C 580 -2.93 32.80 37.29
CA PHE C 580 -1.49 32.94 37.41
C PHE C 580 -1.05 32.35 38.74
N ASP C 581 0.21 31.90 38.80
CA ASP C 581 0.79 31.48 40.06
C ASP C 581 1.23 32.70 40.87
N ASP C 582 1.70 32.43 42.09
CA ASP C 582 2.10 33.51 42.99
C ASP C 582 3.31 34.29 42.47
N ASN C 583 4.33 33.57 42.00
CA ASN C 583 5.54 34.23 41.52
C ASN C 583 5.28 35.01 40.25
N THR C 584 4.49 34.45 39.33
CA THR C 584 4.16 35.14 38.09
C THR C 584 3.27 36.36 38.34
N ALA C 585 2.31 36.23 39.28
CA ALA C 585 1.48 37.37 39.64
C ALA C 585 2.31 38.48 40.29
N ASN C 586 3.28 38.09 41.13
CA ASN C 586 4.17 39.08 41.72
C ASN C 586 5.02 39.76 40.66
N LYS C 587 5.50 38.99 39.67
CA LYS C 587 6.25 39.55 38.56
C LYS C 587 5.41 40.54 37.77
N ILE C 588 4.16 40.17 37.48
CA ILE C 588 3.29 41.02 36.67
C ILE C 588 2.94 42.30 37.43
N LYS C 589 2.64 42.17 38.73
CA LYS C 589 2.40 43.35 39.55
C LYS C 589 3.64 44.24 39.67
N ASP C 590 4.83 43.64 39.63
CA ASP C 590 6.04 44.43 39.49
C ASP C 590 6.09 45.13 38.13
N SER C 591 5.65 44.45 37.08
CA SER C 591 5.71 45.00 35.73
C SER C 591 4.49 45.85 35.38
N LEU C 592 3.37 45.68 36.08
CA LEU C 592 2.19 46.47 35.77
C LEU C 592 2.36 47.95 36.12
N LYS C 593 3.34 48.28 36.96
CA LYS C 593 3.55 49.67 37.34
C LYS C 593 4.18 50.47 36.21
N THR C 594 5.15 49.88 35.49
CA THR C 594 5.87 50.63 34.47
C THR C 594 5.12 50.74 33.16
N LEU C 595 4.09 49.94 32.93
CA LEU C 595 3.26 50.12 31.75
C LEU C 595 2.35 51.33 31.91
N SER C 596 2.28 52.14 30.86
CA SER C 596 1.45 53.34 30.84
C SER C 596 0.13 53.11 30.10
N ASP C 597 -0.18 51.85 29.78
CA ASP C 597 -1.40 51.52 29.06
C ASP C 597 -2.42 50.76 29.91
N LYS C 598 -2.01 50.24 31.08
CA LYS C 598 -2.87 49.50 32.00
C LYS C 598 -3.53 48.29 31.32
N LYS C 599 -2.69 47.42 30.78
CA LYS C 599 -3.14 46.21 30.10
C LYS C 599 -2.40 45.01 30.69
N ILE C 600 -2.99 43.82 30.51
CA ILE C 600 -2.35 42.62 31.03
C ILE C 600 -1.62 41.85 29.93
N TYR C 601 -1.89 42.15 28.66
CA TYR C 601 -1.24 41.46 27.55
C TYR C 601 0.05 42.11 27.09
N ASN C 602 0.32 43.36 27.48
CA ASN C 602 1.57 44.02 27.11
C ASN C 602 2.62 43.83 28.21
N VAL C 603 2.83 42.58 28.56
CA VAL C 603 3.81 42.18 29.57
C VAL C 603 4.84 41.30 28.89
N LYS C 604 6.11 41.63 29.06
CA LYS C 604 7.18 40.87 28.42
C LYS C 604 7.30 39.47 29.03
N LEU C 605 7.62 38.51 28.19
CA LEU C 605 7.67 37.12 28.58
C LEU C 605 9.09 36.69 28.92
N GLU C 606 9.25 36.09 30.09
CA GLU C 606 10.55 35.56 30.51
C GLU C 606 10.42 34.08 30.81
N ARG C 607 11.56 33.44 30.99
CA ARG C 607 11.62 32.00 31.24
C ARG C 607 11.01 31.66 32.60
N GLY C 608 10.21 30.60 32.63
CA GLY C 608 9.72 30.08 33.89
C GLY C 608 8.43 30.70 34.40
N MET C 609 7.40 30.72 33.58
CA MET C 609 6.06 31.12 34.01
C MET C 609 5.08 29.98 33.81
N ASN C 610 3.88 30.18 34.33
CA ASN C 610 2.74 29.33 34.03
C ASN C 610 1.51 30.19 33.77
N ILE C 611 0.76 29.84 32.73
CA ILE C 611 -0.36 30.64 32.26
C ILE C 611 -1.56 29.72 32.18
N LEU C 612 -2.70 30.13 32.75
CA LEU C 612 -3.94 29.40 32.51
C LEU C 612 -4.99 30.34 31.95
N ILE C 613 -5.54 29.97 30.79
CA ILE C 613 -6.60 30.74 30.13
C ILE C 613 -7.85 29.87 30.15
N LYS C 614 -8.78 30.21 31.05
CA LYS C 614 -10.03 29.48 31.19
C LYS C 614 -11.11 30.21 30.40
N THR C 615 -11.54 29.61 29.31
CA THR C 615 -12.64 30.16 28.53
C THR C 615 -13.95 29.93 29.27
N PRO C 616 -14.74 30.98 29.52
CA PRO C 616 -16.01 30.79 30.23
C PRO C 616 -16.99 29.97 29.42
N THR C 617 -17.79 29.17 30.14
CA THR C 617 -18.81 28.34 29.51
C THR C 617 -19.95 29.17 28.93
N TYR C 618 -20.12 30.40 29.40
CA TYR C 618 -21.09 31.35 28.85
C TYR C 618 -20.42 32.72 28.84
N PHE C 619 -20.55 33.44 27.73
CA PHE C 619 -20.02 34.80 27.68
C PHE C 619 -20.82 35.63 26.70
N THR C 620 -21.29 36.79 27.15
CA THR C 620 -21.92 37.77 26.28
C THR C 620 -21.18 39.08 26.40
N ASN C 621 -21.25 39.88 25.33
CA ASN C 621 -20.67 41.21 25.34
C ASN C 621 -21.60 42.24 24.70
N PHE C 622 -22.89 41.90 24.54
CA PHE C 622 -23.88 42.75 23.88
C PHE C 622 -23.43 43.14 22.48
N ASP C 623 -23.04 42.13 21.72
CA ASP C 623 -22.39 42.27 20.43
C ASP C 623 -22.84 41.11 19.55
N ASP C 624 -22.07 40.82 18.50
CA ASP C 624 -22.40 39.70 17.62
C ASP C 624 -22.37 38.35 18.32
N TYR C 625 -21.55 38.22 19.37
CA TYR C 625 -21.48 36.98 20.15
C TYR C 625 -22.51 37.05 21.26
N ASN C 626 -23.59 36.27 21.12
CA ASN C 626 -24.61 36.18 22.15
C ASN C 626 -25.13 34.74 22.12
N ASN C 627 -24.56 33.90 22.98
CA ASN C 627 -24.82 32.46 22.96
C ASN C 627 -25.55 32.01 24.22
N TYR C 628 -26.34 32.89 24.83
CA TYR C 628 -27.00 32.52 26.06
C TYR C 628 -28.32 31.81 25.74
N PRO C 629 -28.52 30.59 26.27
CA PRO C 629 -29.74 29.83 25.93
C PRO C 629 -31.01 30.41 26.55
N SER C 630 -30.89 31.28 27.54
CA SER C 630 -32.03 31.98 28.12
C SER C 630 -31.89 33.46 27.85
N THR C 631 -32.98 34.08 27.37
CA THR C 631 -32.95 35.48 26.97
C THR C 631 -32.89 36.38 28.20
N TRP C 632 -32.37 37.59 27.99
CA TRP C 632 -32.24 38.58 29.05
C TRP C 632 -33.58 39.30 29.22
N SER C 633 -33.57 40.37 30.02
CA SER C 633 -34.70 41.27 30.14
C SER C 633 -34.18 42.70 30.15
N ASN C 634 -34.96 43.62 29.56
CA ASN C 634 -34.63 45.03 29.43
C ASN C 634 -33.30 45.24 28.70
N VAL C 635 -33.29 44.83 27.44
CA VAL C 635 -32.09 44.92 26.60
C VAL C 635 -32.20 46.18 25.74
N ASN C 636 -31.24 47.09 25.90
CA ASN C 636 -31.17 48.32 25.14
C ASN C 636 -29.77 48.41 24.53
N THR C 637 -29.66 48.12 23.23
CA THR C 637 -28.39 48.11 22.53
C THR C 637 -28.12 49.41 21.78
N THR C 638 -29.00 50.41 21.89
CA THR C 638 -28.80 51.69 21.20
C THR C 638 -27.80 52.52 22.00
N ASN C 639 -26.53 52.17 21.85
CA ASN C 639 -25.46 52.82 22.58
C ASN C 639 -24.15 52.59 21.83
N GLN C 640 -23.12 53.36 22.21
CA GLN C 640 -21.82 53.18 21.60
C GLN C 640 -20.63 53.32 22.56
N ASP C 641 -20.87 53.53 23.85
CA ASP C 641 -19.75 53.71 24.78
C ASP C 641 -19.36 52.38 25.44
N GLY C 642 -19.14 51.36 24.62
CA GLY C 642 -18.72 50.06 25.08
C GLY C 642 -17.21 49.92 25.02
N LEU C 643 -16.73 48.88 25.71
CA LEU C 643 -15.33 48.51 25.59
C LEU C 643 -15.02 48.08 24.16
N GLN C 644 -15.90 47.30 23.56
CA GLN C 644 -15.92 47.08 22.12
C GLN C 644 -17.37 47.06 21.67
N GLY C 645 -17.63 47.58 20.47
CA GLY C 645 -18.99 47.68 19.98
C GLY C 645 -19.84 48.66 20.76
N SER C 646 -20.78 48.14 21.54
CA SER C 646 -21.68 48.95 22.33
C SER C 646 -21.62 48.54 23.80
N ALA C 647 -22.33 49.31 24.63
CA ALA C 647 -22.51 49.00 26.03
C ALA C 647 -23.99 48.84 26.31
N ASN C 648 -24.32 47.95 27.24
CA ASN C 648 -25.72 47.63 27.53
C ASN C 648 -26.32 48.75 28.37
N LYS C 649 -27.23 49.52 27.77
CA LYS C 649 -27.96 50.52 28.53
C LYS C 649 -28.97 49.87 29.44
N LEU C 650 -29.14 50.44 30.64
CA LEU C 650 -30.07 49.94 31.63
C LEU C 650 -31.15 50.97 31.90
N ASN C 651 -32.34 50.50 32.21
CA ASN C 651 -33.43 51.35 32.71
C ASN C 651 -33.93 50.91 34.07
N GLY C 652 -34.13 49.60 34.25
CA GLY C 652 -34.57 49.05 35.52
C GLY C 652 -33.85 47.77 35.86
N GLU C 653 -34.62 46.72 36.13
CA GLU C 653 -34.03 45.42 36.44
C GLU C 653 -33.52 44.73 35.18
N THR C 654 -32.78 43.65 35.40
CA THR C 654 -32.39 42.74 34.33
C THR C 654 -32.45 41.33 34.91
N LYS C 655 -33.25 40.48 34.27
CA LYS C 655 -33.56 39.13 34.74
C LYS C 655 -32.95 38.10 33.80
N ILE C 656 -32.25 37.13 34.36
CA ILE C 656 -31.76 35.98 33.61
C ILE C 656 -32.13 34.73 34.40
N LYS C 657 -32.71 33.74 33.72
CA LYS C 657 -33.12 32.49 34.37
C LYS C 657 -32.59 31.32 33.56
N ILE C 658 -31.40 30.85 33.89
CA ILE C 658 -30.83 29.72 33.16
C ILE C 658 -31.25 28.42 33.85
N PRO C 659 -31.77 27.43 33.10
CA PRO C 659 -32.36 26.25 33.73
C PRO C 659 -31.37 25.22 34.22
N MET C 660 -31.86 24.24 34.97
CA MET C 660 -31.02 23.15 35.46
C MET C 660 -30.69 22.15 34.36
N SER C 661 -31.35 22.27 33.20
CA SER C 661 -31.12 21.37 32.08
C SER C 661 -29.73 21.49 31.48
N GLU C 662 -29.00 22.56 31.78
CA GLU C 662 -27.67 22.76 31.23
C GLU C 662 -26.63 23.13 32.27
N LEU C 663 -26.99 23.23 33.54
CA LEU C 663 -26.02 23.36 34.61
C LEU C 663 -25.59 21.97 35.08
N LYS C 664 -24.28 21.73 35.05
CA LYS C 664 -23.76 20.49 35.59
C LYS C 664 -23.81 20.53 37.11
N PRO C 665 -24.42 19.54 37.75
CA PRO C 665 -24.52 19.55 39.21
C PRO C 665 -23.17 19.32 39.88
N TYR C 666 -23.11 19.74 41.15
CA TYR C 666 -21.94 19.57 42.02
C TYR C 666 -20.71 20.29 41.48
N LYS C 667 -20.94 21.45 40.84
CA LYS C 667 -19.88 22.28 40.30
C LYS C 667 -19.86 23.63 41.01
N ARG C 668 -18.93 24.49 40.62
CA ARG C 668 -18.84 25.86 41.09
C ARG C 668 -18.72 26.78 39.89
N TYR C 669 -19.54 27.83 39.84
CA TYR C 669 -19.55 28.76 38.73
C TYR C 669 -19.27 30.17 39.24
N VAL C 670 -18.46 30.90 38.48
CA VAL C 670 -18.12 32.29 38.77
C VAL C 670 -18.64 33.15 37.63
N PHE C 671 -19.47 34.14 37.97
CA PHE C 671 -19.95 35.14 37.03
C PHE C 671 -19.16 36.42 37.24
N SER C 672 -18.55 36.92 36.17
CA SER C 672 -17.78 38.15 36.20
C SER C 672 -18.36 39.13 35.19
N GLY C 673 -18.14 40.41 35.45
CA GLY C 673 -18.71 41.44 34.61
C GLY C 673 -17.95 42.75 34.69
N TYR C 674 -18.20 43.59 33.68
CA TYR C 674 -17.58 44.89 33.53
C TYR C 674 -18.65 45.97 33.63
N SER C 675 -18.34 47.04 34.37
CA SER C 675 -19.31 48.10 34.58
C SER C 675 -18.67 49.47 34.36
N LYS C 676 -19.49 50.40 33.88
CA LYS C 676 -19.17 51.82 33.84
C LYS C 676 -20.33 52.60 34.43
N ASP C 677 -20.05 53.78 34.94
CA ASP C 677 -21.12 54.60 35.50
C ASP C 677 -20.75 56.08 35.43
N PRO C 678 -21.42 56.86 34.57
CA PRO C 678 -21.16 58.30 34.46
C PRO C 678 -21.96 59.11 35.48
N LEU C 679 -21.93 58.69 36.74
CA LEU C 679 -22.63 59.39 37.80
C LEU C 679 -21.81 59.20 39.08
N THR C 680 -21.94 60.17 40.00
CA THR C 680 -21.09 60.20 41.18
C THR C 680 -21.38 59.03 42.13
N SER C 681 -22.64 58.82 42.46
CA SER C 681 -23.01 57.83 43.48
C SER C 681 -24.19 56.99 43.02
N ASN C 682 -24.15 56.51 41.77
CA ASN C 682 -25.10 55.52 41.29
C ASN C 682 -24.55 54.15 41.67
N SER C 683 -25.35 53.38 42.39
CA SER C 683 -24.98 52.04 42.82
C SER C 683 -26.05 51.04 42.41
N ILE C 684 -25.65 49.77 42.33
CA ILE C 684 -26.52 48.71 41.87
C ILE C 684 -26.62 47.63 42.94
N ILE C 685 -27.66 46.81 42.82
CA ILE C 685 -27.81 45.62 43.65
C ILE C 685 -27.91 44.42 42.74
N VAL C 686 -27.43 43.28 43.22
CA VAL C 686 -27.46 42.03 42.47
C VAL C 686 -27.92 40.92 43.39
N LYS C 687 -28.79 40.05 42.87
CA LYS C 687 -29.24 38.86 43.58
C LYS C 687 -28.99 37.64 42.71
N ILE C 688 -28.22 36.70 43.25
CA ILE C 688 -27.94 35.43 42.60
C ILE C 688 -28.81 34.42 43.31
N LYS C 689 -30.01 34.17 42.78
CA LYS C 689 -30.96 33.28 43.43
C LYS C 689 -30.77 31.87 42.87
N ALA C 690 -30.32 30.98 43.75
CA ALA C 690 -30.00 29.59 43.43
C ALA C 690 -30.27 28.78 44.70
N LYS C 691 -29.69 27.59 44.76
CA LYS C 691 -29.73 26.80 45.99
C LYS C 691 -29.05 27.53 47.14
N GLU C 692 -27.98 28.27 46.85
CA GLU C 692 -27.33 29.18 47.79
C GLU C 692 -27.40 30.58 47.19
N GLU C 693 -28.51 31.26 47.43
CA GLU C 693 -28.70 32.60 46.92
C GLU C 693 -27.83 33.60 47.66
N LYS C 694 -27.53 34.72 47.01
CA LYS C 694 -26.73 35.76 47.65
C LYS C 694 -27.11 37.12 47.09
N THR C 695 -27.32 38.08 47.99
CA THR C 695 -27.49 39.48 47.63
C THR C 695 -26.16 40.21 47.78
N ASP C 696 -26.00 41.26 46.98
CA ASP C 696 -24.78 42.06 47.04
C ASP C 696 -25.08 43.47 46.55
N TYR C 697 -24.32 44.42 47.07
CA TYR C 697 -24.46 45.84 46.77
C TYR C 697 -23.14 46.35 46.20
N LEU C 698 -23.19 46.85 44.97
CA LEU C 698 -21.98 47.26 44.26
C LEU C 698 -22.04 48.75 43.96
N VAL C 699 -20.90 49.41 44.10
CA VAL C 699 -20.76 50.81 43.71
C VAL C 699 -19.85 50.92 42.49
N PRO C 700 -20.40 51.12 41.30
CA PRO C 700 -19.56 51.29 40.11
C PRO C 700 -18.91 52.66 40.07
N GLU C 701 -17.98 52.81 39.13
CA GLU C 701 -17.24 54.05 38.99
C GLU C 701 -17.33 54.57 37.56
N GLN C 702 -16.59 55.63 37.26
CA GLN C 702 -16.62 56.20 35.91
C GLN C 702 -16.00 55.26 34.88
N GLY C 703 -14.89 54.63 35.23
CA GLY C 703 -14.20 53.72 34.34
C GLY C 703 -14.77 52.32 34.40
N TYR C 704 -14.08 51.41 33.73
CA TYR C 704 -14.49 50.01 33.69
C TYR C 704 -14.01 49.28 34.95
N THR C 705 -14.96 48.80 35.74
CA THR C 705 -14.68 48.03 36.95
C THR C 705 -15.07 46.58 36.70
N LYS C 706 -14.20 45.66 37.09
CA LYS C 706 -14.42 44.24 36.92
C LYS C 706 -14.81 43.61 38.25
N PHE C 707 -15.91 42.88 38.26
CA PHE C 707 -16.41 42.24 39.47
C PHE C 707 -16.62 40.75 39.21
N SER C 708 -16.47 39.95 40.27
CA SER C 708 -16.63 38.50 40.16
C SER C 708 -17.38 37.98 41.38
N TYR C 709 -18.36 37.12 41.13
CA TYR C 709 -19.14 36.45 42.15
C TYR C 709 -19.12 34.94 41.88
N GLU C 710 -19.36 34.16 42.93
CA GLU C 710 -19.32 32.71 42.82
C GLU C 710 -20.56 32.09 43.44
N PHE C 711 -20.94 30.92 42.91
CA PHE C 711 -22.12 30.20 43.38
C PHE C 711 -21.97 28.73 43.01
N GLU C 712 -22.81 27.89 43.61
CA GLU C 712 -22.82 26.45 43.37
C GLU C 712 -24.19 26.02 42.89
N THR C 713 -24.38 24.70 42.78
CA THR C 713 -25.62 24.10 42.34
C THR C 713 -25.78 22.73 42.99
N THR C 714 -26.90 22.09 42.70
CA THR C 714 -27.27 20.81 43.31
C THR C 714 -27.77 19.94 42.14
N GLU C 715 -28.40 18.80 42.41
CA GLU C 715 -28.64 17.77 41.41
C GLU C 715 -29.75 18.16 40.44
N LYS C 716 -30.20 17.19 39.63
CA LYS C 716 -31.15 17.45 38.56
C LYS C 716 -32.51 17.88 39.10
N ASP C 717 -32.86 17.45 40.31
CA ASP C 717 -34.14 17.77 40.94
C ASP C 717 -34.23 19.21 41.45
N SER C 718 -33.21 20.03 41.19
CA SER C 718 -33.16 21.39 41.69
C SER C 718 -33.89 22.34 40.74
N SER C 719 -34.10 23.57 41.21
CA SER C 719 -34.77 24.59 40.42
C SER C 719 -33.75 25.34 39.56
N ASN C 720 -34.25 26.12 38.61
CA ASN C 720 -33.39 26.90 37.75
C ASN C 720 -32.69 28.00 38.54
N ILE C 721 -31.55 28.45 38.02
CA ILE C 721 -30.73 29.46 38.68
C ILE C 721 -30.95 30.79 37.98
N GLU C 722 -31.27 31.82 38.76
CA GLU C 722 -31.59 33.12 38.18
C GLU C 722 -30.67 34.19 38.76
N ILE C 723 -30.41 35.20 37.94
CA ILE C 723 -29.55 36.32 38.26
C ILE C 723 -30.35 37.58 37.96
N THR C 724 -30.53 38.42 38.98
CA THR C 724 -31.24 39.68 38.82
C THR C 724 -30.30 40.82 39.17
N LEU C 725 -30.23 41.82 38.31
CA LEU C 725 -29.40 42.98 38.60
C LEU C 725 -30.24 44.24 38.44
N ILE C 726 -30.23 45.11 39.45
CA ILE C 726 -31.02 46.33 39.44
C ILE C 726 -30.10 47.52 39.61
N GLY C 727 -30.09 48.40 38.61
CA GLY C 727 -29.34 49.63 38.68
C GLY C 727 -30.24 50.82 38.90
N SER C 728 -29.91 51.97 38.29
CA SER C 728 -30.77 53.13 38.40
C SER C 728 -30.94 53.85 37.06
N GLY C 729 -30.55 53.23 35.95
CA GLY C 729 -30.81 53.75 34.63
C GLY C 729 -29.63 54.41 33.94
N THR C 730 -28.54 54.69 34.66
CA THR C 730 -27.38 55.33 34.06
C THR C 730 -26.16 54.44 33.93
N THR C 731 -26.06 53.38 34.72
CA THR C 731 -24.90 52.50 34.64
C THR C 731 -24.94 51.66 33.37
N TYR C 732 -23.75 51.21 32.94
CA TYR C 732 -23.57 50.48 31.70
C TYR C 732 -22.86 49.17 32.00
N LEU C 733 -23.37 48.07 31.45
CA LEU C 733 -22.79 46.75 31.68
C LEU C 733 -22.17 46.25 30.39
N ASP C 734 -21.09 45.48 30.52
CA ASP C 734 -20.37 44.95 29.37
C ASP C 734 -19.58 43.73 29.80
N ASN C 735 -19.47 42.77 28.88
CA ASN C 735 -18.60 41.58 29.01
C ASN C 735 -18.99 40.75 30.24
N LEU C 736 -20.20 40.18 30.18
CA LEU C 736 -20.72 39.36 31.26
C LEU C 736 -20.45 37.89 30.94
N SER C 737 -19.68 37.22 31.80
CA SER C 737 -19.25 35.85 31.52
C SER C 737 -19.40 34.97 32.74
N ILE C 738 -20.01 33.81 32.57
CA ILE C 738 -20.13 32.78 33.59
C ILE C 738 -19.20 31.63 33.21
N THR C 739 -18.38 31.18 34.16
CA THR C 739 -17.42 30.12 33.93
C THR C 739 -17.55 29.07 35.03
N GLU C 740 -17.05 27.87 34.74
CA GLU C 740 -16.95 26.81 35.73
C GLU C 740 -15.51 26.68 36.22
N LEU C 741 -15.36 26.31 37.49
CA LEU C 741 -14.04 26.25 38.11
C LEU C 741 -13.64 24.84 38.52
N ASN C 742 -14.41 24.18 39.37
CA ASN C 742 -14.01 22.89 39.93
C ASN C 742 -15.27 22.15 40.42
N SER C 743 -15.05 21.10 41.20
CA SER C 743 -16.12 20.27 41.74
C SER C 743 -16.21 20.45 43.25
N THR C 744 -17.44 20.49 43.75
CA THR C 744 -17.61 20.53 45.20
C THR C 744 -17.82 19.11 45.74
N PRO C 745 -17.38 18.86 46.98
CA PRO C 745 -17.63 17.54 47.57
C PRO C 745 -19.12 17.27 47.77
N GLU C 746 -19.48 16.00 47.71
CA GLU C 746 -20.87 15.57 47.75
C GLU C 746 -21.15 14.79 49.03
N ILE C 747 -22.24 15.15 49.70
CA ILE C 747 -22.65 14.45 50.91
C ILE C 747 -23.25 13.12 50.51
N LEU C 748 -22.68 12.02 51.02
CA LEU C 748 -23.08 10.70 50.57
C LEU C 748 -22.90 9.67 51.68
N LYS D 28 24.50 2.43 1.01
CA LYS D 28 25.93 2.09 0.95
C LYS D 28 26.16 0.66 1.38
N GLU D 29 25.10 -0.14 1.38
CA GLU D 29 25.20 -1.53 1.83
C GLU D 29 25.92 -2.39 0.81
N TRP D 30 25.56 -2.26 -0.47
CA TRP D 30 26.14 -3.12 -1.50
C TRP D 30 27.60 -2.80 -1.76
N GLU D 31 27.98 -1.52 -1.69
CA GLU D 31 29.37 -1.14 -1.85
C GLU D 31 30.23 -1.73 -0.73
N ARG D 32 29.76 -1.69 0.51
CA ARG D 32 30.51 -2.31 1.59
C ARG D 32 30.56 -3.83 1.46
N LYS D 33 29.45 -4.44 1.03
CA LYS D 33 29.40 -5.89 0.88
C LYS D 33 30.40 -6.37 -0.17
N GLU D 34 30.41 -5.73 -1.34
CA GLU D 34 31.40 -6.08 -2.35
C GLU D 34 32.79 -5.61 -1.97
N ALA D 35 32.92 -4.61 -1.11
CA ALA D 35 34.24 -4.17 -0.66
C ALA D 35 34.91 -5.23 0.19
N GLU D 36 34.22 -5.75 1.20
CA GLU D 36 34.81 -6.89 1.93
C GLU D 36 34.68 -8.21 1.20
N ARG D 37 33.94 -8.30 0.09
CA ARG D 37 34.04 -9.49 -0.74
C ARG D 37 35.33 -9.48 -1.57
N ILE D 38 35.69 -8.33 -2.14
CA ILE D 38 36.93 -8.22 -2.89
C ILE D 38 38.13 -8.23 -1.95
N GLU D 39 37.98 -7.63 -0.77
CA GLU D 39 39.12 -7.45 0.14
C GLU D 39 39.67 -8.77 0.67
N GLN D 40 38.83 -9.79 0.77
CA GLN D 40 39.35 -11.09 1.22
C GLN D 40 40.03 -11.87 0.10
N LYS D 41 39.84 -11.47 -1.16
CA LYS D 41 40.61 -12.04 -2.26
C LYS D 41 41.65 -11.08 -2.82
N LEU D 42 41.92 -9.98 -2.12
CA LEU D 42 43.05 -9.13 -2.45
C LEU D 42 44.28 -9.60 -1.67
N GLU D 43 45.40 -9.75 -2.37
CA GLU D 43 46.61 -10.29 -1.77
C GLU D 43 47.38 -9.17 -1.07
N ARG D 44 48.63 -9.46 -0.68
CA ARG D 44 49.38 -8.54 0.17
C ARG D 44 49.80 -7.28 -0.58
N SER D 45 50.36 -7.42 -1.78
CA SER D 45 50.81 -6.23 -2.50
C SER D 45 49.63 -5.45 -3.06
N GLU D 46 48.57 -6.15 -3.47
CA GLU D 46 47.35 -5.47 -3.92
C GLU D 46 46.73 -4.65 -2.79
N LYS D 47 46.65 -5.22 -1.58
CA LYS D 47 46.09 -4.46 -0.47
C LYS D 47 47.03 -3.34 -0.03
N GLU D 48 48.35 -3.53 -0.15
CA GLU D 48 49.30 -2.46 0.16
C GLU D 48 49.13 -1.29 -0.80
N ALA D 49 48.95 -1.58 -2.09
CA ALA D 49 48.61 -0.54 -3.05
C ALA D 49 47.24 0.07 -2.75
N LEU D 50 46.34 -0.70 -2.13
CA LEU D 50 45.05 -0.13 -1.76
C LEU D 50 45.18 0.89 -0.64
N GLU D 51 45.96 0.61 0.42
CA GLU D 51 46.19 1.69 1.39
C GLU D 51 47.05 2.81 0.81
N SER D 52 47.90 2.51 -0.18
CA SER D 52 48.66 3.56 -0.86
C SER D 52 47.73 4.52 -1.59
N TYR D 53 46.68 4.00 -2.23
CA TYR D 53 45.68 4.87 -2.82
C TYR D 53 44.78 5.50 -1.76
N LYS D 54 44.61 4.84 -0.62
CA LYS D 54 43.83 5.43 0.47
C LYS D 54 44.50 6.67 1.03
N LYS D 55 45.83 6.67 1.12
CA LYS D 55 46.55 7.81 1.66
C LYS D 55 46.97 8.82 0.59
N ASP D 56 46.99 8.42 -0.68
CA ASP D 56 47.52 9.25 -1.76
C ASP D 56 46.60 9.22 -2.97
N SER D 57 45.30 9.43 -2.73
CA SER D 57 44.30 9.24 -3.78
C SER D 57 44.46 10.23 -4.93
N VAL D 58 44.63 11.52 -4.60
CA VAL D 58 44.68 12.55 -5.64
C VAL D 58 45.96 12.45 -6.45
N GLU D 59 47.10 12.24 -5.77
CA GLU D 59 48.38 12.18 -6.48
C GLU D 59 48.48 10.94 -7.36
N ILE D 60 48.04 9.78 -6.85
CA ILE D 60 48.03 8.56 -7.66
C ILE D 60 47.03 8.68 -8.80
N SER D 61 45.91 9.38 -8.57
CA SER D 61 44.94 9.61 -9.63
C SER D 61 45.52 10.45 -10.76
N LYS D 62 46.17 11.57 -10.41
CA LYS D 62 46.79 12.41 -11.44
C LYS D 62 47.96 11.69 -12.12
N TYR D 63 48.71 10.88 -11.36
CA TYR D 63 49.78 10.09 -11.96
C TYR D 63 49.24 9.07 -12.95
N SER D 64 48.13 8.41 -12.61
CA SER D 64 47.52 7.47 -13.55
C SER D 64 46.93 8.19 -14.75
N GLN D 65 46.54 9.45 -14.57
CA GLN D 65 46.10 10.26 -15.71
C GLN D 65 47.25 10.55 -16.66
N THR D 66 48.40 10.97 -16.13
CA THR D 66 49.45 11.56 -16.95
C THR D 66 50.73 10.75 -17.04
N ARG D 67 50.73 9.48 -16.62
CA ARG D 67 51.97 8.71 -16.56
C ARG D 67 52.39 8.19 -17.93
N ASN D 68 51.44 7.97 -18.83
CA ASN D 68 51.75 7.29 -20.08
C ASN D 68 52.52 8.15 -21.07
N TYR D 69 52.66 9.44 -20.79
CA TYR D 69 53.36 10.37 -21.67
C TYR D 69 54.84 10.55 -21.30
N PHE D 70 55.33 9.87 -20.27
CA PHE D 70 56.73 9.92 -19.90
C PHE D 70 57.51 8.86 -20.67
N TYR D 71 58.83 8.82 -20.44
CA TYR D 71 59.67 7.79 -21.01
C TYR D 71 59.31 6.43 -20.42
N ASP D 72 59.57 5.38 -21.21
CA ASP D 72 59.34 4.01 -20.73
C ASP D 72 60.25 3.68 -19.57
N TYR D 73 61.49 4.18 -19.59
CA TYR D 73 62.38 4.00 -18.46
C TYR D 73 61.99 4.89 -17.28
N GLN D 74 61.38 6.05 -17.55
CA GLN D 74 60.78 6.82 -16.48
C GLN D 74 59.63 6.06 -15.84
N ILE D 75 58.86 5.33 -16.64
CA ILE D 75 57.82 4.45 -16.12
C ILE D 75 58.42 3.34 -15.28
N GLU D 76 59.47 2.69 -15.79
CA GLU D 76 60.05 1.55 -15.10
C GLU D 76 60.71 1.95 -13.79
N ALA D 77 61.28 3.16 -13.74
CA ALA D 77 61.91 3.66 -12.53
C ALA D 77 60.97 4.46 -11.64
N ASN D 78 59.70 4.61 -12.03
CA ASN D 78 58.77 5.39 -11.23
C ASN D 78 58.37 4.65 -9.97
N SER D 79 58.31 5.38 -8.85
CA SER D 79 57.91 4.79 -7.58
C SER D 79 56.42 4.46 -7.59
N ARG D 80 55.60 5.38 -8.10
CA ARG D 80 54.15 5.16 -8.13
C ARG D 80 53.72 4.20 -9.23
N GLU D 81 54.63 3.77 -10.10
CA GLU D 81 54.25 2.85 -11.17
C GLU D 81 53.88 1.48 -10.64
N LYS D 82 54.53 1.04 -9.56
CA LYS D 82 54.17 -0.24 -8.94
C LYS D 82 52.75 -0.20 -8.39
N GLU D 83 52.41 0.89 -7.71
CA GLU D 83 51.04 1.07 -7.22
C GLU D 83 50.06 1.17 -8.38
N TYR D 84 50.45 1.85 -9.45
CA TYR D 84 49.59 1.98 -10.63
C TYR D 84 49.30 0.62 -11.24
N LYS D 85 50.33 -0.20 -11.44
CA LYS D 85 50.13 -1.48 -12.10
C LYS D 85 49.38 -2.46 -11.20
N GLU D 86 49.63 -2.41 -9.88
CA GLU D 86 48.88 -3.27 -8.97
C GLU D 86 47.40 -2.90 -8.95
N LEU D 87 47.10 -1.60 -8.84
CA LEU D 87 45.71 -1.17 -8.83
C LEU D 87 45.05 -1.41 -10.18
N ARG D 88 45.78 -1.20 -11.28
CA ARG D 88 45.24 -1.42 -12.61
C ARG D 88 44.95 -2.89 -12.86
N ASN D 89 45.81 -3.78 -12.37
CA ASN D 89 45.54 -5.21 -12.47
C ASN D 89 44.33 -5.60 -11.62
N ALA D 90 44.20 -5.01 -10.43
CA ALA D 90 43.03 -5.26 -9.60
C ALA D 90 41.75 -4.77 -10.29
N ILE D 91 41.84 -3.64 -10.99
CA ILE D 91 40.71 -3.12 -11.75
C ILE D 91 40.40 -4.02 -12.94
N SER D 92 41.43 -4.56 -13.58
CA SER D 92 41.21 -5.44 -14.72
C SER D 92 40.80 -6.85 -14.31
N LYS D 93 40.88 -7.20 -13.03
CA LYS D 93 40.38 -8.51 -12.60
C LYS D 93 39.06 -8.44 -11.84
N ASN D 94 38.74 -7.31 -11.21
CA ASN D 94 37.42 -7.12 -10.61
C ASN D 94 36.53 -6.43 -11.63
N LYS D 95 35.73 -7.23 -12.34
CA LYS D 95 34.88 -6.76 -13.42
C LYS D 95 33.42 -6.94 -13.01
N ILE D 96 32.51 -6.63 -13.93
CA ILE D 96 31.08 -6.84 -13.72
C ILE D 96 30.44 -7.16 -15.06
N ASP D 97 29.42 -8.01 -15.03
CA ASP D 97 28.78 -8.51 -16.24
C ASP D 97 27.67 -7.61 -16.74
N LYS D 98 27.21 -6.65 -15.93
CA LYS D 98 26.09 -5.80 -16.32
C LYS D 98 26.47 -4.33 -16.26
N PRO D 99 25.85 -3.48 -17.07
CA PRO D 99 26.09 -2.04 -16.95
C PRO D 99 25.51 -1.49 -15.64
N MET D 100 26.14 -0.44 -15.14
CA MET D 100 25.72 0.19 -13.90
C MET D 100 25.54 1.69 -14.12
N TYR D 101 24.82 2.33 -13.20
CA TYR D 101 24.73 3.78 -13.14
C TYR D 101 25.36 4.28 -11.86
N VAL D 102 26.32 5.20 -11.98
CA VAL D 102 27.06 5.71 -10.84
C VAL D 102 26.97 7.23 -10.83
N TYR D 103 27.04 7.80 -9.62
CA TYR D 103 26.93 9.23 -9.40
C TYR D 103 28.24 9.75 -8.83
N TYR D 104 28.73 10.87 -9.38
CA TYR D 104 29.93 11.49 -8.83
C TYR D 104 29.90 12.98 -9.10
N PHE D 105 30.74 13.71 -8.36
CA PHE D 105 30.99 15.12 -8.59
C PHE D 105 32.42 15.31 -9.04
N GLU D 106 32.61 15.96 -10.20
CA GLU D 106 33.92 16.20 -10.76
C GLU D 106 33.95 17.64 -11.27
N SER D 107 35.15 18.20 -11.34
CA SER D 107 35.32 19.61 -11.68
C SER D 107 34.82 19.88 -13.10
N PRO D 108 34.19 21.04 -13.34
CA PRO D 108 33.81 21.40 -14.71
C PRO D 108 35.00 21.59 -15.64
N GLU D 109 36.18 21.90 -15.08
CA GLU D 109 37.39 21.96 -15.87
C GLU D 109 37.83 20.59 -16.38
N LYS D 110 37.35 19.51 -15.75
CA LYS D 110 37.67 18.17 -16.21
C LYS D 110 36.83 17.76 -17.42
N PHE D 111 35.72 18.45 -17.67
CA PHE D 111 34.82 18.12 -18.78
C PHE D 111 34.70 19.28 -19.76
N ALA D 112 35.82 19.97 -20.00
CA ALA D 112 35.97 21.00 -21.03
C ALA D 112 34.99 22.17 -20.87
N PHE D 113 34.61 22.49 -19.64
CA PHE D 113 33.77 23.66 -19.35
C PHE D 113 34.60 24.57 -18.44
N ASN D 114 35.29 25.53 -19.06
CA ASN D 114 36.24 26.37 -18.35
C ASN D 114 35.58 27.61 -17.74
N LYS D 115 34.49 27.40 -17.00
CA LYS D 115 33.82 28.46 -16.26
C LYS D 115 32.95 27.80 -15.20
N VAL D 116 32.30 28.62 -14.39
CA VAL D 116 31.43 28.16 -13.32
C VAL D 116 29.98 28.48 -13.68
N ILE D 117 29.10 27.50 -13.49
CA ILE D 117 27.67 27.72 -13.71
C ILE D 117 27.06 28.41 -12.49
N ARG D 118 27.12 27.74 -11.34
CA ARG D 118 26.78 28.35 -10.06
C ARG D 118 27.87 28.00 -9.06
N THR D 119 28.14 28.94 -8.16
CA THR D 119 29.18 28.75 -7.17
C THR D 119 28.67 27.92 -6.00
N GLU D 120 29.49 27.81 -4.94
CA GLU D 120 29.07 27.11 -3.74
C GLU D 120 27.96 27.87 -3.02
N ASN D 121 28.09 29.19 -2.93
CA ASN D 121 27.03 29.98 -2.31
C ASN D 121 25.85 30.18 -3.24
N GLN D 122 26.08 30.18 -4.56
CA GLN D 122 24.98 30.26 -5.51
C GLN D 122 24.20 28.96 -5.52
N ASN D 123 22.87 29.07 -5.57
CA ASN D 123 22.00 27.90 -5.60
C ASN D 123 21.05 27.89 -6.78
N GLU D 124 20.89 28.98 -7.50
CA GLU D 124 20.00 29.07 -8.65
C GLU D 124 20.82 29.17 -9.93
N ILE D 125 20.37 28.47 -10.97
CA ILE D 125 21.03 28.46 -12.27
C ILE D 125 20.06 29.05 -13.29
N SER D 126 20.50 30.10 -13.97
CA SER D 126 19.65 30.78 -14.94
C SER D 126 19.54 29.96 -16.22
N LEU D 127 18.68 30.44 -17.13
CA LEU D 127 18.41 29.70 -18.35
C LEU D 127 19.58 29.81 -19.33
N GLU D 128 20.25 30.96 -19.38
CA GLU D 128 21.29 31.18 -20.38
C GLU D 128 22.55 30.35 -20.08
N LYS D 129 22.92 30.24 -18.81
CA LYS D 129 24.07 29.40 -18.47
C LYS D 129 23.78 27.92 -18.68
N PHE D 130 22.54 27.50 -18.44
CA PHE D 130 22.12 26.14 -18.78
C PHE D 130 22.19 25.91 -20.28
N ASN D 131 21.77 26.89 -21.07
CA ASN D 131 21.81 26.76 -22.53
C ASN D 131 23.25 26.68 -23.04
N GLU D 132 24.14 27.52 -22.51
CA GLU D 132 25.53 27.48 -22.99
C GLU D 132 26.23 26.21 -22.54
N PHE D 133 25.94 25.71 -21.33
CA PHE D 133 26.50 24.42 -20.92
C PHE D 133 25.96 23.29 -21.79
N LYS D 134 24.68 23.36 -22.17
CA LYS D 134 24.10 22.36 -23.05
C LYS D 134 24.79 22.36 -24.41
N GLU D 135 25.03 23.55 -24.98
CA GLU D 135 25.64 23.59 -26.31
C GLU D 135 27.13 23.30 -26.28
N THR D 136 27.79 23.44 -25.13
CA THR D 136 29.17 22.97 -25.02
C THR D 136 29.23 21.45 -24.86
N ILE D 137 28.28 20.86 -24.14
CA ILE D 137 28.31 19.41 -23.90
C ILE D 137 27.60 18.63 -25.01
N GLN D 138 26.87 19.30 -25.90
CA GLN D 138 26.09 18.63 -26.92
C GLN D 138 26.98 17.88 -27.90
N ASN D 139 26.44 16.76 -28.41
CA ASN D 139 26.96 15.88 -29.47
C ASN D 139 28.47 15.66 -29.46
N LYS D 140 29.05 15.50 -28.28
CA LYS D 140 30.50 15.42 -28.16
C LYS D 140 30.90 14.47 -27.06
N LEU D 141 32.15 14.01 -27.13
CA LEU D 141 32.72 12.99 -26.27
C LEU D 141 33.76 13.61 -25.35
N PHE D 142 33.86 13.09 -24.13
CA PHE D 142 34.78 13.64 -23.15
C PHE D 142 35.53 12.51 -22.45
N LYS D 143 36.85 12.61 -22.37
CA LYS D 143 37.66 11.49 -21.94
C LYS D 143 37.65 11.35 -20.43
N GLN D 144 37.78 10.10 -19.98
CA GLN D 144 37.96 9.75 -18.57
C GLN D 144 39.17 8.82 -18.53
N ASP D 145 40.26 9.29 -17.92
CA ASP D 145 41.51 8.55 -17.84
C ASP D 145 42.01 8.54 -16.41
N GLY D 146 42.71 7.47 -16.06
CA GLY D 146 43.39 7.38 -14.78
C GLY D 146 42.55 6.72 -13.70
N PHE D 147 43.09 6.76 -12.48
CA PHE D 147 42.38 6.23 -11.33
C PHE D 147 41.40 7.25 -10.79
N LYS D 148 40.29 6.76 -10.26
CA LYS D 148 39.30 7.66 -9.68
C LYS D 148 38.44 6.92 -8.66
N ASP D 149 38.10 7.61 -7.58
CA ASP D 149 37.14 7.12 -6.59
C ASP D 149 35.76 7.76 -6.80
N ILE D 150 34.74 6.90 -6.84
CA ILE D 150 33.38 7.25 -7.23
C ILE D 150 32.43 6.58 -6.26
N SER D 151 31.38 7.30 -5.85
CA SER D 151 30.27 6.73 -5.10
C SER D 151 29.28 6.08 -6.05
N LEU D 152 28.53 5.10 -5.53
CA LEU D 152 27.60 4.37 -6.39
C LEU D 152 26.22 5.02 -6.46
N TYR D 153 25.83 5.74 -5.42
CA TYR D 153 24.48 6.28 -5.31
C TYR D 153 24.50 7.80 -5.38
N GLU D 154 23.32 8.37 -5.53
CA GLU D 154 23.18 9.81 -5.68
C GLU D 154 23.44 10.50 -4.34
N PRO D 155 24.39 11.43 -4.27
CA PRO D 155 24.63 12.14 -3.02
C PRO D 155 23.44 13.02 -2.62
N GLY D 156 23.20 13.08 -1.32
CA GLY D 156 22.01 13.75 -0.80
C GLY D 156 22.28 14.96 0.06
N LYS D 157 22.05 14.82 1.37
CA LYS D 157 22.13 15.96 2.27
C LYS D 157 23.54 16.20 2.78
N GLY D 158 24.11 15.20 3.45
CA GLY D 158 25.41 15.31 4.08
C GLY D 158 26.58 14.82 3.27
N ASP D 159 26.35 14.26 2.08
CA ASP D 159 27.45 13.79 1.26
C ASP D 159 28.21 14.96 0.65
N GLU D 160 29.44 14.69 0.22
CA GLU D 160 30.29 15.74 -0.33
C GLU D 160 29.80 16.15 -1.71
N LYS D 161 29.34 17.40 -1.83
CA LYS D 161 28.83 17.93 -3.09
C LYS D 161 29.57 19.23 -3.39
N PRO D 162 30.81 19.14 -3.90
CA PRO D 162 31.59 20.37 -4.10
C PRO D 162 31.18 21.16 -5.32
N THR D 163 30.57 20.52 -6.32
CA THR D 163 30.23 21.15 -7.58
C THR D 163 28.77 20.88 -7.91
N PRO D 164 28.13 21.74 -8.73
CA PRO D 164 26.78 21.45 -9.22
C PRO D 164 26.72 20.45 -10.36
N LEU D 165 27.81 19.78 -10.71
CA LEU D 165 27.84 18.83 -11.82
C LEU D 165 27.79 17.42 -11.26
N LEU D 166 26.58 16.85 -11.19
CA LEU D 166 26.39 15.47 -10.77
C LEU D 166 26.39 14.59 -12.02
N MET D 167 27.50 13.91 -12.26
CA MET D 167 27.60 13.02 -13.41
C MET D 167 27.00 11.67 -13.02
N HIS D 168 26.13 11.16 -13.90
CA HIS D 168 25.32 9.97 -13.67
C HIS D 168 25.58 9.04 -14.86
N LEU D 169 26.60 8.20 -14.72
CA LEU D 169 27.21 7.52 -15.85
C LEU D 169 26.80 6.06 -15.90
N LYS D 170 26.55 5.58 -17.12
CA LYS D 170 26.32 4.17 -17.40
C LYS D 170 27.65 3.51 -17.75
N LEU D 171 28.25 2.84 -16.78
CA LEU D 171 29.42 2.02 -17.05
C LEU D 171 28.99 0.73 -17.74
N PRO D 172 29.61 0.36 -18.86
CA PRO D 172 29.16 -0.82 -19.59
C PRO D 172 29.62 -2.12 -18.97
N ARG D 173 29.35 -3.24 -19.64
CA ARG D 173 29.80 -4.53 -19.16
C ARG D 173 31.30 -4.66 -19.34
N ASN D 174 31.89 -5.56 -18.54
CA ASN D 174 33.33 -5.85 -18.54
C ASN D 174 34.13 -4.55 -18.32
N THR D 175 33.79 -3.84 -17.26
CA THR D 175 34.48 -2.62 -16.87
C THR D 175 34.90 -2.71 -15.41
N GLY D 176 36.08 -2.17 -15.11
CA GLY D 176 36.64 -2.29 -13.77
C GLY D 176 35.82 -1.54 -12.73
N MET D 177 35.77 -2.12 -11.53
CA MET D 177 34.81 -1.67 -10.53
C MET D 177 35.32 -2.14 -9.17
N LEU D 178 35.83 -1.23 -8.34
CA LEU D 178 36.38 -1.59 -7.03
C LEU D 178 35.70 -0.91 -5.86
N PRO D 179 34.75 -1.55 -5.20
CA PRO D 179 34.34 -1.12 -3.87
C PRO D 179 35.48 -1.35 -2.89
N TYR D 180 35.83 -0.33 -2.12
CA TYR D 180 36.86 -0.47 -1.11
C TYR D 180 36.55 0.48 0.05
N THR D 181 36.77 -0.02 1.26
CA THR D 181 36.42 0.70 2.47
C THR D 181 37.62 1.49 2.98
N ASN D 182 37.40 2.78 3.22
CA ASN D 182 38.40 3.65 3.83
C ASN D 182 37.80 4.20 5.11
N THR D 183 38.41 3.85 6.25
CA THR D 183 37.92 4.14 7.60
C THR D 183 36.49 3.67 7.78
N ASN D 184 35.59 4.59 8.09
CA ASN D 184 34.18 4.27 8.26
C ASN D 184 33.35 4.54 7.01
N ASN D 185 33.99 4.89 5.90
CA ASN D 185 33.31 5.14 4.64
C ASN D 185 33.73 4.10 3.60
N VAL D 186 33.06 4.13 2.45
CA VAL D 186 33.36 3.23 1.35
C VAL D 186 33.29 4.02 0.05
N SER D 187 34.17 3.69 -0.89
CA SER D 187 34.22 4.37 -2.19
C SER D 187 34.48 3.33 -3.27
N THR D 188 34.66 3.79 -4.50
CA THR D 188 34.87 2.90 -5.64
C THR D 188 36.06 3.39 -6.45
N LEU D 189 37.17 2.68 -6.37
CA LEU D 189 38.32 2.92 -7.23
C LEU D 189 38.12 2.19 -8.55
N ILE D 190 38.25 2.92 -9.66
CA ILE D 190 38.29 2.37 -10.99
C ILE D 190 39.44 3.01 -11.77
N GLU D 191 39.82 2.35 -12.86
CA GLU D 191 40.77 2.90 -13.84
C GLU D 191 39.96 3.24 -15.08
N GLN D 192 39.50 4.47 -15.16
CA GLN D 192 38.80 4.92 -16.35
C GLN D 192 39.79 5.08 -17.50
N GLY D 193 39.42 4.55 -18.66
CA GLY D 193 40.22 4.69 -19.86
C GLY D 193 39.33 4.88 -21.06
N TYR D 194 38.17 5.52 -20.83
CA TYR D 194 37.10 5.54 -21.81
C TYR D 194 36.59 6.96 -21.98
N SER D 195 36.03 7.24 -23.15
CA SER D 195 35.33 8.50 -23.29
C SER D 195 33.84 8.29 -23.00
N ILE D 196 33.17 9.37 -22.62
CA ILE D 196 31.76 9.34 -22.28
C ILE D 196 31.01 10.30 -23.20
N LYS D 197 29.83 9.87 -23.62
CA LYS D 197 28.92 10.67 -24.43
C LYS D 197 27.72 11.01 -23.55
N ILE D 198 27.61 12.27 -23.14
CA ILE D 198 26.51 12.70 -22.29
C ILE D 198 25.24 12.73 -23.14
N ASP D 199 24.33 11.81 -22.87
CA ASP D 199 23.09 11.75 -23.64
C ASP D 199 22.18 12.92 -23.31
N LYS D 200 22.04 13.26 -22.03
CA LYS D 200 21.15 14.35 -21.63
C LYS D 200 21.55 14.85 -20.26
N ILE D 201 21.05 16.03 -19.91
CA ILE D 201 21.20 16.58 -18.56
C ILE D 201 19.85 17.13 -18.11
N VAL D 202 19.68 17.17 -16.79
CA VAL D 202 18.51 17.79 -16.17
C VAL D 202 18.98 18.66 -15.01
N ARG D 203 18.12 19.61 -14.62
CA ARG D 203 18.37 20.51 -13.52
C ARG D 203 17.48 20.11 -12.35
N ILE D 204 18.09 19.63 -11.26
CA ILE D 204 17.35 19.15 -10.10
C ILE D 204 17.77 20.02 -8.92
N VAL D 205 16.97 19.97 -7.85
CA VAL D 205 17.23 20.73 -6.63
C VAL D 205 17.61 19.74 -5.53
N ILE D 206 18.85 19.82 -5.07
CA ILE D 206 19.34 19.04 -3.94
C ILE D 206 19.87 20.02 -2.90
N ASP D 207 19.42 19.85 -1.65
CA ASP D 207 19.67 20.75 -0.51
C ASP D 207 19.57 22.23 -0.88
N GLY D 208 18.52 22.55 -1.64
CA GLY D 208 18.23 23.90 -2.04
C GLY D 208 19.05 24.43 -3.18
N LYS D 209 19.95 23.63 -3.75
CA LYS D 209 20.87 24.07 -4.79
C LYS D 209 20.54 23.38 -6.12
N HIS D 210 20.74 24.10 -7.21
CA HIS D 210 20.54 23.55 -8.54
C HIS D 210 21.74 22.72 -8.94
N TYR D 211 21.53 21.42 -9.14
CA TYR D 211 22.55 20.51 -9.62
C TYR D 211 22.20 20.01 -11.01
N ILE D 212 23.23 19.76 -11.81
CA ILE D 212 23.08 19.20 -13.15
C ILE D 212 23.28 17.70 -13.05
N LYS D 213 22.24 16.94 -13.33
CA LYS D 213 22.31 15.48 -13.36
C LYS D 213 22.44 15.04 -14.80
N ALA D 214 23.58 14.42 -15.12
CA ALA D 214 23.98 14.14 -16.50
C ALA D 214 23.90 12.65 -16.77
N GLU D 215 22.91 12.24 -17.57
CA GLU D 215 22.83 10.87 -18.06
C GLU D 215 23.77 10.75 -19.26
N ALA D 216 24.75 9.86 -19.13
CA ALA D 216 25.84 9.73 -20.10
C ALA D 216 26.05 8.28 -20.44
N SER D 217 26.65 8.05 -21.61
CA SER D 217 26.96 6.71 -22.10
C SER D 217 28.46 6.59 -22.33
N VAL D 218 29.05 5.50 -21.83
CA VAL D 218 30.48 5.26 -22.02
C VAL D 218 30.71 4.77 -23.44
N VAL D 219 31.64 5.42 -24.14
CA VAL D 219 32.11 4.97 -25.44
C VAL D 219 33.57 4.59 -25.30
N SER D 220 33.86 3.30 -25.39
CA SER D 220 35.20 2.77 -25.15
C SER D 220 36.04 2.87 -26.42
N SER D 221 37.35 3.02 -26.22
CA SER D 221 38.30 3.17 -27.32
C SER D 221 39.46 2.20 -27.13
N LEU D 222 40.01 1.75 -28.26
CA LEU D 222 41.17 0.87 -28.23
C LEU D 222 42.41 1.74 -28.03
N ASP D 223 42.83 1.89 -26.78
CA ASP D 223 43.99 2.69 -26.42
C ASP D 223 45.06 1.77 -25.85
N PHE D 224 46.29 1.92 -26.34
CA PHE D 224 47.39 1.06 -25.90
C PHE D 224 48.31 1.73 -24.89
N LYS D 225 48.39 3.07 -24.90
CA LYS D 225 49.26 3.87 -24.04
C LYS D 225 50.71 3.42 -24.13
N ASP D 226 51.14 2.58 -23.19
CA ASP D 226 52.53 2.17 -23.08
C ASP D 226 52.79 0.75 -23.54
N ASP D 227 51.82 -0.15 -23.39
CA ASP D 227 51.96 -1.52 -23.87
C ASP D 227 51.82 -1.50 -25.39
N VAL D 228 52.96 -1.59 -26.07
CA VAL D 228 53.00 -1.40 -27.52
C VAL D 228 53.40 -2.64 -28.28
N SER D 229 53.96 -3.66 -27.61
CA SER D 229 54.28 -4.91 -28.31
C SER D 229 53.01 -5.64 -28.73
N LYS D 230 52.00 -5.67 -27.86
CA LYS D 230 50.74 -6.31 -28.22
C LYS D 230 49.97 -5.48 -29.25
N GLY D 231 50.09 -4.15 -29.18
CA GLY D 231 49.53 -3.33 -30.25
C GLY D 231 50.22 -3.56 -31.57
N ASP D 232 51.54 -3.78 -31.53
CA ASP D 232 52.28 -4.16 -32.72
C ASP D 232 51.81 -5.51 -33.25
N SER D 233 51.53 -6.46 -32.35
CA SER D 233 51.02 -7.76 -32.77
C SER D 233 49.64 -7.63 -33.43
N TRP D 234 48.78 -6.78 -32.86
CA TRP D 234 47.47 -6.53 -33.47
C TRP D 234 47.61 -5.89 -34.83
N GLY D 235 48.49 -4.90 -34.97
CA GLY D 235 48.68 -4.25 -36.25
C GLY D 235 49.27 -5.17 -37.30
N LYS D 236 50.19 -6.05 -36.89
CA LYS D 236 50.75 -7.02 -37.83
C LYS D 236 49.73 -8.07 -38.22
N ALA D 237 48.88 -8.49 -37.29
CA ALA D 237 47.83 -9.45 -37.61
C ALA D 237 46.78 -8.84 -38.53
N ASN D 238 46.47 -7.56 -38.34
CA ASN D 238 45.49 -6.87 -39.17
C ASN D 238 46.07 -6.35 -40.48
N TYR D 239 47.41 -6.34 -40.62
CA TYR D 239 48.00 -5.72 -41.80
C TYR D 239 49.15 -6.54 -42.39
N ASN D 240 49.21 -7.84 -42.12
CA ASN D 240 50.22 -8.68 -42.76
C ASN D 240 49.99 -8.80 -44.26
N ASP D 241 48.73 -8.79 -44.68
CA ASP D 241 48.36 -8.92 -46.08
C ASP D 241 48.09 -7.57 -46.74
N TRP D 242 48.29 -6.46 -46.00
CA TRP D 242 47.96 -5.14 -46.53
C TRP D 242 48.84 -4.78 -47.72
N SER D 243 50.14 -5.10 -47.65
CA SER D 243 51.03 -4.83 -48.77
C SER D 243 50.69 -5.66 -50.00
N ASN D 244 50.04 -6.81 -49.82
CA ASN D 244 49.58 -7.61 -50.95
C ASN D 244 48.35 -7.01 -51.61
N LYS D 245 47.51 -6.31 -50.86
CA LYS D 245 46.29 -5.72 -51.41
C LYS D 245 46.56 -4.47 -52.24
N LEU D 246 47.71 -3.83 -52.07
CA LEU D 246 47.99 -2.58 -52.76
C LEU D 246 48.41 -2.85 -54.21
N THR D 247 48.07 -1.89 -55.08
CA THR D 247 48.59 -1.89 -56.43
C THR D 247 50.07 -1.53 -56.41
N PRO D 248 50.82 -1.88 -57.46
CA PRO D 248 52.24 -1.50 -57.51
C PRO D 248 52.48 0.00 -57.43
N ASN D 249 51.58 0.83 -57.98
CA ASN D 249 51.71 2.28 -57.82
C ASN D 249 51.55 2.68 -56.36
N GLU D 250 50.50 2.18 -55.70
CA GLU D 250 50.24 2.56 -54.31
C GLU D 250 51.31 2.00 -53.38
N LEU D 251 51.66 0.73 -53.53
CA LEU D 251 52.68 0.13 -52.69
C LEU D 251 54.05 0.77 -52.93
N ALA D 252 54.36 1.08 -54.19
CA ALA D 252 55.62 1.73 -54.51
C ALA D 252 55.69 3.14 -53.94
N ASP D 253 54.58 3.88 -53.97
CA ASP D 253 54.61 5.23 -53.41
C ASP D 253 54.63 5.20 -51.88
N VAL D 254 54.00 4.20 -51.25
CA VAL D 254 54.13 4.04 -49.80
C VAL D 254 55.58 3.69 -49.43
N ASN D 255 56.20 2.79 -50.21
CA ASN D 255 57.60 2.44 -49.98
C ASN D 255 58.52 3.62 -50.17
N ASP D 256 58.22 4.48 -51.15
CA ASP D 256 58.91 5.76 -51.26
C ASP D 256 58.64 6.62 -50.03
N TYR D 257 57.42 6.56 -49.50
CA TYR D 257 56.99 7.48 -48.46
C TYR D 257 57.74 7.25 -47.15
N MET D 258 57.78 6.01 -46.64
CA MET D 258 58.35 5.90 -45.30
C MET D 258 59.87 5.96 -45.34
N ARG D 259 60.47 5.74 -46.51
CA ARG D 259 61.91 5.66 -46.64
C ARG D 259 62.54 6.98 -47.06
N GLY D 260 61.78 8.08 -47.05
CA GLY D 260 62.35 9.38 -47.37
C GLY D 260 61.43 10.29 -48.17
N GLY D 261 60.46 9.72 -48.87
CA GLY D 261 59.53 10.53 -49.64
C GLY D 261 58.48 11.22 -48.80
N TYR D 262 58.40 10.91 -47.50
CA TYR D 262 57.47 11.60 -46.61
C TYR D 262 57.83 13.08 -46.50
N THR D 263 59.12 13.40 -46.45
CA THR D 263 59.55 14.80 -46.37
C THR D 263 59.14 15.57 -47.62
N ALA D 264 59.39 15.01 -48.80
CA ALA D 264 59.06 15.67 -50.05
C ALA D 264 57.55 15.81 -50.23
N ILE D 265 56.79 14.75 -49.91
CA ILE D 265 55.35 14.78 -50.09
C ILE D 265 54.70 15.73 -49.09
N ASN D 266 55.20 15.75 -47.85
CA ASN D 266 54.67 16.68 -46.85
C ASN D 266 55.03 18.12 -47.18
N ASN D 267 56.23 18.36 -47.73
CA ASN D 267 56.57 19.71 -48.16
C ASN D 267 55.75 20.15 -49.36
N TYR D 268 55.40 19.20 -50.24
CA TYR D 268 54.50 19.50 -51.35
C TYR D 268 53.10 19.86 -50.85
N LEU D 269 52.56 19.08 -49.91
CA LEU D 269 51.19 19.25 -49.48
C LEU D 269 51.02 20.44 -48.54
N ILE D 270 51.98 20.67 -47.65
CA ILE D 270 51.89 21.77 -46.69
C ILE D 270 51.98 23.12 -47.41
N SER D 271 52.85 23.22 -48.41
CA SER D 271 53.03 24.45 -49.17
C SER D 271 51.97 24.66 -50.25
N ASN D 272 50.85 23.94 -50.16
CA ASN D 272 49.72 24.03 -51.10
C ASN D 272 50.17 23.74 -52.53
N GLY D 273 50.75 22.55 -52.69
CA GLY D 273 51.29 22.10 -53.95
C GLY D 273 50.31 22.00 -55.11
N PRO D 274 49.26 21.19 -54.99
CA PRO D 274 48.33 21.00 -56.11
C PRO D 274 47.57 22.27 -56.54
N VAL D 275 47.58 23.32 -55.74
CA VAL D 275 46.93 24.58 -56.09
C VAL D 275 47.92 25.58 -56.66
N ASN D 276 49.06 25.79 -55.99
CA ASN D 276 50.00 26.82 -56.42
C ASN D 276 50.81 26.38 -57.63
N ASN D 277 51.62 25.33 -57.47
CA ASN D 277 52.45 24.78 -58.55
C ASN D 277 52.20 23.29 -58.59
N PRO D 278 51.18 22.85 -59.33
CA PRO D 278 50.77 21.43 -59.27
C PRO D 278 51.81 20.52 -59.91
N ASN D 279 52.18 19.47 -59.19
CA ASN D 279 53.10 18.45 -59.69
C ASN D 279 52.30 17.20 -59.98
N PRO D 280 52.06 16.86 -61.26
CA PRO D 280 51.29 15.64 -61.57
C PRO D 280 51.93 14.36 -61.07
N GLU D 281 53.27 14.32 -61.02
CA GLU D 281 53.95 13.18 -60.40
C GLU D 281 53.63 13.10 -58.90
N LEU D 282 53.70 14.24 -58.21
CA LEU D 282 53.38 14.25 -56.79
C LEU D 282 51.87 14.13 -56.56
N ASP D 283 51.06 14.60 -57.50
CA ASP D 283 49.62 14.37 -57.41
C ASP D 283 49.29 12.89 -57.52
N SER D 284 49.94 12.19 -58.46
CA SER D 284 49.77 10.74 -58.54
C SER D 284 50.34 10.04 -57.32
N LYS D 285 51.42 10.58 -56.74
CA LYS D 285 52.00 10.04 -55.52
C LYS D 285 51.01 10.10 -54.37
N ILE D 286 50.44 11.29 -54.12
CA ILE D 286 49.51 11.43 -53.01
C ILE D 286 48.20 10.70 -53.28
N THR D 287 47.81 10.58 -54.56
CA THR D 287 46.65 9.75 -54.90
C THR D 287 46.90 8.29 -54.58
N ASN D 288 48.11 7.80 -54.88
CA ASN D 288 48.47 6.42 -54.54
C ASN D 288 48.52 6.21 -53.03
N ILE D 289 49.04 7.19 -52.29
CA ILE D 289 49.09 7.07 -50.82
C ILE D 289 47.67 7.02 -50.25
N GLU D 290 46.78 7.90 -50.74
CA GLU D 290 45.41 7.92 -50.28
C GLU D 290 44.67 6.63 -50.62
N ASN D 291 44.89 6.10 -51.83
CA ASN D 291 44.26 4.84 -52.21
C ASN D 291 44.77 3.68 -51.36
N ALA D 292 46.08 3.65 -51.09
CA ALA D 292 46.66 2.60 -50.26
C ALA D 292 46.12 2.66 -48.84
N LEU D 293 45.94 3.87 -48.30
CA LEU D 293 45.30 4.00 -47.00
C LEU D 293 43.83 3.58 -47.05
N LYS D 294 43.17 3.81 -48.19
CA LYS D 294 41.76 3.44 -48.35
C LYS D 294 41.56 1.95 -48.64
N ARG D 295 42.63 1.20 -48.92
CA ARG D 295 42.47 -0.21 -49.24
C ARG D 295 41.98 -1.01 -48.04
N GLU D 296 42.64 -0.85 -46.89
CA GLU D 296 42.28 -1.57 -45.67
C GLU D 296 41.90 -0.59 -44.58
N PRO D 297 40.61 -0.34 -44.35
CA PRO D 297 40.20 0.53 -43.24
C PRO D 297 40.49 -0.13 -41.89
N ILE D 298 40.69 0.72 -40.89
CA ILE D 298 40.93 0.23 -39.53
C ILE D 298 39.63 -0.35 -38.97
N PRO D 299 39.63 -1.59 -38.48
CA PRO D 299 38.38 -2.22 -38.03
C PRO D 299 37.90 -1.79 -36.65
N THR D 300 38.44 -0.71 -36.07
CA THR D 300 38.07 -0.32 -34.71
C THR D 300 38.26 1.17 -34.54
N ASN D 301 37.71 1.67 -33.43
CA ASN D 301 37.92 3.05 -33.00
C ASN D 301 39.16 3.09 -32.11
N LEU D 302 40.12 3.93 -32.48
CA LEU D 302 41.44 3.91 -31.87
C LEU D 302 41.76 5.23 -31.21
N THR D 303 42.66 5.16 -30.23
CA THR D 303 43.23 6.34 -29.56
C THR D 303 44.73 6.31 -29.77
N VAL D 304 45.27 7.35 -30.42
CA VAL D 304 46.64 7.33 -30.90
C VAL D 304 47.30 8.65 -30.49
N TYR D 305 48.63 8.66 -30.48
CA TYR D 305 49.41 9.78 -29.96
C TYR D 305 50.39 10.28 -31.02
N ARG D 306 50.15 11.48 -31.54
CA ARG D 306 51.03 12.10 -32.51
C ARG D 306 51.86 13.19 -31.84
N ARG D 307 53.17 13.12 -31.98
CA ARG D 307 54.07 14.11 -31.38
C ARG D 307 54.17 15.29 -32.33
N SER D 308 53.47 16.38 -32.00
CA SER D 308 53.35 17.53 -32.89
C SER D 308 54.21 18.69 -32.41
N GLY D 309 54.54 19.58 -33.35
CA GLY D 309 55.34 20.74 -33.07
C GLY D 309 54.55 22.03 -33.14
N PRO D 310 55.25 23.17 -33.04
CA PRO D 310 54.54 24.45 -33.07
C PRO D 310 54.09 24.90 -34.45
N GLN D 311 54.80 24.48 -35.51
CA GLN D 311 54.46 24.93 -36.85
C GLN D 311 53.13 24.34 -37.33
N GLU D 312 52.75 23.17 -36.84
CA GLU D 312 51.43 22.62 -37.10
C GLU D 312 50.32 23.45 -36.46
N PHE D 313 50.64 24.30 -35.49
CA PHE D 313 49.69 25.20 -34.87
C PHE D 313 49.94 26.65 -35.24
N GLY D 314 50.63 26.89 -36.35
CA GLY D 314 50.87 28.24 -36.82
C GLY D 314 51.81 29.07 -35.95
N LEU D 315 52.63 28.42 -35.13
CA LEU D 315 53.52 29.10 -34.21
C LEU D 315 54.96 28.65 -34.44
N THR D 316 55.88 29.31 -33.75
CA THR D 316 57.30 29.02 -33.84
C THR D 316 57.84 28.60 -32.47
N LEU D 317 59.05 28.05 -32.48
CA LEU D 317 59.70 27.68 -31.23
C LEU D 317 60.10 28.91 -30.42
N THR D 318 60.49 29.99 -31.09
CA THR D 318 60.86 31.23 -30.42
C THR D 318 59.65 32.09 -30.05
N SER D 319 58.45 31.68 -30.45
CA SER D 319 57.25 32.40 -30.05
C SER D 319 57.03 32.27 -28.55
N PRO D 320 56.55 33.32 -27.89
CA PRO D 320 56.31 33.22 -26.43
C PRO D 320 55.22 32.25 -26.06
N GLU D 321 54.28 31.95 -26.97
CA GLU D 321 53.16 31.08 -26.65
C GLU D 321 53.54 29.62 -26.52
N TYR D 322 54.71 29.22 -27.03
CA TYR D 322 55.11 27.83 -26.93
C TYR D 322 55.56 27.45 -25.53
N ASP D 323 56.11 28.40 -24.78
CA ASP D 323 56.59 28.11 -23.43
C ASP D 323 55.41 27.91 -22.49
N PHE D 324 54.99 26.66 -22.31
CA PHE D 324 53.84 26.34 -21.48
C PHE D 324 54.16 26.30 -20.00
N ASN D 325 55.41 26.59 -19.62
CA ASN D 325 55.76 26.68 -18.20
C ASN D 325 55.00 27.79 -17.50
N LYS D 326 54.70 28.86 -18.21
CA LYS D 326 53.77 29.87 -17.72
C LYS D 326 52.35 29.49 -18.10
N LEU D 327 51.38 30.04 -17.37
CA LEU D 327 49.99 29.63 -17.52
C LEU D 327 49.23 30.40 -18.59
N GLU D 328 49.61 31.65 -18.84
CA GLU D 328 48.90 32.46 -19.84
C GLU D 328 49.09 31.94 -21.25
N ASN D 329 50.20 31.25 -21.53
CA ASN D 329 50.36 30.57 -22.81
C ASN D 329 49.34 29.45 -22.96
N ILE D 330 49.10 28.70 -21.88
CA ILE D 330 48.08 27.65 -21.91
C ILE D 330 46.69 28.26 -22.05
N ASP D 331 46.46 29.41 -21.42
CA ASP D 331 45.18 30.11 -21.57
C ASP D 331 44.97 30.57 -23.01
N ALA D 332 46.03 31.08 -23.65
CA ALA D 332 45.94 31.49 -25.05
C ALA D 332 45.71 30.29 -25.95
N PHE D 333 46.35 29.15 -25.63
CA PHE D 333 46.15 27.92 -26.39
C PHE D 333 44.70 27.46 -26.29
N LYS D 334 44.11 27.53 -25.08
CA LYS D 334 42.71 27.19 -24.90
C LYS D 334 41.80 28.16 -25.66
N SER D 335 42.10 29.45 -25.60
CA SER D 335 41.24 30.44 -26.24
C SER D 335 41.34 30.38 -27.77
N LYS D 336 42.46 29.92 -28.30
CA LYS D 336 42.67 29.90 -29.74
C LYS D 336 42.24 28.59 -30.38
N TRP D 337 42.53 27.44 -29.76
CA TRP D 337 42.39 26.17 -30.44
C TRP D 337 41.22 25.30 -29.97
N GLU D 338 40.72 25.51 -28.75
CA GLU D 338 39.60 24.70 -28.29
C GLU D 338 38.32 25.10 -29.00
N GLY D 339 37.55 24.10 -29.42
CA GLY D 339 36.33 24.34 -30.15
C GLY D 339 36.50 24.66 -31.62
N GLN D 340 37.70 24.51 -32.16
CA GLN D 340 37.98 24.78 -33.56
C GLN D 340 38.33 23.47 -34.28
N ALA D 341 38.60 23.59 -35.57
CA ALA D 341 39.00 22.47 -36.41
C ALA D 341 40.42 22.67 -36.87
N LEU D 342 41.28 21.70 -36.60
CA LEU D 342 42.68 21.72 -37.00
C LEU D 342 42.80 21.02 -38.34
N SER D 343 43.33 21.73 -39.35
CA SER D 343 43.42 21.22 -40.70
C SER D 343 44.86 20.81 -41.01
N TYR D 344 45.03 19.57 -41.46
CA TYR D 344 46.33 19.06 -41.87
C TYR D 344 46.29 18.74 -43.36
N PRO D 345 46.85 19.59 -44.23
CA PRO D 345 46.83 19.30 -45.67
C PRO D 345 47.81 18.23 -46.10
N ASN D 346 48.66 17.73 -45.20
CA ASN D 346 49.59 16.65 -45.49
C ASN D 346 49.16 15.39 -44.77
N PHE D 347 49.76 14.27 -45.15
CA PHE D 347 49.50 13.00 -44.49
C PHE D 347 50.05 13.04 -43.07
N ILE D 348 49.36 12.37 -42.15
CA ILE D 348 49.62 12.50 -40.72
C ILE D 348 50.25 11.22 -40.21
N SER D 349 51.40 11.35 -39.57
CA SER D 349 52.08 10.23 -38.94
C SER D 349 51.75 10.23 -37.46
N THR D 350 51.19 9.11 -36.97
CA THR D 350 50.81 9.00 -35.57
C THR D 350 51.47 7.77 -34.95
N SER D 351 51.66 7.81 -33.64
CA SER D 351 52.31 6.73 -32.91
C SER D 351 51.36 6.16 -31.87
N ILE D 352 51.22 4.83 -31.86
CA ILE D 352 50.32 4.20 -30.90
C ILE D 352 50.86 4.26 -29.49
N GLY D 353 52.15 4.54 -29.32
CA GLY D 353 52.75 4.67 -28.01
C GLY D 353 52.78 6.11 -27.56
N SER D 354 52.19 6.36 -26.39
CA SER D 354 52.26 7.67 -25.76
C SER D 354 53.60 7.94 -25.09
N VAL D 355 54.47 6.93 -25.02
CA VAL D 355 55.72 7.07 -24.26
C VAL D 355 56.61 8.13 -24.89
N ASN D 356 57.28 8.90 -24.04
CA ASN D 356 58.20 9.91 -24.52
C ASN D 356 59.42 9.25 -25.14
N MET D 357 59.88 9.80 -26.25
CA MET D 357 61.02 9.25 -26.98
C MET D 357 62.05 10.35 -27.19
N SER D 358 63.27 9.92 -27.54
CA SER D 358 64.35 10.85 -27.81
C SER D 358 64.11 11.67 -29.06
N ALA D 359 63.26 11.20 -29.98
CA ALA D 359 62.98 11.96 -31.20
C ALA D 359 62.15 13.20 -30.92
N PHE D 360 61.22 13.12 -29.97
CA PHE D 360 60.30 14.23 -29.69
C PHE D 360 60.20 14.49 -28.19
N ALA D 361 61.34 14.47 -27.50
CA ALA D 361 61.34 14.80 -26.08
C ALA D 361 61.08 16.28 -25.84
N LYS D 362 61.65 17.14 -26.69
CA LYS D 362 61.50 18.58 -26.53
C LYS D 362 60.13 19.08 -26.93
N ARG D 363 59.40 18.34 -27.77
CA ARG D 363 58.08 18.76 -28.21
C ARG D 363 57.10 18.70 -27.03
N LYS D 364 56.40 19.80 -26.79
CA LYS D 364 55.45 19.90 -25.70
C LYS D 364 54.02 19.54 -26.11
N ILE D 365 53.80 19.15 -27.37
CA ILE D 365 52.48 18.86 -27.87
C ILE D 365 52.40 17.38 -28.24
N VAL D 366 51.56 16.64 -27.51
CA VAL D 366 51.22 15.26 -27.84
C VAL D 366 49.72 15.22 -28.10
N LEU D 367 49.35 15.08 -29.37
CA LEU D 367 47.96 15.12 -29.81
C LEU D 367 47.37 13.73 -29.68
N ARG D 368 46.35 13.60 -28.84
CA ARG D 368 45.67 12.32 -28.58
C ARG D 368 44.43 12.30 -29.47
N ILE D 369 44.47 11.50 -30.54
CA ILE D 369 43.46 11.50 -31.58
C ILE D 369 42.61 10.25 -31.46
N THR D 370 41.30 10.44 -31.56
CA THR D 370 40.34 9.34 -31.57
C THR D 370 39.80 9.16 -32.99
N ILE D 371 39.84 7.93 -33.49
CA ILE D 371 39.50 7.62 -34.86
C ILE D 371 38.35 6.60 -34.86
N PRO D 372 37.18 6.95 -35.41
CA PRO D 372 36.05 6.00 -35.46
C PRO D 372 36.28 4.84 -36.42
N LYS D 373 35.28 3.97 -36.54
CA LYS D 373 35.42 2.76 -37.34
C LYS D 373 35.40 3.09 -38.84
N GLY D 374 36.07 2.23 -39.61
CA GLY D 374 36.01 2.30 -41.06
C GLY D 374 36.82 3.39 -41.72
N SER D 375 37.65 4.11 -40.95
CA SER D 375 38.41 5.21 -41.53
C SER D 375 39.59 4.67 -42.34
N PRO D 376 39.95 5.34 -43.43
CA PRO D 376 41.15 4.95 -44.19
C PRO D 376 42.42 5.17 -43.40
N GLY D 377 43.41 4.35 -43.69
CA GLY D 377 44.68 4.40 -42.98
C GLY D 377 45.28 3.01 -42.93
N ALA D 378 46.47 2.94 -42.33
CA ALA D 378 47.16 1.67 -42.23
C ALA D 378 48.15 1.71 -41.07
N TYR D 379 48.40 0.53 -40.49
CA TYR D 379 49.47 0.34 -39.51
C TYR D 379 50.71 -0.06 -40.30
N LEU D 380 51.63 0.90 -40.47
CA LEU D 380 52.72 0.75 -41.42
C LEU D 380 53.88 -0.11 -40.92
N SER D 381 53.87 -0.53 -39.65
CA SER D 381 54.97 -1.31 -39.11
C SER D 381 54.86 -2.80 -39.42
N ALA D 382 53.78 -3.23 -40.08
CA ALA D 382 53.65 -4.64 -40.43
C ALA D 382 54.63 -5.04 -41.52
N ILE D 383 55.00 -4.11 -42.39
CA ILE D 383 55.98 -4.37 -43.44
C ILE D 383 57.36 -4.44 -42.80
N PRO D 384 58.08 -5.55 -42.93
CA PRO D 384 59.42 -5.65 -42.36
C PRO D 384 60.42 -4.78 -43.12
N GLY D 385 61.53 -4.49 -42.45
CA GLY D 385 62.59 -3.72 -43.05
C GLY D 385 62.54 -2.22 -42.80
N TYR D 386 61.48 -1.73 -42.17
CA TYR D 386 61.37 -0.32 -41.83
C TYR D 386 61.71 -0.13 -40.37
N ALA D 387 62.54 0.88 -40.08
CA ALA D 387 62.95 1.20 -38.72
C ALA D 387 61.95 2.09 -37.99
N GLY D 388 60.76 2.33 -38.57
CA GLY D 388 59.76 3.10 -37.89
C GLY D 388 59.22 2.39 -36.66
N GLU D 389 58.77 3.18 -35.69
CA GLU D 389 58.33 2.67 -34.39
C GLU D 389 56.81 2.84 -34.27
N TYR D 390 56.08 1.84 -34.78
CA TYR D 390 54.64 1.67 -34.52
C TYR D 390 53.83 2.85 -35.03
N GLU D 391 53.89 3.07 -36.34
CA GLU D 391 53.37 4.27 -36.98
C GLU D 391 52.09 3.96 -37.76
N VAL D 392 51.12 4.88 -37.65
CA VAL D 392 49.87 4.82 -38.40
C VAL D 392 49.80 6.05 -39.30
N LEU D 393 49.52 5.82 -40.58
CA LEU D 393 49.45 6.90 -41.57
C LEU D 393 48.01 7.32 -41.79
N LEU D 394 47.80 8.63 -41.91
CA LEU D 394 46.47 9.20 -42.07
C LEU D 394 46.45 10.09 -43.29
N ASN D 395 45.27 10.14 -43.92
CA ASN D 395 45.09 10.82 -45.20
C ASN D 395 45.26 12.33 -45.06
N HIS D 396 45.70 12.96 -46.15
CA HIS D 396 45.99 14.38 -46.17
C HIS D 396 44.69 15.18 -46.09
N GLY D 397 44.83 16.46 -45.73
CA GLY D 397 43.68 17.35 -45.64
C GLY D 397 42.72 16.99 -44.53
N SER D 398 43.19 16.31 -43.49
CA SER D 398 42.31 15.84 -42.43
C SER D 398 41.91 16.98 -41.50
N LYS D 399 40.79 16.80 -40.81
CA LYS D 399 40.29 17.77 -39.85
C LYS D 399 40.16 17.10 -38.50
N PHE D 400 40.77 17.70 -37.48
CA PHE D 400 40.73 17.20 -36.12
C PHE D 400 39.90 18.15 -35.27
N LYS D 401 39.05 17.60 -34.40
CA LYS D 401 38.26 18.40 -33.49
C LYS D 401 38.94 18.42 -32.13
N ILE D 402 39.33 19.61 -31.67
CA ILE D 402 39.99 19.76 -30.38
C ILE D 402 38.95 19.66 -29.29
N ASN D 403 39.16 18.73 -28.36
CA ASN D 403 38.18 18.44 -27.31
C ASN D 403 38.70 18.74 -25.91
N LYS D 404 39.86 18.22 -25.54
CA LYS D 404 40.37 18.38 -24.18
C LYS D 404 41.83 18.81 -24.26
N ILE D 405 42.27 19.66 -23.33
CA ILE D 405 43.68 19.99 -23.18
C ILE D 405 44.02 19.92 -21.70
N ASP D 406 44.71 18.85 -21.31
CA ASP D 406 45.25 18.73 -19.95
C ASP D 406 46.70 19.19 -19.94
N SER D 407 47.32 19.16 -18.76
CA SER D 407 48.72 19.53 -18.63
C SER D 407 49.42 18.59 -17.67
N TYR D 408 50.72 18.42 -17.88
CA TYR D 408 51.55 17.64 -16.98
C TYR D 408 52.97 18.20 -16.99
N LYS D 409 53.81 17.64 -16.13
CA LYS D 409 55.17 18.16 -15.92
C LYS D 409 56.18 17.06 -16.26
N ASP D 410 56.76 17.14 -17.46
CA ASP D 410 57.92 16.33 -17.81
C ASP D 410 59.12 16.99 -17.16
N GLY D 411 59.47 16.52 -15.96
CA GLY D 411 60.46 17.23 -15.16
C GLY D 411 59.89 18.57 -14.75
N THR D 412 60.63 19.63 -15.05
CA THR D 412 60.14 20.99 -14.88
C THR D 412 59.52 21.56 -16.15
N ILE D 413 59.48 20.79 -17.23
CA ILE D 413 58.93 21.27 -18.49
C ILE D 413 57.44 20.98 -18.52
N THR D 414 56.63 22.03 -18.61
CA THR D 414 55.18 21.86 -18.66
C THR D 414 54.76 21.51 -20.08
N LYS D 415 54.11 20.36 -20.24
CA LYS D 415 53.66 19.89 -21.53
C LYS D 415 52.14 19.73 -21.51
N LEU D 416 51.53 19.83 -22.68
CA LEU D 416 50.08 19.74 -22.83
C LEU D 416 49.69 18.39 -23.41
N ILE D 417 48.51 17.94 -23.03
CA ILE D 417 47.89 16.72 -23.52
C ILE D 417 46.65 17.15 -24.28
N VAL D 418 46.74 17.20 -25.62
CA VAL D 418 45.65 17.70 -26.45
C VAL D 418 44.89 16.48 -26.96
N ASP D 419 43.83 16.13 -26.25
CA ASP D 419 42.94 15.04 -26.61
C ASP D 419 41.99 15.53 -27.70
N ALA D 420 42.19 15.04 -28.93
CA ALA D 420 41.40 15.41 -30.09
C ALA D 420 40.74 14.16 -30.66
N THR D 421 40.12 14.30 -31.83
CA THR D 421 39.47 13.18 -32.47
C THR D 421 39.49 13.37 -33.98
N LEU D 422 38.98 12.36 -34.67
CA LEU D 422 38.80 12.43 -36.12
C LEU D 422 37.33 12.67 -36.42
N ILE D 423 37.06 13.73 -37.18
CA ILE D 423 35.69 14.08 -37.54
C ILE D 423 35.53 14.05 -39.06
N PRO D 424 34.45 13.47 -39.59
CA PRO D 424 34.07 13.47 -41.01
C PRO D 424 34.10 14.87 -41.65
CA CA E . 12.41 -9.43 -20.53
CA CA F . 15.77 -6.38 -25.56
CA CA G . -17.25 -39.21 -36.60
CA CA H . 6.13 13.95 -6.63
CA CA I . 9.14 16.96 -10.65
CA CA J . -35.85 6.30 -13.36
CA CA K . 18.74 31.04 12.78
CA CA L . 20.58 32.31 10.37
CA CA M . -18.96 44.76 24.41
#